data_3QD9
#
_entry.id   3QD9
#
_cell.length_a   81.040
_cell.length_b   120.310
_cell.length_c   106.220
_cell.angle_alpha   90.00
_cell.angle_beta   105.44
_cell.angle_gamma   90.00
#
_symmetry.space_group_name_H-M   'P 1 21 1'
#
loop_
_entity.id
_entity.type
_entity.pdbx_description
1 polymer 'QSOX from Trypanosoma brucei (TbQSOX)'
2 non-polymer 'FLAVIN-ADENINE DINUCLEOTIDE'
3 water water
#
_entity_poly.entity_id   1
_entity_poly.type   'polypeptide(L)'
_entity_poly.pdbx_seq_one_letter_code
;GSHMSVAQVATGSPRPGLFHLDSSVVDLSGDDFSRVHRVAPLCPWIVLFYNDGCGASRRYASTFSKFAGGLKVEHGKDAL
QIATAAAVNCASEVDLCRKYDINFVPRLFFFYPRDSCRSNEECGTSSLEHVAFENSHLEVDELESEVRRLVNKHMVVDDS
LKERCIDMHFKLYTSKEELVKRSVSSTDESGRFVETTELYATDIAGAFFSAMHYDVSLVGTEPRERLTALEDFVLLVKDS
LPSIGADGVVSALESITAERPFTVASWQDAVVKSGIPFDGSPRNVRWRTCRGSSPQYRGFPCGMWLLLHALTVNTPADRN
VLEVIQNYIRYFFSCKESRDHFIQFNFSPNEDPVLQLWRAHNNVNARLANVKDGADPLVPKRQFPTLEACTECYDGAGNF
IEAHVTGFLKQRYLWDPKAVGLMESNDDLNEVDPASKDANVGRNVESSGKGKGDGGARGNSKEVRSDHAG
;
_entity_poly.pdbx_strand_id   A,B,C,D
#
loop_
_chem_comp.id
_chem_comp.type
_chem_comp.name
_chem_comp.formula
FAD non-polymer 'FLAVIN-ADENINE DINUCLEOTIDE' 'C27 H33 N9 O15 P2'
#
# COMPACT_ATOMS: atom_id res chain seq x y z
N PRO A 16 -9.41 9.63 -36.04
CA PRO A 16 -8.03 9.96 -35.70
C PRO A 16 -7.18 8.72 -35.36
N GLY A 17 -7.12 8.36 -34.08
CA GLY A 17 -6.38 7.20 -33.64
C GLY A 17 -4.88 7.41 -33.82
N LEU A 18 -4.09 6.39 -33.49
CA LEU A 18 -2.64 6.56 -33.41
C LEU A 18 -1.89 6.53 -34.74
N PHE A 19 -2.35 5.68 -35.65
CA PHE A 19 -1.59 5.42 -36.86
C PHE A 19 -2.03 6.18 -38.12
N HIS A 20 -2.99 7.08 -37.96
CA HIS A 20 -3.57 7.76 -39.10
C HIS A 20 -2.56 8.66 -39.82
N LEU A 21 -1.40 8.89 -39.22
CA LEU A 21 -0.33 9.63 -39.90
C LEU A 21 0.75 8.73 -40.50
N ASP A 22 0.57 7.41 -40.35
CA ASP A 22 1.56 6.43 -40.77
C ASP A 22 1.02 5.51 -41.86
N SER A 23 1.75 5.42 -42.97
CA SER A 23 1.31 4.67 -44.15
C SER A 23 1.51 3.16 -44.04
N SER A 24 2.53 2.76 -43.29
CA SER A 24 2.90 1.35 -43.20
C SER A 24 1.88 0.51 -42.43
N VAL A 25 0.91 1.18 -41.83
CA VAL A 25 -0.11 0.50 -41.03
C VAL A 25 -1.51 0.76 -41.53
N VAL A 26 -2.25 -0.33 -41.72
CA VAL A 26 -3.64 -0.23 -42.12
C VAL A 26 -4.54 -0.14 -40.89
N ASP A 27 -5.39 0.88 -40.86
CA ASP A 27 -6.36 1.03 -39.77
C ASP A 27 -7.65 0.25 -40.05
N LEU A 28 -8.00 -0.67 -39.16
CA LEU A 28 -9.18 -1.49 -39.39
C LEU A 28 -10.42 -0.86 -38.75
N SER A 29 -11.43 -0.58 -39.56
CA SER A 29 -12.73 -0.18 -39.03
C SER A 29 -13.70 -1.35 -38.94
N GLY A 30 -13.28 -2.48 -39.49
CA GLY A 30 -14.16 -3.63 -39.53
C GLY A 30 -13.43 -4.93 -39.75
N ASP A 31 -14.08 -5.99 -39.27
CA ASP A 31 -13.50 -7.33 -39.20
C ASP A 31 -13.35 -7.96 -40.57
N ASP A 32 -14.14 -7.45 -41.52
CA ASP A 32 -14.34 -8.06 -42.82
C ASP A 32 -13.22 -7.60 -43.73
N PHE A 33 -12.44 -8.59 -44.19
CA PHE A 33 -11.19 -8.37 -44.93
C PHE A 33 -11.33 -8.22 -46.44
N SER A 34 -12.47 -8.65 -46.97
CA SER A 34 -12.72 -8.50 -48.39
C SER A 34 -12.80 -7.03 -48.70
N ARG A 35 -13.27 -6.27 -47.71
CA ARG A 35 -13.59 -4.88 -47.92
C ARG A 35 -12.45 -3.96 -47.55
N VAL A 36 -11.33 -4.52 -47.11
CA VAL A 36 -10.07 -3.75 -47.04
C VAL A 36 -9.24 -3.87 -48.32
N HIS A 37 -9.59 -4.84 -49.15
CA HIS A 37 -8.94 -5.03 -50.44
C HIS A 37 -9.51 -6.27 -51.06
N ARG A 38 -9.32 -6.42 -52.36
CA ARG A 38 -9.83 -7.62 -52.99
C ARG A 38 -9.11 -8.84 -52.51
N VAL A 39 -7.77 -8.77 -52.54
CA VAL A 39 -6.89 -9.92 -52.26
C VAL A 39 -6.83 -10.18 -50.76
N ALA A 40 -7.18 -9.15 -49.99
CA ALA A 40 -6.86 -9.14 -48.57
C ALA A 40 -7.16 -10.49 -47.88
N PRO A 41 -8.39 -11.03 -48.03
CA PRO A 41 -8.74 -12.24 -47.29
C PRO A 41 -7.79 -13.44 -47.53
N LEU A 42 -6.96 -13.36 -48.55
CA LEU A 42 -5.95 -14.37 -48.84
C LEU A 42 -4.57 -14.07 -48.31
N CYS A 43 -4.41 -12.98 -47.58
CA CYS A 43 -3.09 -12.63 -47.07
C CYS A 43 -3.02 -12.61 -45.53
N PRO A 44 -1.83 -12.86 -44.97
CA PRO A 44 -1.66 -12.78 -43.53
C PRO A 44 -1.68 -11.34 -43.03
N TRP A 45 -2.21 -11.14 -41.82
CA TRP A 45 -2.26 -9.85 -41.14
C TRP A 45 -1.83 -9.91 -39.69
N ILE A 46 -0.93 -9.01 -39.30
CA ILE A 46 -0.57 -8.88 -37.89
C ILE A 46 -1.31 -7.66 -37.35
N VAL A 47 -2.33 -7.93 -36.54
CA VAL A 47 -3.16 -6.85 -36.07
C VAL A 47 -2.83 -6.46 -34.63
N LEU A 48 -2.69 -5.15 -34.43
CA LEU A 48 -2.54 -4.59 -33.11
C LEU A 48 -3.84 -3.93 -32.61
N PHE A 49 -4.39 -4.44 -31.51
CA PHE A 49 -5.53 -3.80 -30.85
C PHE A 49 -4.96 -2.90 -29.78
N TYR A 50 -5.40 -1.64 -29.73
CA TYR A 50 -4.87 -0.73 -28.73
C TYR A 50 -5.93 0.19 -28.24
N ASN A 51 -5.57 1.10 -27.34
CA ASN A 51 -6.45 2.19 -26.90
C ASN A 51 -5.66 3.49 -26.83
N ASP A 52 -6.09 4.52 -27.55
CA ASP A 52 -5.28 5.72 -27.65
C ASP A 52 -5.15 6.42 -26.31
N GLY A 53 -5.93 5.99 -25.33
CA GLY A 53 -5.83 6.55 -23.98
C GLY A 53 -4.79 5.88 -23.08
N CYS A 54 -4.31 4.72 -23.51
CA CYS A 54 -3.44 3.92 -22.64
C CYS A 54 -1.97 4.25 -22.72
N GLY A 55 -1.35 4.32 -21.53
CA GLY A 55 0.07 4.59 -21.42
C GLY A 55 0.75 3.52 -22.25
N ALA A 56 0.46 2.28 -21.89
CA ALA A 56 1.08 1.16 -22.59
C ALA A 56 0.94 1.29 -24.11
N SER A 57 -0.30 1.46 -24.58
CA SER A 57 -0.57 1.51 -26.03
C SER A 57 0.13 2.70 -26.71
N ARG A 58 0.08 3.84 -26.03
CA ARG A 58 0.79 5.00 -26.48
C ARG A 58 2.25 4.68 -26.79
N ARG A 59 2.92 4.11 -25.81
CA ARG A 59 4.35 3.89 -25.89
C ARG A 59 4.64 2.86 -26.98
N TYR A 60 3.85 1.79 -26.99
CA TYR A 60 4.10 0.67 -27.87
C TYR A 60 3.86 0.97 -29.33
N ALA A 61 3.06 1.96 -29.60
CA ALA A 61 2.79 2.32 -30.99
C ALA A 61 4.07 2.71 -31.72
N SER A 62 5.04 3.27 -31.00
CA SER A 62 6.36 3.54 -31.58
C SER A 62 6.83 2.28 -32.26
N THR A 63 7.10 1.27 -31.45
CA THR A 63 7.68 0.01 -31.89
C THR A 63 6.96 -0.53 -33.11
N PHE A 64 5.64 -0.51 -33.05
CA PHE A 64 4.84 -1.20 -34.05
C PHE A 64 5.00 -0.48 -35.37
N SER A 65 4.96 0.85 -35.33
CA SER A 65 5.10 1.64 -36.55
C SER A 65 6.44 1.33 -37.15
N LYS A 66 7.41 1.17 -36.26
CA LYS A 66 8.77 0.92 -36.69
C LYS A 66 8.83 -0.42 -37.36
N PHE A 67 8.18 -1.38 -36.73
CA PHE A 67 8.10 -2.73 -37.26
C PHE A 67 7.41 -2.76 -38.64
N ALA A 68 6.27 -2.09 -38.77
CA ALA A 68 5.56 -2.13 -40.04
C ALA A 68 6.36 -1.40 -41.08
N GLY A 69 7.16 -0.44 -40.62
CA GLY A 69 7.99 0.33 -41.52
C GLY A 69 8.94 -0.55 -42.31
N GLY A 70 9.24 -1.72 -41.76
CA GLY A 70 10.18 -2.65 -42.37
C GLY A 70 9.48 -3.59 -43.31
N LEU A 71 8.15 -3.50 -43.31
CA LEU A 71 7.34 -4.36 -44.18
C LEU A 71 7.23 -3.79 -45.56
N LYS A 72 7.86 -2.65 -45.80
CA LYS A 72 7.93 -2.20 -47.18
C LYS A 72 9.29 -2.59 -47.69
N VAL A 73 9.29 -3.65 -48.46
CA VAL A 73 10.46 -4.10 -49.16
C VAL A 73 9.78 -4.71 -50.34
N GLU A 74 10.33 -4.48 -51.52
CA GLU A 74 9.60 -4.63 -52.77
C GLU A 74 9.63 -6.06 -53.29
N HIS A 75 10.77 -6.39 -53.86
CA HIS A 75 10.97 -7.72 -54.31
C HIS A 75 12.10 -8.18 -53.43
N GLY A 76 11.73 -9.02 -52.50
CA GLY A 76 12.66 -9.70 -51.66
C GLY A 76 11.92 -10.94 -51.28
N LYS A 77 12.72 -11.95 -51.04
CA LYS A 77 12.32 -13.29 -50.66
C LYS A 77 12.29 -13.48 -49.18
N ASP A 78 11.76 -12.55 -48.43
CA ASP A 78 11.66 -12.83 -47.03
C ASP A 78 10.24 -13.30 -46.75
N ALA A 79 10.09 -14.46 -46.11
CA ALA A 79 8.74 -14.94 -45.82
C ALA A 79 7.95 -13.81 -45.15
N LEU A 80 8.65 -13.06 -44.32
CA LEU A 80 8.08 -11.99 -43.54
C LEU A 80 7.34 -10.94 -44.36
N GLN A 81 7.78 -10.73 -45.59
CA GLN A 81 7.35 -9.56 -46.37
C GLN A 81 5.98 -9.73 -47.01
N ILE A 82 5.36 -10.88 -46.81
CA ILE A 82 4.02 -11.14 -47.31
C ILE A 82 2.94 -10.72 -46.31
N ALA A 83 3.35 -10.50 -45.07
CA ALA A 83 2.45 -10.01 -44.01
C ALA A 83 2.16 -8.53 -44.14
N THR A 84 1.06 -8.09 -43.55
CA THR A 84 0.70 -6.69 -43.55
C THR A 84 0.26 -6.22 -42.16
N ALA A 85 0.70 -5.06 -41.71
CA ALA A 85 0.36 -4.64 -40.35
C ALA A 85 -0.91 -3.83 -40.32
N ALA A 86 -1.70 -4.04 -39.28
CA ALA A 86 -2.94 -3.32 -39.12
C ALA A 86 -3.21 -3.06 -37.64
N ALA A 87 -4.09 -2.12 -37.37
CA ALA A 87 -4.38 -1.74 -36.01
C ALA A 87 -5.86 -1.41 -35.77
N VAL A 88 -6.41 -1.97 -34.71
CA VAL A 88 -7.73 -1.59 -34.24
C VAL A 88 -7.64 -0.76 -32.96
N ASN A 89 -8.32 0.39 -32.99
CA ASN A 89 -8.38 1.28 -31.84
C ASN A 89 -9.66 1.03 -31.04
N CYS A 90 -9.51 0.60 -29.78
CA CYS A 90 -10.65 0.17 -28.96
C CYS A 90 -11.39 1.29 -28.26
N ALA A 91 -10.95 2.52 -28.50
CA ALA A 91 -11.64 3.68 -27.98
C ALA A 91 -12.82 4.07 -28.88
N SER A 92 -12.84 3.51 -30.09
CA SER A 92 -13.90 3.76 -31.04
C SER A 92 -14.53 2.45 -31.52
N GLU A 93 -13.68 1.57 -32.01
CA GLU A 93 -14.08 0.36 -32.71
C GLU A 93 -14.54 -0.69 -31.74
N VAL A 94 -15.14 -0.21 -30.67
CA VAL A 94 -15.68 -1.07 -29.64
C VAL A 94 -16.35 -2.33 -30.13
N ASP A 95 -17.12 -2.26 -31.20
CA ASP A 95 -17.80 -3.44 -31.74
C ASP A 95 -16.80 -4.51 -32.20
N LEU A 96 -15.87 -4.09 -33.06
CA LEU A 96 -14.82 -4.97 -33.51
C LEU A 96 -14.12 -5.64 -32.33
N CYS A 97 -13.73 -4.86 -31.33
CA CYS A 97 -13.04 -5.40 -30.17
C CYS A 97 -13.85 -6.39 -29.35
N ARG A 98 -15.10 -6.08 -29.09
CA ARG A 98 -15.92 -7.01 -28.35
C ARG A 98 -15.97 -8.38 -29.02
N LYS A 99 -16.03 -8.35 -30.35
CA LYS A 99 -16.03 -9.59 -31.11
C LYS A 99 -14.88 -10.52 -30.69
N TYR A 100 -13.70 -9.96 -30.46
CA TYR A 100 -12.52 -10.74 -30.05
C TYR A 100 -12.27 -10.84 -28.54
N ASP A 101 -13.21 -10.35 -27.73
CA ASP A 101 -13.09 -10.36 -26.29
C ASP A 101 -11.82 -9.70 -25.91
N ILE A 102 -11.54 -8.62 -26.61
CA ILE A 102 -10.44 -7.76 -26.28
C ILE A 102 -10.89 -6.85 -25.16
N ASN A 103 -10.04 -6.74 -24.16
CA ASN A 103 -10.33 -5.94 -23.00
C ASN A 103 -9.10 -5.08 -22.67
N PHE A 104 -8.05 -5.72 -22.20
CA PHE A 104 -6.80 -5.00 -21.95
C PHE A 104 -5.95 -4.86 -23.19
N VAL A 105 -5.08 -3.86 -23.21
CA VAL A 105 -4.22 -3.58 -24.34
C VAL A 105 -2.79 -3.19 -23.99
N PRO A 106 -1.96 -3.01 -25.01
CA PRO A 106 -2.25 -3.37 -26.39
C PRO A 106 -2.31 -4.90 -26.53
N ARG A 107 -2.63 -5.37 -27.72
CA ARG A 107 -2.89 -6.79 -27.89
C ARG A 107 -2.55 -7.18 -29.33
N LEU A 108 -1.90 -8.32 -29.54
CA LEU A 108 -1.43 -8.66 -30.90
C LEU A 108 -2.06 -9.92 -31.46
N PHE A 109 -2.57 -9.85 -32.68
CA PHE A 109 -3.23 -11.00 -33.28
C PHE A 109 -2.67 -11.26 -34.65
N PHE A 110 -2.45 -12.54 -34.93
CA PHE A 110 -2.07 -12.93 -36.26
C PHE A 110 -3.28 -13.50 -36.97
N PHE A 111 -3.60 -12.92 -38.13
CA PHE A 111 -4.70 -13.42 -38.95
C PHE A 111 -4.20 -14.00 -40.25
N TYR A 112 -4.77 -15.15 -40.62
CA TYR A 112 -4.48 -15.83 -41.89
C TYR A 112 -5.73 -16.50 -42.42
N PRO A 113 -5.74 -16.79 -43.73
CA PRO A 113 -6.84 -17.43 -44.44
C PRO A 113 -7.01 -18.88 -44.01
N ARG A 114 -8.25 -19.38 -43.96
CA ARG A 114 -8.49 -20.78 -43.55
C ARG A 114 -8.58 -21.66 -44.78
N ASP A 115 -7.60 -22.55 -44.97
CA ASP A 115 -7.63 -23.39 -46.18
C ASP A 115 -8.27 -24.78 -46.00
N SER A 116 -9.23 -25.09 -46.87
CA SER A 116 -10.03 -26.33 -46.80
C SER A 116 -10.53 -26.81 -48.17
N SER A 127 -14.23 -15.20 -41.06
CA SER A 127 -13.80 -16.09 -42.15
C SER A 127 -12.41 -16.60 -41.83
N LEU A 128 -11.55 -15.65 -41.49
CA LEU A 128 -10.13 -15.94 -41.27
C LEU A 128 -9.93 -16.62 -39.94
N GLU A 129 -8.85 -17.39 -39.83
CA GLU A 129 -8.45 -17.95 -38.56
C GLU A 129 -7.53 -16.94 -37.92
N HIS A 130 -7.61 -16.78 -36.61
CA HIS A 130 -6.72 -15.86 -35.93
C HIS A 130 -5.90 -16.61 -34.92
N VAL A 131 -4.80 -15.99 -34.52
CA VAL A 131 -3.92 -16.55 -33.51
C VAL A 131 -3.60 -15.45 -32.49
N ALA A 132 -3.94 -15.71 -31.22
CA ALA A 132 -3.69 -14.75 -30.15
C ALA A 132 -2.25 -14.88 -29.64
N PHE A 133 -1.50 -13.79 -29.71
CA PHE A 133 -0.15 -13.71 -29.22
C PHE A 133 -0.09 -13.84 -27.69
N GLU A 134 0.67 -14.83 -27.18
CA GLU A 134 0.87 -15.04 -25.73
C GLU A 134 1.28 -13.70 -25.16
N ASN A 135 2.43 -13.23 -25.62
CA ASN A 135 2.96 -11.96 -25.16
C ASN A 135 2.81 -10.94 -26.29
N SER A 136 2.07 -9.87 -26.01
CA SER A 136 1.87 -8.81 -27.02
C SER A 136 2.88 -7.66 -26.91
N HIS A 137 3.74 -7.68 -25.90
CA HIS A 137 4.73 -6.61 -25.82
C HIS A 137 6.00 -7.19 -26.38
N LEU A 138 6.29 -6.80 -27.60
CA LEU A 138 7.35 -7.45 -28.37
C LEU A 138 8.21 -6.44 -29.07
N GLU A 139 9.51 -6.63 -28.89
CA GLU A 139 10.51 -5.79 -29.51
C GLU A 139 10.44 -5.96 -31.01
N VAL A 140 10.91 -4.94 -31.73
CA VAL A 140 10.87 -4.99 -33.16
C VAL A 140 11.36 -6.36 -33.73
N ASP A 141 12.52 -6.88 -33.30
CA ASP A 141 12.98 -8.16 -33.87
C ASP A 141 12.11 -9.34 -33.47
N GLU A 142 11.79 -9.45 -32.19
CA GLU A 142 11.02 -10.58 -31.74
C GLU A 142 9.72 -10.57 -32.52
N LEU A 143 9.21 -9.37 -32.78
CA LEU A 143 8.01 -9.22 -33.57
C LEU A 143 8.22 -9.82 -34.93
N GLU A 144 9.31 -9.40 -35.59
CA GLU A 144 9.67 -9.96 -36.90
C GLU A 144 9.91 -11.48 -36.86
N SER A 145 10.79 -11.93 -35.96
CA SER A 145 11.02 -13.34 -35.76
C SER A 145 9.69 -14.12 -35.62
N GLU A 146 8.74 -13.59 -34.85
CA GLU A 146 7.43 -14.25 -34.70
C GLU A 146 6.57 -14.26 -35.97
N VAL A 147 6.35 -13.08 -36.56
CA VAL A 147 5.51 -12.98 -37.74
C VAL A 147 6.06 -13.94 -38.79
N ARG A 148 7.38 -13.88 -38.99
CA ARG A 148 8.02 -14.76 -39.96
C ARG A 148 7.62 -16.19 -39.65
N ARG A 149 7.88 -16.61 -38.42
CA ARG A 149 7.65 -18.00 -38.02
C ARG A 149 6.22 -18.38 -38.35
N LEU A 150 5.29 -17.47 -38.11
CA LEU A 150 3.87 -17.77 -38.21
C LEU A 150 3.42 -17.86 -39.65
N VAL A 151 3.95 -16.98 -40.48
CA VAL A 151 3.64 -17.05 -41.90
C VAL A 151 4.06 -18.40 -42.47
N ASN A 152 5.30 -18.81 -42.18
CA ASN A 152 5.81 -20.12 -42.62
C ASN A 152 4.92 -21.28 -42.17
N LYS A 153 4.35 -21.17 -40.97
CA LYS A 153 3.60 -22.25 -40.35
C LYS A 153 2.19 -22.41 -40.94
N HIS A 154 1.49 -21.29 -41.12
CA HIS A 154 0.12 -21.30 -41.61
C HIS A 154 -0.06 -21.00 -43.11
N MET A 155 1.03 -20.68 -43.78
CA MET A 155 0.97 -20.38 -45.21
C MET A 155 1.78 -21.39 -46.01
N VAL A 156 1.43 -21.51 -47.28
CA VAL A 156 2.26 -22.22 -48.21
C VAL A 156 2.99 -21.12 -48.93
N VAL A 157 4.29 -21.03 -48.73
CA VAL A 157 5.00 -19.83 -49.13
C VAL A 157 5.49 -19.93 -50.57
N ASP A 158 4.86 -19.12 -51.42
CA ASP A 158 5.06 -19.09 -52.87
C ASP A 158 6.04 -18.04 -53.35
N ASP A 159 6.00 -17.87 -54.66
CA ASP A 159 6.38 -16.64 -55.32
C ASP A 159 5.04 -16.05 -55.76
N SER A 160 4.26 -16.86 -56.47
CA SER A 160 2.92 -16.45 -56.93
C SER A 160 2.14 -15.74 -55.83
N LEU A 161 2.24 -16.28 -54.61
CA LEU A 161 1.63 -15.68 -53.44
C LEU A 161 2.42 -14.46 -52.94
N LYS A 162 3.73 -14.64 -52.77
CA LYS A 162 4.63 -13.60 -52.24
C LYS A 162 4.49 -12.26 -52.94
N GLU A 163 4.37 -12.26 -54.27
CA GLU A 163 4.30 -11.01 -55.02
C GLU A 163 2.91 -10.41 -54.96
N ARG A 164 1.93 -11.32 -54.94
CA ARG A 164 0.50 -11.07 -54.85
C ARG A 164 0.22 -10.13 -53.68
N CYS A 165 0.73 -10.51 -52.52
CA CYS A 165 0.49 -9.76 -51.30
C CYS A 165 1.29 -8.49 -51.28
N ILE A 166 2.59 -8.58 -51.55
CA ILE A 166 3.41 -7.38 -51.53
C ILE A 166 2.84 -6.35 -52.50
N ASP A 167 2.01 -6.84 -53.42
CA ASP A 167 1.35 -5.96 -54.38
C ASP A 167 0.26 -5.12 -53.68
N MET A 168 -0.78 -5.76 -53.14
CA MET A 168 -1.90 -5.05 -52.50
C MET A 168 -1.38 -4.31 -51.27
N HIS A 169 -0.49 -5.00 -50.59
CA HIS A 169 0.28 -4.49 -49.47
C HIS A 169 0.85 -3.11 -49.82
N PHE A 170 1.33 -2.94 -51.05
CA PHE A 170 1.82 -1.63 -51.49
C PHE A 170 0.70 -0.66 -51.93
N LYS A 171 -0.27 -1.16 -52.68
CA LYS A 171 -1.34 -0.27 -53.14
C LYS A 171 -2.03 0.38 -51.94
N LEU A 172 -1.95 -0.28 -50.80
CA LEU A 172 -2.51 0.28 -49.60
C LEU A 172 -1.55 1.31 -49.05
N TYR A 173 -0.26 1.00 -49.07
CA TYR A 173 0.77 1.90 -48.54
C TYR A 173 0.81 3.25 -49.25
N THR A 174 0.98 3.21 -50.55
CA THR A 174 1.10 4.42 -51.32
C THR A 174 -0.23 5.17 -51.30
N SER A 175 -1.34 4.43 -51.30
CA SER A 175 -2.68 5.04 -51.28
C SER A 175 -3.01 5.78 -49.98
N LYS A 176 -2.64 5.19 -48.85
CA LYS A 176 -2.84 5.83 -47.57
C LYS A 176 -1.88 7.00 -47.45
N GLU A 177 -0.88 7.04 -48.32
CA GLU A 177 0.11 8.13 -48.34
C GLU A 177 -0.51 9.44 -48.83
N GLU A 178 -1.58 9.32 -49.59
CA GLU A 178 -2.35 10.48 -50.04
C GLU A 178 -3.06 11.15 -48.89
N LEU A 179 -3.86 10.35 -48.22
CA LEU A 179 -4.64 10.84 -47.10
C LEU A 179 -3.78 11.68 -46.15
N VAL A 180 -2.58 11.19 -45.88
CA VAL A 180 -1.66 11.90 -44.98
C VAL A 180 -1.11 13.21 -45.63
N SER A 185 -0.58 28.10 -46.64
CA SER A 185 -1.38 27.05 -46.03
C SER A 185 -0.64 25.67 -45.95
N SER A 186 -1.28 24.65 -45.35
CA SER A 186 -0.74 23.27 -45.33
C SER A 186 -1.74 22.11 -44.99
N THR A 187 -1.39 20.87 -45.35
CA THR A 187 -2.09 19.66 -44.89
C THR A 187 -1.40 19.19 -43.63
N ASP A 188 -0.42 20.01 -43.21
CA ASP A 188 0.39 19.80 -42.00
C ASP A 188 0.47 21.04 -41.09
N GLU A 189 1.01 22.15 -41.60
CA GLU A 189 1.37 23.35 -40.78
C GLU A 189 0.23 23.88 -39.89
N SER A 190 0.53 24.00 -38.60
CA SER A 190 -0.51 24.17 -37.60
C SER A 190 -0.38 25.44 -36.73
N GLY A 191 0.72 25.57 -35.98
CA GLY A 191 0.94 26.78 -35.19
C GLY A 191 1.81 26.65 -33.96
N ARG A 192 1.63 27.56 -33.00
CA ARG A 192 2.31 27.53 -31.70
C ARG A 192 1.34 27.14 -30.59
N PHE A 193 1.83 26.34 -29.65
CA PHE A 193 0.96 25.79 -28.61
C PHE A 193 1.13 26.45 -27.25
N VAL A 194 0.02 26.68 -26.57
CA VAL A 194 0.04 27.14 -25.19
C VAL A 194 -0.98 26.38 -24.34
N GLU A 195 -0.49 25.67 -23.34
CA GLU A 195 -1.31 24.88 -22.42
C GLU A 195 -2.35 25.77 -21.75
N THR A 196 -3.63 25.38 -21.78
CA THR A 196 -4.67 26.08 -21.04
C THR A 196 -4.78 25.47 -19.67
N THR A 197 -4.51 26.24 -18.63
CA THR A 197 -4.48 25.66 -17.28
C THR A 197 -5.72 25.85 -16.44
N GLU A 198 -6.68 26.62 -16.94
CA GLU A 198 -7.92 26.81 -16.20
C GLU A 198 -8.75 25.56 -16.31
N LEU A 199 -9.73 25.41 -15.45
CA LEU A 199 -10.60 24.25 -15.49
C LEU A 199 -11.95 24.62 -16.09
N TYR A 200 -12.40 23.84 -17.07
CA TYR A 200 -13.69 24.09 -17.74
C TYR A 200 -14.57 22.88 -17.66
N ALA A 201 -15.84 23.07 -17.33
CA ALA A 201 -16.72 21.91 -17.13
C ALA A 201 -16.68 21.03 -18.37
N THR A 202 -16.66 21.66 -19.55
CA THR A 202 -16.76 20.96 -20.82
C THR A 202 -15.72 19.85 -20.93
N ASP A 203 -14.66 19.97 -20.14
CA ASP A 203 -13.64 18.92 -20.02
C ASP A 203 -14.07 17.83 -19.05
N ILE A 204 -14.63 18.23 -17.91
CA ILE A 204 -15.10 17.24 -16.98
C ILE A 204 -16.25 16.48 -17.61
N ALA A 205 -17.18 17.19 -18.22
CA ALA A 205 -18.28 16.49 -18.87
C ALA A 205 -17.79 15.55 -20.00
N GLY A 206 -16.93 16.08 -20.86
CA GLY A 206 -16.38 15.25 -21.91
C GLY A 206 -15.83 13.95 -21.36
N ALA A 207 -15.20 14.01 -20.18
CA ALA A 207 -14.64 12.85 -19.54
C ALA A 207 -15.76 11.88 -19.16
N PHE A 208 -16.81 12.42 -18.59
CA PHE A 208 -17.94 11.59 -18.20
C PHE A 208 -18.59 11.00 -19.42
N PHE A 209 -18.81 11.80 -20.44
CA PHE A 209 -19.40 11.25 -21.65
C PHE A 209 -18.55 10.12 -22.19
N SER A 210 -17.30 10.43 -22.47
CA SER A 210 -16.35 9.46 -22.98
C SER A 210 -16.33 8.16 -22.17
N ALA A 211 -16.31 8.28 -20.85
CA ALA A 211 -16.37 7.10 -19.99
C ALA A 211 -17.60 6.21 -20.21
N MET A 212 -18.79 6.80 -20.08
CA MET A 212 -20.01 6.06 -20.27
C MET A 212 -20.12 5.54 -21.70
N HIS A 213 -19.87 6.41 -22.66
CA HIS A 213 -20.11 6.10 -24.04
C HIS A 213 -19.14 5.08 -24.63
N TYR A 214 -17.87 5.18 -24.29
CA TYR A 214 -16.86 4.26 -24.84
C TYR A 214 -16.45 3.20 -23.85
N ASP A 215 -15.89 3.61 -22.73
CA ASP A 215 -15.32 2.66 -21.77
C ASP A 215 -16.33 1.70 -21.16
N VAL A 216 -17.52 2.17 -20.82
CA VAL A 216 -18.56 1.25 -20.34
C VAL A 216 -18.95 0.30 -21.46
N SER A 217 -18.95 0.80 -22.69
CA SER A 217 -19.49 0.05 -23.82
C SER A 217 -18.63 -1.14 -24.17
N LEU A 218 -17.33 -0.95 -24.09
CA LEU A 218 -16.40 -1.99 -24.46
C LEU A 218 -16.60 -3.20 -23.56
N VAL A 219 -16.76 -2.94 -22.27
CA VAL A 219 -16.76 -3.99 -21.26
C VAL A 219 -18.14 -4.54 -20.82
N GLY A 220 -19.22 -3.86 -21.18
CA GLY A 220 -20.54 -4.31 -20.77
C GLY A 220 -20.85 -4.20 -19.29
N THR A 221 -22.02 -4.66 -18.90
CA THR A 221 -22.47 -4.57 -17.51
C THR A 221 -22.35 -5.84 -16.66
N GLU A 222 -21.71 -6.89 -17.17
CA GLU A 222 -21.48 -8.10 -16.34
C GLU A 222 -19.99 -8.51 -16.05
N PRO A 223 -19.76 -9.22 -14.93
CA PRO A 223 -20.79 -9.68 -14.01
C PRO A 223 -21.39 -8.56 -13.17
N ARG A 224 -22.11 -9.01 -12.16
CA ARG A 224 -22.91 -8.15 -11.28
C ARG A 224 -22.10 -7.11 -10.54
N GLU A 225 -20.90 -7.52 -10.13
CA GLU A 225 -20.01 -6.69 -9.35
C GLU A 225 -19.65 -5.46 -10.16
N ARG A 226 -19.52 -5.65 -11.46
CA ARG A 226 -19.25 -4.55 -12.35
C ARG A 226 -20.45 -3.60 -12.47
N LEU A 227 -21.63 -4.19 -12.65
CA LEU A 227 -22.83 -3.38 -12.73
C LEU A 227 -22.94 -2.55 -11.47
N THR A 228 -22.77 -3.21 -10.33
CA THR A 228 -22.79 -2.52 -9.06
C THR A 228 -21.86 -1.31 -9.09
N ALA A 229 -20.60 -1.56 -9.45
CA ALA A 229 -19.60 -0.52 -9.47
C ALA A 229 -20.13 0.62 -10.27
N LEU A 230 -20.65 0.26 -11.44
CA LEU A 230 -21.14 1.24 -12.40
C LEU A 230 -22.27 2.10 -11.83
N GLU A 231 -23.25 1.45 -11.21
CA GLU A 231 -24.42 2.14 -10.69
C GLU A 231 -24.00 3.11 -9.63
N ASP A 232 -23.11 2.65 -8.77
CA ASP A 232 -22.67 3.43 -7.61
C ASP A 232 -21.94 4.65 -8.08
N PHE A 233 -21.20 4.49 -9.17
CA PHE A 233 -20.44 5.59 -9.70
C PHE A 233 -21.34 6.61 -10.32
N VAL A 234 -22.13 6.17 -11.27
CA VAL A 234 -23.09 7.08 -11.89
C VAL A 234 -23.98 7.77 -10.87
N LEU A 235 -24.55 7.03 -9.94
CA LEU A 235 -25.35 7.70 -8.95
C LEU A 235 -24.54 8.78 -8.24
N LEU A 236 -23.33 8.42 -7.85
CA LEU A 236 -22.51 9.40 -7.17
C LEU A 236 -22.21 10.61 -8.05
N VAL A 237 -22.16 10.40 -9.36
CA VAL A 237 -21.95 11.54 -10.24
C VAL A 237 -23.19 12.38 -10.24
N LYS A 238 -24.34 11.75 -10.46
CA LYS A 238 -25.61 12.48 -10.51
C LYS A 238 -25.83 13.38 -9.30
N ASP A 239 -25.37 12.93 -8.13
CA ASP A 239 -25.61 13.66 -6.91
C ASP A 239 -24.62 14.79 -6.68
N SER A 240 -23.36 14.52 -7.01
CA SER A 240 -22.29 15.48 -6.81
C SER A 240 -22.25 16.60 -7.83
N LEU A 241 -22.45 16.24 -9.08
CA LEU A 241 -22.36 17.17 -10.19
C LEU A 241 -23.69 17.24 -10.91
N PRO A 242 -24.60 18.04 -10.38
CA PRO A 242 -25.95 18.20 -10.92
C PRO A 242 -25.97 18.77 -12.33
N SER A 243 -26.86 18.23 -13.16
CA SER A 243 -26.96 18.62 -14.57
C SER A 243 -25.66 18.45 -15.30
N ILE A 244 -24.99 17.33 -15.08
CA ILE A 244 -23.94 16.88 -15.98
C ILE A 244 -24.57 15.83 -16.90
N GLY A 245 -25.87 15.62 -16.71
CA GLY A 245 -26.59 14.66 -17.53
C GLY A 245 -26.33 13.25 -17.08
N ALA A 246 -26.16 13.10 -15.78
CA ALA A 246 -26.02 11.78 -15.25
C ALA A 246 -27.40 11.18 -15.13
N ASP A 247 -28.41 12.00 -14.88
CA ASP A 247 -29.76 11.49 -14.68
C ASP A 247 -30.13 10.63 -15.88
N GLY A 248 -29.95 11.20 -17.07
CA GLY A 248 -30.22 10.47 -18.28
C GLY A 248 -29.54 9.12 -18.29
N VAL A 249 -28.30 9.08 -17.83
CA VAL A 249 -27.55 7.84 -17.83
C VAL A 249 -28.08 6.86 -16.81
N VAL A 250 -28.41 7.35 -15.63
CA VAL A 250 -29.01 6.49 -14.62
C VAL A 250 -30.23 5.78 -15.17
N SER A 251 -31.14 6.52 -15.80
CA SER A 251 -32.33 5.96 -16.41
C SER A 251 -31.97 4.79 -17.31
N ALA A 252 -31.02 5.03 -18.20
CA ALA A 252 -30.53 4.01 -19.10
C ALA A 252 -30.04 2.77 -18.39
N LEU A 253 -29.60 2.95 -17.15
CA LEU A 253 -28.99 1.87 -16.40
C LEU A 253 -30.00 0.95 -15.75
N GLU A 254 -31.22 1.42 -15.49
CA GLU A 254 -32.29 0.54 -15.00
C GLU A 254 -33.14 0.00 -16.11
N SER A 255 -32.93 0.54 -17.31
CA SER A 255 -33.62 0.05 -18.48
C SER A 255 -33.12 -1.35 -18.74
N ILE A 256 -31.86 -1.65 -18.37
CA ILE A 256 -31.43 -3.02 -18.65
C ILE A 256 -32.13 -3.96 -17.82
N THR A 257 -32.61 -5.00 -18.48
CA THR A 257 -33.31 -6.03 -17.79
C THR A 257 -33.05 -7.37 -18.48
N ALA A 258 -33.71 -8.43 -18.00
CA ALA A 258 -33.63 -9.73 -18.66
C ALA A 258 -34.04 -9.59 -20.10
N GLU A 259 -35.16 -8.88 -20.25
CA GLU A 259 -35.81 -8.71 -21.53
C GLU A 259 -35.27 -7.64 -22.45
N ARG A 260 -34.49 -6.75 -21.85
CA ARG A 260 -33.89 -5.66 -22.55
C ARG A 260 -32.45 -5.65 -22.04
N PRO A 261 -31.66 -6.63 -22.48
CA PRO A 261 -30.31 -6.72 -21.94
C PRO A 261 -29.44 -5.63 -22.52
N PHE A 262 -28.28 -5.44 -21.94
CA PHE A 262 -27.38 -4.41 -22.42
C PHE A 262 -26.93 -4.72 -23.85
N THR A 263 -26.93 -3.71 -24.71
CA THR A 263 -26.34 -3.80 -26.02
C THR A 263 -25.61 -2.49 -26.34
N VAL A 264 -24.43 -2.58 -26.96
CA VAL A 264 -23.69 -1.39 -27.32
C VAL A 264 -24.54 -0.36 -28.04
N ALA A 265 -25.28 -0.80 -29.04
CA ALA A 265 -26.13 0.07 -29.84
C ALA A 265 -27.10 0.83 -28.96
N SER A 266 -27.88 0.06 -28.20
CA SER A 266 -28.91 0.63 -27.35
C SER A 266 -28.31 1.56 -26.30
N TRP A 267 -27.18 1.17 -25.75
CA TRP A 267 -26.61 1.88 -24.65
C TRP A 267 -26.01 3.19 -25.13
N GLN A 268 -25.18 3.13 -26.14
CA GLN A 268 -24.55 4.33 -26.63
C GLN A 268 -25.63 5.33 -27.02
N ASP A 269 -26.76 4.82 -27.51
CA ASP A 269 -27.83 5.70 -27.92
C ASP A 269 -28.27 6.42 -26.68
N ALA A 270 -28.58 5.65 -25.66
CA ALA A 270 -29.06 6.19 -24.40
C ALA A 270 -28.19 7.31 -23.85
N VAL A 271 -26.89 7.10 -23.94
CA VAL A 271 -25.95 8.07 -23.44
C VAL A 271 -25.89 9.38 -24.23
N VAL A 272 -25.99 9.31 -25.54
CA VAL A 272 -25.94 10.53 -26.33
C VAL A 272 -27.18 11.37 -25.99
N LYS A 273 -28.27 10.69 -25.69
CA LYS A 273 -29.53 11.37 -25.44
C LYS A 273 -29.69 11.72 -23.98
N SER A 274 -28.64 11.54 -23.21
CA SER A 274 -28.72 11.97 -21.83
C SER A 274 -28.48 13.47 -21.77
N GLY A 275 -27.88 13.99 -22.81
CA GLY A 275 -27.58 15.40 -22.87
C GLY A 275 -26.45 15.78 -21.95
N ILE A 276 -25.40 14.96 -21.93
CA ILE A 276 -24.21 15.32 -21.18
C ILE A 276 -23.62 16.48 -21.90
N PRO A 277 -23.32 17.56 -21.18
CA PRO A 277 -22.93 18.83 -21.78
C PRO A 277 -21.49 18.91 -22.19
N PHE A 278 -20.98 17.98 -22.98
CA PHE A 278 -19.60 18.06 -23.41
C PHE A 278 -19.45 18.89 -24.62
N ASP A 279 -18.28 18.87 -25.21
CA ASP A 279 -18.08 19.66 -26.38
C ASP A 279 -17.51 18.82 -27.47
N GLY A 280 -18.08 18.98 -28.66
CA GLY A 280 -17.72 18.17 -29.80
C GLY A 280 -18.78 17.15 -30.18
N SER A 281 -18.41 16.20 -31.03
CA SER A 281 -19.33 15.17 -31.46
C SER A 281 -18.94 13.93 -30.71
N PRO A 282 -19.88 13.03 -30.54
CA PRO A 282 -19.62 11.79 -29.82
C PRO A 282 -18.37 11.17 -30.35
N ARG A 283 -18.30 11.13 -31.67
CA ARG A 283 -17.18 10.50 -32.35
C ARG A 283 -15.88 11.18 -32.01
N ASN A 284 -15.95 12.47 -31.79
CA ASN A 284 -14.78 13.26 -31.51
C ASN A 284 -15.00 14.26 -30.39
N VAL A 285 -14.49 14.00 -29.21
CA VAL A 285 -14.71 14.91 -28.11
C VAL A 285 -13.68 16.03 -28.10
N ARG A 286 -14.07 17.22 -27.67
CA ARG A 286 -13.15 18.35 -27.60
C ARG A 286 -12.75 18.72 -26.19
N TRP A 287 -11.46 18.74 -25.97
CA TRP A 287 -10.91 19.09 -24.68
C TRP A 287 -10.36 20.49 -24.74
N ARG A 288 -10.45 21.18 -23.61
CA ARG A 288 -9.79 22.45 -23.52
C ARG A 288 -8.64 22.37 -22.56
N THR A 289 -8.94 22.20 -21.28
CA THR A 289 -7.84 22.18 -20.31
C THR A 289 -6.90 21.00 -20.54
N CYS A 290 -7.46 19.94 -21.14
CA CYS A 290 -6.74 18.69 -21.36
C CYS A 290 -6.19 18.63 -22.79
N ARG A 291 -6.35 19.73 -23.49
CA ARG A 291 -5.89 19.78 -24.85
C ARG A 291 -4.38 19.72 -24.88
N GLY A 292 -3.83 18.85 -25.72
CA GLY A 292 -2.40 18.70 -25.86
C GLY A 292 -1.77 19.40 -27.06
N SER A 293 -0.44 19.47 -27.05
CA SER A 293 0.30 20.14 -28.12
C SER A 293 0.05 19.39 -29.43
N SER A 294 -0.46 18.18 -29.29
CA SER A 294 -0.81 17.37 -30.44
C SER A 294 -1.99 16.48 -30.10
N PRO A 295 -2.82 16.16 -31.09
CA PRO A 295 -4.03 15.33 -30.87
C PRO A 295 -3.85 14.05 -30.07
N GLN A 296 -2.73 13.35 -30.20
CA GLN A 296 -2.56 12.07 -29.52
C GLN A 296 -2.02 12.20 -28.11
N TYR A 297 -1.96 13.41 -27.57
CA TYR A 297 -1.53 13.61 -26.17
C TYR A 297 -2.67 14.10 -25.29
N ARG A 298 -2.58 13.74 -24.01
CA ARG A 298 -3.59 14.18 -23.05
C ARG A 298 -4.99 13.74 -23.52
N GLY A 299 -5.98 14.60 -23.39
CA GLY A 299 -7.34 14.17 -23.68
C GLY A 299 -7.95 13.34 -22.58
N PHE A 300 -8.64 12.28 -22.96
CA PHE A 300 -9.44 11.53 -22.01
C PHE A 300 -8.81 11.25 -20.63
N PRO A 301 -7.64 10.63 -20.61
CA PRO A 301 -7.07 10.28 -19.30
C PRO A 301 -6.97 11.50 -18.37
N CYS A 302 -6.67 12.66 -18.94
CA CYS A 302 -6.53 13.90 -18.19
C CYS A 302 -7.88 14.34 -17.68
N GLY A 303 -8.87 14.38 -18.56
CA GLY A 303 -10.22 14.70 -18.13
C GLY A 303 -10.72 13.75 -17.05
N MET A 304 -10.45 12.48 -17.24
CA MET A 304 -10.84 11.50 -16.25
C MET A 304 -10.39 11.87 -14.85
N TRP A 305 -9.15 12.36 -14.74
CA TRP A 305 -8.62 12.83 -13.46
C TRP A 305 -9.48 13.96 -12.96
N LEU A 306 -9.68 14.99 -13.79
CA LEU A 306 -10.48 16.17 -13.40
C LEU A 306 -11.78 15.69 -12.83
N LEU A 307 -12.48 14.82 -13.55
CA LEU A 307 -13.74 14.31 -13.06
C LEU A 307 -13.55 13.65 -11.68
N LEU A 308 -12.56 12.78 -11.55
CA LEU A 308 -12.36 12.13 -10.25
C LEU A 308 -12.15 13.13 -9.12
N HIS A 309 -11.38 14.17 -9.36
CA HIS A 309 -11.19 15.20 -8.35
C HIS A 309 -12.50 15.93 -8.08
N ALA A 310 -13.22 16.27 -9.14
CA ALA A 310 -14.48 16.98 -8.97
C ALA A 310 -15.38 16.14 -8.11
N LEU A 311 -15.22 14.84 -8.23
CA LEU A 311 -16.04 13.98 -7.41
C LEU A 311 -15.69 14.16 -5.96
N THR A 312 -14.40 14.09 -5.62
CA THR A 312 -13.97 14.20 -4.23
C THR A 312 -14.43 15.50 -3.57
N VAL A 313 -14.38 16.59 -4.33
CA VAL A 313 -14.84 17.90 -3.82
C VAL A 313 -16.35 18.09 -3.66
N ASN A 314 -17.13 17.56 -4.59
CA ASN A 314 -18.58 17.80 -4.64
C ASN A 314 -19.50 16.73 -4.04
N THR A 315 -18.92 15.62 -3.59
CA THR A 315 -19.67 14.53 -3.00
C THR A 315 -20.55 14.99 -1.88
N PRO A 316 -21.80 14.51 -1.88
CA PRO A 316 -22.61 14.56 -0.68
C PRO A 316 -21.79 13.81 0.35
N ALA A 317 -22.03 14.01 1.64
CA ALA A 317 -21.20 13.32 2.63
C ALA A 317 -21.60 11.87 2.75
N ASP A 318 -20.60 11.01 3.01
CA ASP A 318 -20.78 9.57 3.19
C ASP A 318 -21.17 8.76 1.96
N ARG A 319 -20.73 9.14 0.77
CA ARG A 319 -20.96 8.24 -0.36
C ARG A 319 -19.72 7.42 -0.62
N ASN A 320 -18.70 7.73 0.14
CA ASN A 320 -17.34 7.27 -0.05
C ASN A 320 -16.50 7.57 -1.24
N VAL A 321 -17.00 8.12 -2.36
CA VAL A 321 -16.01 8.67 -3.32
C VAL A 321 -14.90 7.66 -3.61
N LEU A 322 -13.76 7.93 -2.99
CA LEU A 322 -12.58 7.12 -3.13
C LEU A 322 -12.96 5.64 -3.14
N GLU A 323 -13.75 5.19 -2.17
CA GLU A 323 -14.28 3.85 -2.23
C GLU A 323 -14.96 3.56 -3.58
N VAL A 324 -16.01 4.30 -3.93
CA VAL A 324 -16.66 4.19 -5.24
C VAL A 324 -15.76 4.30 -6.46
N ILE A 325 -15.03 5.40 -6.54
CA ILE A 325 -14.10 5.64 -7.61
C ILE A 325 -13.17 4.47 -7.89
N GLN A 326 -12.46 4.03 -6.87
CA GLN A 326 -11.57 2.91 -7.02
C GLN A 326 -12.34 1.76 -7.67
N ASN A 327 -13.56 1.54 -7.19
CA ASN A 327 -14.29 0.36 -7.60
C ASN A 327 -14.84 0.51 -9.01
N TYR A 328 -14.99 1.75 -9.46
CA TYR A 328 -15.32 1.98 -10.85
C TYR A 328 -14.11 1.71 -11.72
N ILE A 329 -12.99 2.31 -11.35
CA ILE A 329 -11.73 2.04 -12.04
C ILE A 329 -11.44 0.54 -12.09
N ARG A 330 -11.78 -0.18 -11.03
CA ARG A 330 -11.64 -1.62 -11.10
C ARG A 330 -12.27 -2.22 -12.38
N TYR A 331 -13.59 -2.07 -12.56
CA TYR A 331 -14.25 -2.71 -13.69
C TYR A 331 -14.42 -1.90 -14.97
N PHE A 332 -14.16 -0.60 -14.94
CA PHE A 332 -14.21 0.18 -16.16
C PHE A 332 -12.97 0.79 -16.84
N PHE A 333 -11.78 0.63 -16.27
CA PHE A 333 -10.60 1.31 -16.79
C PHE A 333 -9.82 0.27 -17.55
N SER A 334 -9.58 0.53 -18.83
CA SER A 334 -9.04 -0.54 -19.72
C SER A 334 -7.54 -0.51 -19.88
N CYS A 335 -6.93 0.40 -19.12
CA CYS A 335 -5.49 0.55 -19.12
C CYS A 335 -4.94 -0.20 -17.93
N LYS A 336 -4.31 -1.34 -18.21
CA LYS A 336 -4.11 -2.33 -17.18
C LYS A 336 -2.97 -1.97 -16.28
N GLU A 337 -1.92 -1.38 -16.84
CA GLU A 337 -0.79 -0.93 -16.01
C GLU A 337 -1.39 -0.03 -14.91
N SER A 338 -2.20 0.91 -15.41
CA SER A 338 -2.70 2.03 -14.63
C SER A 338 -3.77 1.67 -13.63
N ARG A 339 -4.74 0.87 -14.06
CA ARG A 339 -5.80 0.48 -13.18
C ARG A 339 -5.23 -0.30 -12.01
N ASP A 340 -4.14 -1.05 -12.25
CA ASP A 340 -3.68 -2.04 -11.26
C ASP A 340 -3.22 -1.40 -9.96
N HIS A 341 -2.23 -0.52 -10.02
CA HIS A 341 -1.74 0.02 -8.72
C HIS A 341 -2.71 1.06 -8.15
N PHE A 342 -3.66 1.52 -8.98
CA PHE A 342 -4.65 2.46 -8.50
C PHE A 342 -5.68 1.82 -7.59
N ILE A 343 -6.07 0.60 -7.89
CA ILE A 343 -7.03 -0.08 -7.04
C ILE A 343 -6.37 -0.62 -5.75
N GLN A 344 -5.03 -0.53 -5.72
CA GLN A 344 -4.26 -0.92 -4.56
C GLN A 344 -3.95 0.19 -3.59
N PHE A 345 -4.21 1.44 -3.99
CA PHE A 345 -3.98 2.55 -3.08
C PHE A 345 -4.79 2.27 -1.82
N ASN A 346 -4.31 2.69 -0.65
CA ASN A 346 -5.04 2.36 0.54
C ASN A 346 -5.68 3.62 1.09
N PHE A 347 -6.98 3.78 0.84
CA PHE A 347 -7.66 4.99 1.26
C PHE A 347 -8.46 4.71 2.51
N SER A 348 -8.04 5.32 3.62
CA SER A 348 -8.80 5.20 4.86
C SER A 348 -9.86 6.27 4.81
N PRO A 349 -11.14 5.88 4.98
CA PRO A 349 -12.01 7.05 5.07
C PRO A 349 -12.08 7.68 6.48
N ASN A 350 -10.98 7.96 7.16
CA ASN A 350 -11.05 8.96 8.23
C ASN A 350 -11.05 10.34 7.62
N GLU A 351 -10.24 10.51 6.60
CA GLU A 351 -9.85 11.83 6.17
C GLU A 351 -10.25 12.25 4.78
N ASP A 352 -9.83 13.46 4.43
CA ASP A 352 -10.39 14.15 3.31
C ASP A 352 -10.08 13.38 2.06
N PRO A 353 -11.15 12.92 1.39
CA PRO A 353 -11.00 12.25 0.11
C PRO A 353 -10.16 13.15 -0.72
N VAL A 354 -10.50 14.42 -0.70
CA VAL A 354 -9.87 15.41 -1.55
C VAL A 354 -8.35 15.43 -1.45
N LEU A 355 -7.83 15.46 -0.23
CA LEU A 355 -6.41 15.50 -0.02
C LEU A 355 -5.79 14.25 -0.57
N GLN A 356 -6.34 13.12 -0.15
CA GLN A 356 -5.83 11.80 -0.48
C GLN A 356 -5.70 11.58 -1.99
N LEU A 357 -6.80 11.76 -2.72
CA LEU A 357 -6.76 11.67 -4.17
C LEU A 357 -5.76 12.67 -4.75
N TRP A 358 -5.73 13.87 -4.19
CA TRP A 358 -4.70 14.80 -4.56
C TRP A 358 -3.31 14.19 -4.44
N ARG A 359 -3.03 13.61 -3.25
CA ARG A 359 -1.79 12.88 -2.99
C ARG A 359 -1.56 11.82 -4.04
N ALA A 360 -2.58 10.97 -4.21
CA ALA A 360 -2.53 9.86 -5.16
C ALA A 360 -2.15 10.37 -6.55
N HIS A 361 -2.85 11.39 -7.04
CA HIS A 361 -2.60 11.87 -8.39
C HIS A 361 -1.19 12.43 -8.48
N ASN A 362 -0.69 13.08 -7.42
CA ASN A 362 0.67 13.57 -7.45
C ASN A 362 1.74 12.46 -7.50
N ASN A 363 1.51 11.41 -6.73
CA ASN A 363 2.37 10.26 -6.77
C ASN A 363 2.56 9.76 -8.18
N VAL A 364 1.48 9.79 -8.95
CA VAL A 364 1.55 9.36 -10.33
C VAL A 364 2.42 10.31 -11.18
N ASN A 365 2.15 11.60 -11.06
CA ASN A 365 2.96 12.58 -11.80
C ASN A 365 4.45 12.38 -11.53
N ALA A 366 4.79 12.14 -10.27
CA ALA A 366 6.14 11.79 -9.90
C ALA A 366 6.71 10.64 -10.77
N ARG A 367 6.00 9.50 -10.75
CA ARG A 367 6.34 8.35 -11.57
C ARG A 367 6.59 8.79 -13.02
N LEU A 368 5.59 9.46 -13.60
CA LEU A 368 5.59 9.74 -15.04
C LEU A 368 6.46 10.91 -15.39
N ALA A 369 6.98 11.55 -14.35
CA ALA A 369 7.71 12.77 -14.48
C ALA A 369 8.76 12.75 -15.58
N ASN A 370 9.76 11.87 -15.47
CA ASN A 370 10.87 11.84 -16.45
C ASN A 370 10.59 11.02 -17.72
N VAL A 371 9.57 10.16 -17.67
CA VAL A 371 9.21 9.32 -18.80
C VAL A 371 8.99 10.12 -20.09
N LYS A 372 9.91 9.93 -21.03
CA LYS A 372 9.82 10.65 -22.29
C LYS A 372 8.86 9.93 -23.24
N ASP A 373 8.96 8.60 -23.27
CA ASP A 373 8.25 7.75 -24.24
C ASP A 373 6.72 7.91 -24.20
N GLY A 374 6.15 8.28 -25.35
CA GLY A 374 4.72 8.46 -25.48
C GLY A 374 4.11 9.61 -24.68
N ALA A 375 4.85 10.70 -24.48
CA ALA A 375 4.33 11.81 -23.66
C ALA A 375 4.33 13.15 -24.41
N ASP A 376 3.47 14.07 -23.97
CA ASP A 376 3.41 15.36 -24.62
C ASP A 376 4.65 16.19 -24.28
N PRO A 377 5.50 16.47 -25.28
CA PRO A 377 6.73 17.24 -25.06
C PRO A 377 6.52 18.61 -24.38
N LEU A 378 5.37 19.24 -24.58
CA LEU A 378 5.12 20.59 -24.07
C LEU A 378 4.30 20.67 -22.78
N VAL A 379 3.88 19.52 -22.25
CA VAL A 379 3.11 19.52 -21.00
C VAL A 379 3.70 18.56 -20.02
N PRO A 380 4.56 19.08 -19.15
CA PRO A 380 5.30 18.28 -18.17
C PRO A 380 4.38 17.73 -17.08
N LYS A 381 4.99 16.94 -16.20
CA LYS A 381 4.34 16.29 -15.07
C LYS A 381 4.46 16.90 -13.68
N ARG A 382 4.55 18.22 -13.61
CA ARG A 382 4.69 18.87 -12.31
C ARG A 382 3.76 18.43 -11.16
N GLN A 383 4.35 18.40 -9.97
CA GLN A 383 3.62 18.16 -8.75
C GLN A 383 2.62 19.29 -8.59
N PHE A 384 1.35 18.94 -8.54
CA PHE A 384 0.29 19.92 -8.61
C PHE A 384 -0.14 20.34 -7.23
N PRO A 385 -0.51 21.60 -7.04
CA PRO A 385 -0.42 22.75 -7.95
C PRO A 385 1.01 23.29 -7.95
N THR A 386 1.39 24.05 -8.98
CA THR A 386 2.71 24.69 -8.98
C THR A 386 2.73 25.85 -7.98
N LEU A 387 3.87 26.55 -7.91
CA LEU A 387 3.95 27.71 -7.02
C LEU A 387 3.13 28.92 -7.52
N GLU A 388 3.09 29.16 -8.84
CA GLU A 388 2.24 30.22 -9.41
C GLU A 388 0.81 29.84 -9.17
N ALA A 389 0.55 28.54 -9.31
CA ALA A 389 -0.81 28.05 -9.23
C ALA A 389 -1.50 28.71 -8.06
N CYS A 390 -1.00 28.43 -6.86
CA CYS A 390 -1.32 29.25 -5.70
C CYS A 390 -0.08 29.32 -4.81
N THR A 391 0.25 30.51 -4.33
CA THR A 391 1.39 30.65 -3.42
C THR A 391 0.94 30.16 -2.06
N GLU A 392 -0.35 30.35 -1.79
CA GLU A 392 -0.99 30.01 -0.51
C GLU A 392 -0.77 28.56 -0.08
N CYS A 393 -0.50 27.70 -1.06
CA CYS A 393 -0.33 26.28 -0.80
C CYS A 393 1.04 25.93 -0.29
N TYR A 394 2.03 26.68 -0.75
CA TYR A 394 3.41 26.47 -0.30
C TYR A 394 3.75 27.27 0.95
N ASP A 395 5.00 27.14 1.40
CA ASP A 395 5.43 27.81 2.62
C ASP A 395 6.88 28.27 2.48
N GLY A 396 7.43 28.82 3.56
CA GLY A 396 8.78 29.35 3.56
C GLY A 396 9.76 28.38 2.95
N ALA A 397 9.67 27.13 3.36
CA ALA A 397 10.61 26.11 2.93
C ALA A 397 10.49 25.75 1.44
N GLY A 398 9.26 25.81 0.92
CA GLY A 398 8.99 25.36 -0.44
C GLY A 398 8.26 24.04 -0.56
N ASN A 399 7.68 23.58 0.54
CA ASN A 399 6.77 22.40 0.52
C ASN A 399 5.32 22.72 0.91
N PHE A 400 4.45 21.72 0.86
CA PHE A 400 3.01 21.98 0.90
C PHE A 400 2.44 22.14 2.29
N ILE A 401 1.46 23.02 2.41
CA ILE A 401 0.68 23.08 3.62
C ILE A 401 -0.66 22.42 3.30
N GLU A 402 -0.89 21.21 3.80
CA GLU A 402 -1.98 20.45 3.23
C GLU A 402 -3.27 21.19 3.45
N ALA A 403 -3.39 21.84 4.58
CA ALA A 403 -4.64 22.50 4.89
C ALA A 403 -5.00 23.53 3.81
N HIS A 404 -4.00 24.24 3.30
CA HIS A 404 -4.29 25.24 2.29
C HIS A 404 -4.56 24.56 0.95
N VAL A 405 -3.74 23.59 0.59
CA VAL A 405 -3.98 22.83 -0.62
C VAL A 405 -5.40 22.28 -0.64
N THR A 406 -5.83 21.65 0.44
CA THR A 406 -7.17 21.10 0.49
C THR A 406 -8.18 22.22 0.27
N GLY A 407 -7.85 23.45 0.68
CA GLY A 407 -8.70 24.60 0.41
C GLY A 407 -8.74 24.96 -1.07
N PHE A 408 -7.56 25.15 -1.66
CA PHE A 408 -7.40 25.42 -3.08
C PHE A 408 -8.15 24.45 -4.00
N LEU A 409 -8.07 23.16 -3.69
CA LEU A 409 -8.71 22.15 -4.53
C LEU A 409 -10.21 22.31 -4.46
N LYS A 410 -10.70 22.65 -3.28
CA LYS A 410 -12.14 22.72 -3.03
C LYS A 410 -12.72 23.96 -3.71
N GLN A 411 -11.82 24.76 -4.27
CA GLN A 411 -12.19 25.94 -5.00
C GLN A 411 -12.08 25.60 -6.47
N ARG A 412 -10.87 25.28 -6.86
CA ARG A 412 -10.60 24.96 -8.25
C ARG A 412 -11.59 23.99 -8.82
N TYR A 413 -11.93 22.95 -8.06
CA TYR A 413 -12.81 21.90 -8.54
C TYR A 413 -14.26 22.10 -8.13
N LEU A 414 -14.60 23.22 -7.51
CA LEU A 414 -15.99 23.41 -7.09
C LEU A 414 -16.91 23.35 -8.29
N TRP A 415 -18.00 22.61 -8.17
CA TRP A 415 -18.90 22.48 -9.32
C TRP A 415 -20.14 23.31 -9.15
N ASP A 416 -20.20 24.36 -9.92
CA ASP A 416 -21.35 25.21 -9.97
C ASP A 416 -22.01 25.00 -11.31
N PRO A 417 -23.32 24.81 -11.31
CA PRO A 417 -23.94 24.72 -12.63
C PRO A 417 -24.09 26.13 -13.27
N PRO B 14 0.80 -46.86 -22.51
CA PRO B 14 -0.31 -46.06 -21.92
C PRO B 14 0.15 -44.98 -20.89
N ARG B 15 -0.20 -43.70 -21.06
CA ARG B 15 0.34 -42.69 -20.13
C ARG B 15 -0.67 -41.86 -19.31
N PRO B 16 -0.30 -41.51 -18.07
CA PRO B 16 -1.12 -40.90 -17.03
C PRO B 16 -1.65 -39.47 -17.26
N GLY B 17 -0.75 -38.54 -17.58
CA GLY B 17 -1.16 -37.15 -17.57
C GLY B 17 -1.54 -36.72 -16.17
N LEU B 18 -2.05 -35.49 -16.04
CA LEU B 18 -2.43 -34.97 -14.74
C LEU B 18 -3.83 -35.31 -14.25
N PHE B 19 -4.80 -35.40 -15.17
CA PHE B 19 -6.21 -35.50 -14.76
C PHE B 19 -6.83 -36.90 -14.84
N HIS B 20 -6.02 -37.90 -15.20
CA HIS B 20 -6.58 -39.19 -15.53
C HIS B 20 -7.23 -39.81 -14.33
N LEU B 21 -7.01 -39.23 -13.15
CA LEU B 21 -7.69 -39.75 -11.94
C LEU B 21 -8.97 -38.99 -11.59
N ASP B 22 -9.27 -37.97 -12.39
CA ASP B 22 -10.33 -37.04 -12.08
C ASP B 22 -11.44 -37.10 -13.13
N SER B 23 -12.67 -37.28 -12.66
CA SER B 23 -13.81 -37.47 -13.55
C SER B 23 -14.36 -36.17 -14.13
N SER B 24 -14.25 -35.07 -13.40
CA SER B 24 -14.84 -33.79 -13.80
C SER B 24 -14.11 -33.14 -14.98
N VAL B 25 -13.00 -33.74 -15.39
CA VAL B 25 -12.23 -33.21 -16.50
C VAL B 25 -12.09 -34.21 -17.63
N VAL B 26 -12.40 -33.77 -18.84
CA VAL B 26 -12.24 -34.59 -20.04
C VAL B 26 -10.85 -34.41 -20.62
N ASP B 27 -10.12 -35.51 -20.83
CA ASP B 27 -8.79 -35.44 -21.44
C ASP B 27 -8.87 -35.48 -22.96
N LEU B 28 -8.32 -34.47 -23.63
CA LEU B 28 -8.41 -34.37 -25.05
C LEU B 28 -7.21 -34.98 -25.73
N SER B 29 -7.44 -36.03 -26.53
CA SER B 29 -6.38 -36.60 -27.38
C SER B 29 -6.43 -36.01 -28.79
N GLY B 30 -7.46 -35.21 -29.06
CA GLY B 30 -7.65 -34.72 -30.40
C GLY B 30 -8.57 -33.53 -30.45
N ASP B 31 -8.36 -32.75 -31.50
CA ASP B 31 -9.03 -31.47 -31.68
C ASP B 31 -10.49 -31.62 -32.02
N ASP B 32 -10.84 -32.80 -32.54
CA ASP B 32 -12.12 -33.04 -33.21
C ASP B 32 -13.12 -33.39 -32.12
N PHE B 33 -14.18 -32.57 -32.02
CA PHE B 33 -15.10 -32.64 -30.91
C PHE B 33 -16.28 -33.58 -31.14
N SER B 34 -16.51 -33.96 -32.38
CA SER B 34 -17.58 -34.87 -32.70
C SER B 34 -17.25 -36.21 -32.07
N ARG B 35 -15.95 -36.48 -31.96
CA ARG B 35 -15.49 -37.79 -31.53
C ARG B 35 -15.22 -37.87 -30.05
N VAL B 36 -15.43 -36.77 -29.34
CA VAL B 36 -15.51 -36.82 -27.88
C VAL B 36 -16.96 -37.06 -27.39
N HIS B 37 -17.93 -36.78 -28.25
CA HIS B 37 -19.33 -37.07 -27.96
C HIS B 37 -20.16 -36.65 -29.13
N ARG B 38 -21.37 -37.16 -29.23
CA ARG B 38 -22.24 -36.78 -30.30
C ARG B 38 -22.52 -35.30 -30.23
N VAL B 39 -22.92 -34.85 -29.05
CA VAL B 39 -23.46 -33.51 -28.88
C VAL B 39 -22.30 -32.53 -28.78
N ALA B 40 -21.13 -33.06 -28.48
CA ALA B 40 -20.01 -32.22 -28.07
C ALA B 40 -19.83 -30.96 -28.91
N PRO B 41 -19.74 -31.08 -30.23
CA PRO B 41 -19.44 -29.91 -31.05
C PRO B 41 -20.42 -28.76 -30.89
N LEU B 42 -21.56 -29.07 -30.29
CA LEU B 42 -22.56 -28.02 -29.96
C LEU B 42 -22.48 -27.44 -28.56
N CYS B 43 -21.46 -27.77 -27.78
CA CYS B 43 -21.40 -27.28 -26.41
C CYS B 43 -20.11 -26.51 -26.17
N PRO B 44 -20.13 -25.57 -25.20
CA PRO B 44 -18.94 -24.81 -24.84
C PRO B 44 -17.94 -25.66 -24.07
N TRP B 45 -16.65 -25.44 -24.33
CA TRP B 45 -15.57 -26.11 -23.60
C TRP B 45 -14.52 -25.14 -23.07
N ILE B 46 -14.13 -25.30 -21.80
CA ILE B 46 -13.00 -24.54 -21.28
C ILE B 46 -11.81 -25.46 -21.21
N VAL B 47 -10.84 -25.23 -22.10
CA VAL B 47 -9.72 -26.13 -22.26
C VAL B 47 -8.45 -25.62 -21.58
N LEU B 48 -7.82 -26.50 -20.83
CA LEU B 48 -6.55 -26.21 -20.21
C LEU B 48 -5.43 -26.97 -20.91
N PHE B 49 -4.47 -26.23 -21.47
CA PHE B 49 -3.28 -26.82 -22.07
C PHE B 49 -2.19 -26.77 -21.02
N TYR B 50 -1.54 -27.89 -20.76
CA TYR B 50 -0.54 -27.93 -19.70
C TYR B 50 0.64 -28.81 -20.10
N ASN B 51 1.62 -28.94 -19.20
CA ASN B 51 2.70 -29.89 -19.36
C ASN B 51 2.94 -30.52 -18.01
N ASP B 52 2.89 -31.84 -17.93
CA ASP B 52 3.02 -32.51 -16.66
C ASP B 52 4.39 -32.33 -16.04
N GLY B 53 5.32 -31.80 -16.79
CA GLY B 53 6.64 -31.55 -16.28
C GLY B 53 6.79 -30.20 -15.63
N CYS B 54 5.84 -29.30 -15.86
CA CYS B 54 5.98 -27.91 -15.41
C CYS B 54 5.53 -27.60 -13.98
N GLY B 55 6.37 -26.86 -13.27
CA GLY B 55 6.05 -26.49 -11.91
C GLY B 55 4.71 -25.82 -11.98
N ALA B 56 4.61 -24.77 -12.81
CA ALA B 56 3.38 -24.01 -12.93
C ALA B 56 2.15 -24.90 -13.21
N SER B 57 2.25 -25.77 -14.21
CA SER B 57 1.11 -26.61 -14.60
C SER B 57 0.75 -27.58 -13.52
N ARG B 58 1.76 -28.14 -12.89
CA ARG B 58 1.58 -29.01 -11.75
C ARG B 58 0.71 -28.37 -10.67
N ARG B 59 1.15 -27.20 -10.21
CA ARG B 59 0.47 -26.49 -9.16
C ARG B 59 -0.95 -26.09 -9.57
N TYR B 60 -1.09 -25.57 -10.79
CA TYR B 60 -2.38 -25.07 -11.26
C TYR B 60 -3.42 -26.15 -11.50
N ALA B 61 -3.00 -27.37 -11.75
CA ALA B 61 -3.97 -28.46 -11.94
C ALA B 61 -4.88 -28.64 -10.76
N SER B 62 -4.38 -28.34 -9.54
CA SER B 62 -5.22 -28.28 -8.35
C SER B 62 -6.45 -27.45 -8.65
N THR B 63 -6.24 -26.15 -8.81
CA THR B 63 -7.33 -25.18 -9.02
C THR B 63 -8.33 -25.62 -10.05
N PHE B 64 -7.82 -26.13 -11.17
CA PHE B 64 -8.66 -26.46 -12.31
C PHE B 64 -9.56 -27.61 -11.96
N SER B 65 -9.02 -28.65 -11.33
CA SER B 65 -9.79 -29.83 -10.97
C SER B 65 -10.89 -29.40 -10.03
N LYS B 66 -10.55 -28.44 -9.18
CA LYS B 66 -11.48 -27.93 -8.18
C LYS B 66 -12.57 -27.22 -8.89
N PHE B 67 -12.19 -26.41 -9.86
CA PHE B 67 -13.13 -25.64 -10.68
C PHE B 67 -14.05 -26.54 -11.47
N ALA B 68 -13.51 -27.53 -12.15
CA ALA B 68 -14.36 -28.47 -12.89
C ALA B 68 -15.25 -29.27 -11.94
N GLY B 69 -14.78 -29.49 -10.71
CA GLY B 69 -15.54 -30.21 -9.71
C GLY B 69 -16.87 -29.56 -9.45
N GLY B 70 -16.95 -28.28 -9.75
CA GLY B 70 -18.14 -27.49 -9.50
C GLY B 70 -19.06 -27.53 -10.68
N LEU B 71 -18.58 -28.09 -11.78
CA LEU B 71 -19.37 -28.18 -13.00
C LEU B 71 -20.30 -29.39 -12.97
N LYS B 72 -20.31 -30.13 -11.87
CA LYS B 72 -21.34 -31.15 -11.75
C LYS B 72 -22.40 -30.59 -10.84
N VAL B 73 -23.48 -30.17 -11.47
CA VAL B 73 -24.67 -29.73 -10.77
C VAL B 73 -25.71 -30.13 -11.74
N GLU B 74 -26.83 -30.71 -11.31
CA GLU B 74 -27.62 -31.38 -12.34
C GLU B 74 -28.59 -30.49 -13.00
N HIS B 75 -29.65 -30.17 -12.27
CA HIS B 75 -30.58 -29.27 -12.84
C HIS B 75 -30.39 -28.03 -12.00
N GLY B 76 -29.76 -27.03 -12.60
CA GLY B 76 -29.73 -25.70 -12.05
C GLY B 76 -29.61 -24.80 -13.23
N LYS B 77 -30.13 -23.59 -13.13
CA LYS B 77 -29.97 -22.72 -14.24
C LYS B 77 -28.88 -21.83 -13.84
N ASP B 78 -27.69 -22.24 -14.19
CA ASP B 78 -26.58 -21.36 -14.02
C ASP B 78 -26.00 -21.41 -15.39
N ALA B 79 -25.88 -20.27 -16.03
CA ALA B 79 -25.33 -20.26 -17.38
C ALA B 79 -24.07 -21.12 -17.37
N LEU B 80 -23.31 -21.02 -16.29
CA LEU B 80 -22.01 -21.69 -16.14
C LEU B 80 -22.05 -23.19 -16.33
N GLN B 81 -23.17 -23.81 -15.98
CA GLN B 81 -23.25 -25.26 -15.88
C GLN B 81 -23.32 -25.96 -17.23
N ILE B 82 -23.39 -25.17 -18.30
CA ILE B 82 -23.46 -25.75 -19.62
C ILE B 82 -22.06 -26.00 -20.22
N ALA B 83 -21.07 -25.38 -19.61
CA ALA B 83 -19.68 -25.58 -20.01
C ALA B 83 -19.15 -26.92 -19.53
N THR B 84 -18.08 -27.39 -20.13
CA THR B 84 -17.46 -28.62 -19.72
C THR B 84 -15.94 -28.44 -19.72
N ALA B 85 -15.25 -28.97 -18.72
CA ALA B 85 -13.81 -28.72 -18.64
C ALA B 85 -13.02 -29.80 -19.32
N ALA B 86 -11.95 -29.41 -19.98
CA ALA B 86 -11.07 -30.35 -20.67
C ALA B 86 -9.61 -29.95 -20.57
N ALA B 87 -8.72 -30.89 -20.83
CA ALA B 87 -7.32 -30.60 -20.73
C ALA B 87 -6.49 -31.33 -21.76
N VAL B 88 -5.57 -30.60 -22.38
CA VAL B 88 -4.59 -31.20 -23.26
C VAL B 88 -3.21 -31.17 -22.63
N ASN B 89 -2.58 -32.32 -22.63
CA ASN B 89 -1.20 -32.42 -22.10
C ASN B 89 -0.14 -32.31 -23.20
N CYS B 90 0.71 -31.30 -23.14
CA CYS B 90 1.62 -31.00 -24.24
C CYS B 90 2.89 -31.78 -24.20
N ALA B 91 3.01 -32.68 -23.23
CA ALA B 91 4.15 -33.56 -23.17
C ALA B 91 3.94 -34.77 -24.08
N SER B 92 2.71 -34.95 -24.54
CA SER B 92 2.33 -36.04 -25.43
C SER B 92 1.62 -35.52 -26.64
N GLU B 93 0.54 -34.77 -26.43
CA GLU B 93 -0.25 -34.45 -27.61
C GLU B 93 0.37 -33.20 -28.13
N VAL B 94 1.50 -33.42 -28.73
CA VAL B 94 2.32 -32.38 -29.27
C VAL B 94 1.65 -31.87 -30.53
N ASP B 95 1.02 -32.76 -31.28
CA ASP B 95 0.36 -32.38 -32.51
C ASP B 95 -0.79 -31.39 -32.26
N LEU B 96 -1.71 -31.77 -31.37
CA LEU B 96 -2.80 -30.90 -30.94
C LEU B 96 -2.32 -29.52 -30.55
N CYS B 97 -1.31 -29.47 -29.70
CA CYS B 97 -0.76 -28.20 -29.25
C CYS B 97 -0.16 -27.34 -30.34
N ARG B 98 0.63 -27.92 -31.25
CA ARG B 98 1.25 -27.13 -32.32
C ARG B 98 0.18 -26.44 -33.12
N LYS B 99 -0.94 -27.13 -33.26
CA LYS B 99 -2.06 -26.60 -34.00
C LYS B 99 -2.46 -25.23 -33.46
N TYR B 100 -2.42 -25.07 -32.15
CA TYR B 100 -2.81 -23.81 -31.50
C TYR B 100 -1.67 -22.88 -31.17
N ASP B 101 -0.48 -23.23 -31.62
CA ASP B 101 0.71 -22.43 -31.37
C ASP B 101 0.89 -22.27 -29.91
N ILE B 102 0.60 -23.35 -29.20
CA ILE B 102 0.83 -23.41 -27.77
C ILE B 102 2.27 -23.73 -27.55
N ASN B 103 2.90 -22.96 -26.66
CA ASN B 103 4.31 -23.11 -26.37
C ASN B 103 4.50 -23.11 -24.86
N PHE B 104 4.29 -21.97 -24.22
CA PHE B 104 4.35 -21.96 -22.78
C PHE B 104 3.03 -22.36 -22.17
N VAL B 105 3.10 -22.90 -20.96
CA VAL B 105 1.91 -23.34 -20.27
C VAL B 105 2.00 -22.92 -18.80
N PRO B 106 0.87 -22.98 -18.09
CA PRO B 106 -0.39 -23.48 -18.63
C PRO B 106 -1.05 -22.44 -19.51
N ARG B 107 -2.15 -22.82 -20.15
CA ARG B 107 -2.77 -21.97 -21.12
C ARG B 107 -4.28 -22.25 -21.18
N LEU B 108 -5.13 -21.22 -21.23
CA LEU B 108 -6.58 -21.47 -21.15
C LEU B 108 -7.30 -21.03 -22.37
N PHE B 109 -8.16 -21.89 -22.88
CA PHE B 109 -8.90 -21.59 -24.11
C PHE B 109 -10.36 -21.87 -23.92
N PHE B 110 -11.18 -20.97 -24.44
CA PHE B 110 -12.62 -21.14 -24.42
C PHE B 110 -13.06 -21.52 -25.79
N PHE B 111 -13.73 -22.68 -25.89
CA PHE B 111 -14.23 -23.18 -27.15
C PHE B 111 -15.74 -23.15 -27.15
N TYR B 112 -16.32 -22.68 -28.25
CA TYR B 112 -17.76 -22.69 -28.47
C TYR B 112 -18.07 -23.00 -29.94
N PRO B 113 -19.29 -23.42 -30.20
CA PRO B 113 -19.76 -23.81 -31.51
C PRO B 113 -19.90 -22.58 -32.35
N ARG B 114 -19.59 -22.70 -33.63
CA ARG B 114 -19.64 -21.48 -34.46
C ARG B 114 -21.06 -21.16 -34.91
N ASP B 115 -21.83 -22.20 -35.26
CA ASP B 115 -23.21 -22.11 -35.76
C ASP B 115 -23.34 -21.18 -36.97
N SER B 127 -16.01 -27.46 -36.99
CA SER B 127 -14.97 -27.08 -36.03
C SER B 127 -15.43 -25.94 -35.09
N LEU B 128 -15.00 -26.00 -33.83
CA LEU B 128 -15.33 -24.96 -32.83
C LEU B 128 -14.46 -23.68 -32.87
N GLU B 129 -15.07 -22.56 -32.45
CA GLU B 129 -14.41 -21.27 -32.37
C GLU B 129 -13.63 -21.23 -31.08
N HIS B 130 -12.53 -20.49 -31.06
CA HIS B 130 -11.76 -20.46 -29.83
C HIS B 130 -11.48 -19.04 -29.39
N VAL B 131 -11.29 -18.90 -28.09
CA VAL B 131 -10.95 -17.63 -27.51
C VAL B 131 -9.76 -17.81 -26.56
N ALA B 132 -8.64 -17.13 -26.84
CA ALA B 132 -7.46 -17.27 -26.00
C ALA B 132 -7.57 -16.37 -24.77
N PHE B 133 -7.46 -16.97 -23.60
CA PHE B 133 -7.50 -16.23 -22.36
C PHE B 133 -6.27 -15.36 -22.22
N GLU B 134 -6.47 -14.05 -22.03
CA GLU B 134 -5.41 -13.08 -21.72
C GLU B 134 -4.57 -13.68 -20.60
N ASN B 135 -5.20 -13.86 -19.44
CA ASN B 135 -4.53 -14.37 -18.28
C ASN B 135 -5.03 -15.75 -18.01
N SER B 136 -4.11 -16.70 -18.05
CA SER B 136 -4.44 -18.10 -17.84
C SER B 136 -4.23 -18.54 -16.40
N HIS B 137 -3.71 -17.69 -15.54
CA HIS B 137 -3.61 -18.08 -14.16
C HIS B 137 -4.77 -17.42 -13.43
N LEU B 138 -5.77 -18.23 -13.14
CA LEU B 138 -7.03 -17.71 -12.65
C LEU B 138 -7.58 -18.52 -11.47
N GLU B 139 -7.92 -17.78 -10.42
CA GLU B 139 -8.49 -18.34 -9.18
C GLU B 139 -9.81 -19.02 -9.53
N VAL B 140 -10.20 -20.00 -8.73
CA VAL B 140 -11.44 -20.70 -9.01
C VAL B 140 -12.60 -19.72 -9.33
N ASP B 141 -12.86 -18.67 -8.55
CA ASP B 141 -13.99 -17.78 -8.89
C ASP B 141 -13.79 -17.03 -10.18
N GLU B 142 -12.64 -16.41 -10.34
CA GLU B 142 -12.40 -15.62 -11.53
C GLU B 142 -12.60 -16.53 -12.73
N LEU B 143 -12.20 -17.78 -12.60
CA LEU B 143 -12.39 -18.76 -13.64
C LEU B 143 -13.86 -18.92 -13.90
N GLU B 144 -14.65 -19.13 -12.86
CA GLU B 144 -16.09 -19.21 -13.00
C GLU B 144 -16.67 -17.92 -13.61
N SER B 145 -16.38 -16.79 -12.99
CA SER B 145 -16.84 -15.49 -13.47
C SER B 145 -16.59 -15.38 -14.97
N GLU B 146 -15.42 -15.78 -15.43
CA GLU B 146 -15.09 -15.68 -16.86
C GLU B 146 -15.86 -16.67 -17.76
N VAL B 147 -15.88 -17.94 -17.40
CA VAL B 147 -16.57 -18.94 -18.20
C VAL B 147 -18.02 -18.53 -18.30
N ARG B 148 -18.62 -18.14 -17.19
CA ARG B 148 -20.00 -17.66 -17.21
C ARG B 148 -20.12 -16.59 -18.26
N ARG B 149 -19.38 -15.50 -18.07
CA ARG B 149 -19.45 -14.34 -18.94
C ARG B 149 -19.38 -14.74 -20.40
N LEU B 150 -18.47 -15.64 -20.72
CA LEU B 150 -18.20 -16.02 -22.09
C LEU B 150 -19.31 -16.86 -22.66
N VAL B 151 -19.88 -17.74 -21.86
CA VAL B 151 -20.97 -18.55 -22.35
C VAL B 151 -22.12 -17.64 -22.74
N ASN B 152 -22.44 -16.70 -21.87
CA ASN B 152 -23.50 -15.73 -22.14
C ASN B 152 -23.29 -14.95 -23.41
N LYS B 153 -22.03 -14.63 -23.69
CA LYS B 153 -21.64 -13.80 -24.85
C LYS B 153 -21.68 -14.54 -26.17
N HIS B 154 -21.18 -15.77 -26.20
CA HIS B 154 -21.12 -16.55 -27.43
C HIS B 154 -22.21 -17.58 -27.60
N MET B 155 -23.08 -17.69 -26.61
CA MET B 155 -24.14 -18.67 -26.71
C MET B 155 -25.49 -18.00 -26.65
N VAL B 156 -26.49 -18.67 -27.18
CA VAL B 156 -27.85 -18.27 -26.92
C VAL B 156 -28.33 -19.23 -25.85
N VAL B 157 -28.58 -18.69 -24.67
CA VAL B 157 -28.70 -19.53 -23.49
C VAL B 157 -30.14 -20.02 -23.33
N ASP B 158 -30.33 -21.32 -23.54
CA ASP B 158 -31.63 -22.00 -23.54
C ASP B 158 -31.99 -22.69 -22.24
N ASP B 159 -33.03 -23.49 -22.35
CA ASP B 159 -33.24 -24.62 -21.49
C ASP B 159 -32.93 -25.80 -22.39
N SER B 160 -33.56 -25.84 -23.56
CA SER B 160 -33.35 -26.90 -24.53
C SER B 160 -31.86 -27.19 -24.71
N LEU B 161 -31.07 -26.12 -24.72
CA LEU B 161 -29.61 -26.25 -24.79
C LEU B 161 -28.96 -26.62 -23.46
N LYS B 162 -29.34 -25.90 -22.40
CA LYS B 162 -28.83 -26.10 -21.03
C LYS B 162 -28.88 -27.55 -20.58
N GLU B 163 -29.97 -28.24 -20.83
CA GLU B 163 -30.10 -29.63 -20.37
C GLU B 163 -29.32 -30.56 -21.28
N ARG B 164 -29.26 -30.16 -22.55
CA ARG B 164 -28.63 -30.90 -23.60
C ARG B 164 -27.18 -31.15 -23.29
N CYS B 165 -26.53 -30.08 -22.85
CA CYS B 165 -25.12 -30.14 -22.53
C CYS B 165 -24.91 -30.83 -21.21
N ILE B 166 -25.64 -30.39 -20.18
CA ILE B 166 -25.49 -31.02 -18.87
C ILE B 166 -25.72 -32.51 -18.98
N ASP B 167 -26.36 -32.95 -20.04
CA ASP B 167 -26.57 -34.37 -20.27
C ASP B 167 -25.25 -35.04 -20.66
N MET B 168 -24.65 -34.64 -21.78
CA MET B 168 -23.48 -35.33 -22.31
C MET B 168 -22.36 -35.10 -21.34
N HIS B 169 -22.38 -33.88 -20.85
CA HIS B 169 -21.49 -33.40 -19.80
C HIS B 169 -21.43 -34.40 -18.66
N PHE B 170 -22.57 -34.99 -18.28
CA PHE B 170 -22.58 -36.06 -17.27
C PHE B 170 -22.22 -37.45 -17.80
N LYS B 171 -22.72 -37.81 -18.97
CA LYS B 171 -22.41 -39.13 -19.51
C LYS B 171 -20.90 -39.29 -19.59
N LEU B 172 -20.18 -38.18 -19.75
CA LEU B 172 -18.73 -38.22 -19.77
C LEU B 172 -18.21 -38.36 -18.37
N TYR B 173 -18.80 -37.62 -17.42
CA TYR B 173 -18.36 -37.67 -16.03
C TYR B 173 -18.46 -39.05 -15.43
N THR B 174 -19.66 -39.61 -15.48
CA THR B 174 -19.91 -40.91 -14.89
C THR B 174 -19.14 -42.02 -15.63
N SER B 175 -19.01 -41.87 -16.94
CA SER B 175 -18.32 -42.86 -17.76
C SER B 175 -16.81 -42.89 -17.49
N LYS B 176 -16.21 -41.72 -17.29
CA LYS B 176 -14.78 -41.64 -16.98
C LYS B 176 -14.56 -42.13 -15.59
N GLU B 177 -15.63 -42.13 -14.80
CA GLU B 177 -15.57 -42.63 -13.45
C GLU B 177 -15.24 -44.13 -13.41
N GLU B 178 -15.55 -44.85 -14.49
CA GLU B 178 -15.22 -46.27 -14.58
C GLU B 178 -13.77 -46.50 -14.71
N LEU B 179 -13.22 -45.79 -15.69
CA LEU B 179 -11.83 -45.92 -15.97
C LEU B 179 -11.01 -45.75 -14.72
N VAL B 180 -11.41 -44.80 -13.87
CA VAL B 180 -10.70 -44.52 -12.63
C VAL B 180 -10.93 -45.59 -11.54
N LYS B 181 -12.20 -45.97 -11.34
CA LYS B 181 -12.57 -47.04 -10.38
C LYS B 181 -11.86 -48.36 -10.75
N ARG B 182 -11.54 -48.54 -12.04
CA ARG B 182 -10.73 -49.65 -12.52
C ARG B 182 -9.23 -49.32 -12.49
N SER B 183 -8.94 -48.08 -12.07
CA SER B 183 -7.58 -47.54 -12.06
C SER B 183 -6.87 -47.55 -10.69
N VAL B 184 -7.51 -48.04 -9.63
CA VAL B 184 -6.82 -48.03 -8.33
C VAL B 184 -6.94 -49.37 -7.57
N SER B 190 2.08 -51.19 -4.91
CA SER B 190 1.49 -52.42 -4.37
C SER B 190 1.83 -52.63 -2.89
N GLY B 191 3.13 -52.52 -2.55
CA GLY B 191 3.59 -52.42 -1.18
C GLY B 191 3.82 -50.94 -0.85
N ARG B 192 4.82 -50.65 -0.01
CA ARG B 192 5.19 -49.26 0.27
C ARG B 192 6.29 -48.73 -0.68
N PHE B 193 5.99 -47.61 -1.34
CA PHE B 193 6.98 -46.97 -2.21
C PHE B 193 8.31 -46.76 -1.53
N VAL B 194 9.39 -46.98 -2.27
CA VAL B 194 10.73 -46.63 -1.80
C VAL B 194 11.53 -45.96 -2.91
N GLU B 195 11.97 -44.73 -2.66
CA GLU B 195 12.74 -43.95 -3.61
C GLU B 195 14.07 -44.63 -3.94
N THR B 196 14.35 -44.79 -5.25
CA THR B 196 15.62 -45.35 -5.72
C THR B 196 16.58 -44.21 -5.90
N THR B 197 17.65 -44.16 -5.10
CA THR B 197 18.56 -43.02 -5.16
C THR B 197 19.84 -43.21 -5.96
N GLU B 198 20.08 -44.39 -6.52
CA GLU B 198 21.26 -44.56 -7.33
C GLU B 198 20.97 -43.94 -8.67
N LEU B 199 21.98 -43.81 -9.51
CA LEU B 199 21.81 -43.21 -10.83
C LEU B 199 21.94 -44.27 -11.90
N TYR B 200 20.97 -44.30 -12.82
CA TYR B 200 20.99 -45.28 -13.90
C TYR B 200 20.95 -44.57 -15.21
N ALA B 201 21.79 -44.99 -16.14
CA ALA B 201 21.84 -44.33 -17.43
C ALA B 201 20.44 -44.29 -18.03
N THR B 202 19.67 -45.37 -17.88
CA THR B 202 18.37 -45.49 -18.53
C THR B 202 17.48 -44.30 -18.22
N ASP B 203 17.77 -43.64 -17.12
CA ASP B 203 17.14 -42.38 -16.72
C ASP B 203 17.69 -41.18 -17.48
N ILE B 204 19.01 -41.08 -17.56
CA ILE B 204 19.58 -40.00 -18.36
C ILE B 204 19.18 -40.12 -19.81
N ALA B 205 19.20 -41.33 -20.35
CA ALA B 205 18.85 -41.50 -21.74
C ALA B 205 17.39 -41.16 -21.91
N GLY B 206 16.55 -41.67 -21.01
CA GLY B 206 15.12 -41.39 -21.07
C GLY B 206 14.89 -39.89 -21.21
N ALA B 207 15.65 -39.14 -20.43
CA ALA B 207 15.58 -37.70 -20.50
C ALA B 207 15.94 -37.21 -21.89
N PHE B 208 17.05 -37.67 -22.40
CA PHE B 208 17.49 -37.20 -23.71
C PHE B 208 16.46 -37.55 -24.74
N PHE B 209 15.98 -38.79 -24.71
CA PHE B 209 14.97 -39.18 -25.67
C PHE B 209 13.76 -38.27 -25.56
N SER B 210 13.19 -38.20 -24.36
CA SER B 210 12.02 -37.36 -24.14
C SER B 210 12.23 -35.95 -24.66
N ALA B 211 13.38 -35.35 -24.37
CA ALA B 211 13.66 -34.01 -24.86
C ALA B 211 13.61 -33.89 -26.38
N MET B 212 14.37 -34.72 -27.07
CA MET B 212 14.41 -34.63 -28.50
C MET B 212 13.04 -34.96 -29.06
N HIS B 213 12.43 -36.02 -28.52
CA HIS B 213 11.26 -36.61 -29.15
C HIS B 213 10.03 -35.80 -28.91
N TYR B 214 9.91 -35.22 -27.74
CA TYR B 214 8.74 -34.40 -27.43
C TYR B 214 9.00 -32.91 -27.44
N ASP B 215 9.89 -32.47 -26.57
CA ASP B 215 10.13 -31.05 -26.39
C ASP B 215 10.67 -30.32 -27.60
N VAL B 216 11.56 -30.93 -28.39
CA VAL B 216 11.99 -30.32 -29.64
C VAL B 216 10.84 -30.28 -30.62
N SER B 217 9.99 -31.30 -30.56
CA SER B 217 8.95 -31.46 -31.56
C SER B 217 7.92 -30.39 -31.47
N LEU B 218 7.54 -30.08 -30.26
CA LEU B 218 6.48 -29.13 -30.04
C LEU B 218 6.87 -27.79 -30.64
N VAL B 219 8.12 -27.39 -30.44
CA VAL B 219 8.56 -26.04 -30.79
C VAL B 219 9.21 -25.86 -32.19
N GLY B 220 9.54 -26.98 -32.85
CA GLY B 220 10.26 -26.92 -34.11
C GLY B 220 11.67 -26.36 -34.07
N THR B 221 12.29 -26.18 -35.23
CA THR B 221 13.69 -25.69 -35.34
C THR B 221 13.91 -24.21 -35.67
N GLU B 222 12.86 -23.41 -35.72
CA GLU B 222 13.00 -22.00 -36.07
C GLU B 222 12.56 -21.00 -34.97
N PRO B 223 13.13 -19.79 -34.95
CA PRO B 223 14.12 -19.29 -35.91
C PRO B 223 15.46 -19.98 -35.73
N ARG B 224 16.46 -19.38 -36.38
CA ARG B 224 17.79 -19.91 -36.55
C ARG B 224 18.55 -20.08 -35.22
N GLU B 225 18.27 -19.14 -34.31
CA GLU B 225 18.93 -19.08 -33.00
C GLU B 225 18.56 -20.33 -32.21
N ARG B 226 17.31 -20.76 -32.39
CA ARG B 226 16.86 -22.01 -31.79
C ARG B 226 17.58 -23.22 -32.38
N LEU B 227 17.64 -23.28 -33.70
CA LEU B 227 18.33 -24.37 -34.36
C LEU B 227 19.74 -24.41 -33.84
N THR B 228 20.39 -23.25 -33.86
CA THR B 228 21.75 -23.15 -33.34
C THR B 228 21.82 -23.78 -31.97
N ALA B 229 20.96 -23.32 -31.05
CA ALA B 229 20.94 -23.83 -29.69
C ALA B 229 20.84 -25.34 -29.68
N LEU B 230 19.93 -25.86 -30.50
CA LEU B 230 19.68 -27.28 -30.59
C LEU B 230 20.89 -28.06 -31.09
N GLU B 231 21.54 -27.54 -32.14
CA GLU B 231 22.70 -28.22 -32.71
C GLU B 231 23.86 -28.31 -31.71
N ASP B 232 24.15 -27.19 -31.06
CA ASP B 232 25.22 -27.10 -30.07
C ASP B 232 25.00 -28.02 -28.89
N PHE B 233 23.75 -28.20 -28.54
CA PHE B 233 23.40 -29.05 -27.42
C PHE B 233 23.62 -30.49 -27.84
N VAL B 234 22.90 -30.92 -28.85
CA VAL B 234 23.04 -32.28 -29.32
C VAL B 234 24.48 -32.62 -29.61
N LEU B 235 25.17 -31.75 -30.30
CA LEU B 235 26.58 -32.03 -30.51
C LEU B 235 27.29 -32.22 -29.21
N LEU B 236 27.08 -31.32 -28.27
CA LEU B 236 27.74 -31.50 -26.98
C LEU B 236 27.32 -32.79 -26.27
N VAL B 237 26.12 -33.28 -26.54
CA VAL B 237 25.71 -34.54 -25.94
C VAL B 237 26.48 -35.67 -26.56
N LYS B 238 26.48 -35.70 -27.89
CA LYS B 238 27.19 -36.75 -28.65
C LYS B 238 28.65 -36.93 -28.23
N ASP B 239 29.29 -35.84 -27.83
CA ASP B 239 30.71 -35.82 -27.45
C ASP B 239 30.96 -36.24 -26.01
N SER B 240 30.08 -35.77 -25.13
CA SER B 240 30.22 -36.03 -23.71
C SER B 240 29.74 -37.41 -23.35
N LEU B 241 28.61 -37.81 -23.90
CA LEU B 241 28.00 -39.09 -23.53
C LEU B 241 27.93 -39.99 -24.73
N PRO B 242 29.02 -40.69 -25.00
CA PRO B 242 29.13 -41.55 -26.18
C PRO B 242 28.15 -42.73 -26.16
N SER B 243 27.58 -43.03 -27.32
CA SER B 243 26.58 -44.09 -27.45
C SER B 243 25.39 -43.87 -26.55
N ILE B 244 24.91 -42.63 -26.50
CA ILE B 244 23.59 -42.36 -25.96
C ILE B 244 22.63 -42.22 -27.15
N GLY B 245 23.19 -42.40 -28.35
CA GLY B 245 22.37 -42.32 -29.55
C GLY B 245 22.17 -40.89 -29.96
N ALA B 246 23.16 -40.07 -29.65
CA ALA B 246 23.10 -38.70 -30.10
C ALA B 246 23.44 -38.68 -31.58
N ASP B 247 24.37 -39.53 -32.01
CA ASP B 247 24.84 -39.54 -33.40
C ASP B 247 23.64 -39.59 -34.31
N GLY B 248 22.77 -40.56 -34.05
CA GLY B 248 21.56 -40.72 -34.83
C GLY B 248 20.75 -39.44 -34.92
N VAL B 249 20.67 -38.73 -33.80
CA VAL B 249 19.93 -37.47 -33.76
C VAL B 249 20.62 -36.36 -34.56
N VAL B 250 21.94 -36.24 -34.39
CA VAL B 250 22.70 -35.28 -35.15
C VAL B 250 22.41 -35.45 -36.62
N SER B 251 22.51 -36.68 -37.12
CA SER B 251 22.24 -36.98 -38.54
C SER B 251 20.89 -36.39 -38.98
N ALA B 252 19.86 -36.70 -38.20
CA ALA B 252 18.53 -36.16 -38.43
C ALA B 252 18.50 -34.64 -38.45
N LEU B 253 19.46 -34.00 -37.78
CA LEU B 253 19.46 -32.56 -37.66
C LEU B 253 20.02 -31.84 -38.88
N GLU B 254 20.92 -32.48 -39.62
CA GLU B 254 21.41 -31.92 -40.90
C GLU B 254 20.53 -32.34 -42.08
N SER B 255 19.66 -33.33 -41.86
CA SER B 255 18.70 -33.77 -42.86
C SER B 255 17.73 -32.66 -43.18
N ILE B 256 17.45 -31.79 -42.21
CA ILE B 256 16.54 -30.68 -42.45
C ILE B 256 17.18 -29.64 -43.29
N THR B 257 16.47 -29.31 -44.37
CA THR B 257 16.94 -28.45 -45.42
C THR B 257 15.74 -27.69 -45.93
N ALA B 258 15.97 -26.86 -46.95
CA ALA B 258 14.90 -26.16 -47.63
C ALA B 258 13.86 -27.15 -48.14
N GLU B 259 14.40 -28.17 -48.82
CA GLU B 259 13.69 -29.21 -49.56
C GLU B 259 13.04 -30.26 -48.67
N ARG B 260 13.61 -30.39 -47.48
CA ARG B 260 13.22 -31.42 -46.53
C ARG B 260 13.12 -30.66 -45.21
N PRO B 261 12.09 -29.82 -45.07
CA PRO B 261 12.05 -28.98 -43.88
C PRO B 261 11.65 -29.84 -42.71
N PHE B 262 11.67 -29.28 -41.51
CA PHE B 262 11.33 -30.03 -40.33
C PHE B 262 9.83 -30.33 -40.27
N THR B 263 9.49 -31.57 -39.92
CA THR B 263 8.10 -31.93 -39.68
C THR B 263 8.07 -32.89 -38.50
N VAL B 264 7.07 -32.75 -37.64
CA VAL B 264 6.97 -33.61 -36.46
C VAL B 264 7.08 -35.10 -36.79
N ALA B 265 6.31 -35.53 -37.80
CA ALA B 265 6.32 -36.92 -38.24
C ALA B 265 7.73 -37.36 -38.54
N SER B 266 8.38 -36.63 -39.44
CA SER B 266 9.67 -37.06 -39.94
C SER B 266 10.67 -37.07 -38.81
N TRP B 267 10.56 -36.07 -37.94
CA TRP B 267 11.55 -35.86 -36.89
C TRP B 267 11.47 -36.89 -35.78
N GLN B 268 10.26 -37.06 -35.27
CA GLN B 268 10.06 -38.09 -34.26
C GLN B 268 10.52 -39.45 -34.77
N ASP B 269 10.26 -39.73 -36.05
CA ASP B 269 10.70 -40.99 -36.62
C ASP B 269 12.21 -41.10 -36.47
N ALA B 270 12.89 -40.06 -36.95
CA ALA B 270 14.34 -40.02 -36.94
C ALA B 270 14.86 -40.33 -35.55
N VAL B 271 14.19 -39.77 -34.56
CA VAL B 271 14.64 -39.91 -33.18
C VAL B 271 14.50 -41.31 -32.59
N VAL B 272 13.37 -41.95 -32.89
CA VAL B 272 13.15 -43.32 -32.40
C VAL B 272 14.23 -44.21 -32.99
N LYS B 273 14.63 -43.90 -34.20
CA LYS B 273 15.54 -44.76 -34.93
C LYS B 273 17.00 -44.43 -34.63
N SER B 274 17.19 -43.53 -33.70
CA SER B 274 18.54 -43.14 -33.35
C SER B 274 19.07 -44.16 -32.37
N GLY B 275 18.15 -44.90 -31.79
CA GLY B 275 18.51 -45.97 -30.87
C GLY B 275 19.02 -45.42 -29.56
N ILE B 276 18.36 -44.36 -29.08
CA ILE B 276 18.67 -43.84 -27.76
C ILE B 276 18.29 -44.94 -26.79
N PRO B 277 19.22 -45.31 -25.90
CA PRO B 277 19.04 -46.48 -25.04
C PRO B 277 18.19 -46.21 -23.84
N PHE B 278 16.98 -45.68 -24.00
CA PHE B 278 16.14 -45.49 -22.83
C PHE B 278 15.37 -46.73 -22.52
N ASP B 279 14.43 -46.62 -21.60
CA ASP B 279 13.67 -47.78 -21.25
C ASP B 279 12.18 -47.50 -21.33
N GLY B 280 11.44 -48.43 -21.94
CA GLY B 280 10.01 -48.28 -22.17
C GLY B 280 9.70 -47.98 -23.62
N SER B 281 8.44 -47.62 -23.91
CA SER B 281 8.06 -47.22 -25.25
C SER B 281 8.17 -45.71 -25.42
N PRO B 282 8.32 -45.25 -26.67
CA PRO B 282 8.37 -43.80 -26.90
C PRO B 282 7.20 -43.17 -26.19
N ARG B 283 6.03 -43.76 -26.41
CA ARG B 283 4.80 -43.21 -25.87
C ARG B 283 4.84 -43.13 -24.36
N ASN B 284 5.55 -44.06 -23.76
CA ASN B 284 5.63 -44.10 -22.32
C ASN B 284 7.00 -44.43 -21.80
N VAL B 285 7.73 -43.46 -21.29
CA VAL B 285 9.11 -43.69 -20.89
C VAL B 285 9.12 -44.23 -19.46
N ARG B 286 10.14 -45.02 -19.16
CA ARG B 286 10.31 -45.65 -17.85
C ARG B 286 11.46 -45.09 -17.07
N TRP B 287 11.16 -44.50 -15.92
CA TRP B 287 12.17 -43.92 -15.05
C TRP B 287 12.44 -44.86 -13.94
N ARG B 288 13.68 -44.85 -13.49
CA ARG B 288 14.02 -45.57 -12.28
C ARG B 288 14.39 -44.58 -11.19
N THR B 289 15.52 -43.93 -11.31
CA THR B 289 15.93 -43.04 -10.22
C THR B 289 14.94 -41.92 -10.04
N CYS B 290 14.26 -41.59 -11.12
CA CYS B 290 13.32 -40.48 -11.16
C CYS B 290 11.90 -40.92 -10.93
N ARG B 291 11.76 -42.20 -10.60
CA ARG B 291 10.47 -42.79 -10.41
C ARG B 291 9.83 -42.23 -9.14
N GLY B 292 8.59 -41.79 -9.25
CA GLY B 292 7.92 -41.21 -8.10
C GLY B 292 6.93 -42.14 -7.42
N SER B 293 6.42 -41.73 -6.25
CA SER B 293 5.46 -42.52 -5.49
C SER B 293 4.19 -42.66 -6.27
N SER B 294 4.04 -41.84 -7.30
CA SER B 294 2.89 -41.95 -8.17
C SER B 294 3.27 -41.43 -9.55
N PRO B 295 2.63 -41.96 -10.58
CA PRO B 295 2.99 -41.64 -11.95
C PRO B 295 3.12 -40.17 -12.29
N GLN B 296 2.29 -39.31 -11.72
CA GLN B 296 2.32 -37.91 -12.13
C GLN B 296 3.39 -37.12 -11.39
N TYR B 297 4.22 -37.83 -10.63
CA TYR B 297 5.36 -37.22 -9.95
C TYR B 297 6.73 -37.52 -10.58
N ARG B 298 7.62 -36.56 -10.44
CA ARG B 298 8.95 -36.75 -10.95
C ARG B 298 8.92 -37.10 -12.42
N GLY B 299 9.73 -38.04 -12.84
CA GLY B 299 9.88 -38.32 -14.26
C GLY B 299 10.74 -37.32 -15.01
N PHE B 300 10.28 -36.91 -16.19
CA PHE B 300 11.10 -36.10 -17.09
C PHE B 300 11.89 -34.98 -16.42
N PRO B 301 11.23 -34.08 -15.69
CA PRO B 301 11.98 -32.95 -15.16
C PRO B 301 13.19 -33.41 -14.36
N CYS B 302 13.03 -34.53 -13.68
CA CYS B 302 14.06 -35.06 -12.84
C CYS B 302 15.20 -35.58 -13.71
N GLY B 303 14.85 -36.42 -14.67
CA GLY B 303 15.82 -36.90 -15.63
C GLY B 303 16.58 -35.77 -16.31
N MET B 304 15.83 -34.79 -16.76
CA MET B 304 16.45 -33.64 -17.37
C MET B 304 17.61 -33.12 -16.56
N TRP B 305 17.46 -33.04 -15.23
CA TRP B 305 18.50 -32.51 -14.36
C TRP B 305 19.64 -33.45 -14.47
N LEU B 306 19.34 -34.73 -14.35
CA LEU B 306 20.43 -35.70 -14.35
C LEU B 306 21.25 -35.47 -15.59
N LEU B 307 20.57 -35.41 -16.73
CA LEU B 307 21.26 -35.20 -17.97
C LEU B 307 22.16 -33.97 -17.91
N LEU B 308 21.60 -32.85 -17.49
CA LEU B 308 22.38 -31.62 -17.40
C LEU B 308 23.61 -31.78 -16.51
N HIS B 309 23.48 -32.49 -15.43
CA HIS B 309 24.64 -32.68 -14.62
C HIS B 309 25.63 -33.55 -15.36
N ALA B 310 25.13 -34.65 -15.90
CA ALA B 310 25.99 -35.55 -16.67
C ALA B 310 26.75 -34.77 -17.73
N LEU B 311 26.13 -33.77 -18.32
CA LEU B 311 26.86 -32.93 -19.26
C LEU B 311 28.00 -32.20 -18.58
N THR B 312 27.76 -31.56 -17.45
CA THR B 312 28.82 -30.79 -16.82
C THR B 312 30.02 -31.65 -16.49
N VAL B 313 29.75 -32.88 -16.04
CA VAL B 313 30.83 -33.82 -15.68
C VAL B 313 31.63 -34.41 -16.86
N ASN B 314 30.95 -34.79 -17.93
CA ASN B 314 31.55 -35.49 -19.05
C ASN B 314 31.94 -34.65 -20.29
N THR B 315 31.77 -33.34 -20.22
CA THR B 315 32.12 -32.44 -21.32
C THR B 315 33.57 -32.55 -21.69
N PRO B 316 33.84 -32.60 -23.01
CA PRO B 316 35.18 -32.31 -23.48
C PRO B 316 35.44 -30.92 -22.98
N ALA B 317 36.69 -30.52 -22.87
CA ALA B 317 36.97 -29.19 -22.34
C ALA B 317 36.71 -28.09 -23.36
N ASP B 318 36.23 -26.95 -22.89
CA ASP B 318 35.93 -25.80 -23.72
C ASP B 318 34.75 -25.95 -24.66
N ARG B 319 33.73 -26.72 -24.29
CA ARG B 319 32.47 -26.67 -25.03
C ARG B 319 31.53 -25.67 -24.43
N ASN B 320 31.89 -25.18 -23.24
CA ASN B 320 31.01 -24.32 -22.42
C ASN B 320 29.84 -24.87 -21.63
N VAL B 321 29.30 -26.04 -21.98
CA VAL B 321 28.30 -26.65 -21.10
C VAL B 321 27.26 -25.67 -20.67
N LEU B 322 27.47 -25.16 -19.47
CA LEU B 322 26.59 -24.16 -18.90
C LEU B 322 26.17 -23.11 -19.92
N GLU B 323 27.12 -22.52 -20.64
CA GLU B 323 26.73 -21.67 -21.77
C GLU B 323 25.74 -22.37 -22.73
N VAL B 324 26.08 -23.55 -23.27
CA VAL B 324 25.19 -24.33 -24.14
C VAL B 324 23.85 -24.71 -23.50
N ILE B 325 23.94 -25.33 -22.33
CA ILE B 325 22.78 -25.77 -21.58
C ILE B 325 21.76 -24.66 -21.39
N GLN B 326 22.20 -23.56 -20.81
CA GLN B 326 21.34 -22.40 -20.70
C GLN B 326 20.62 -22.08 -22.01
N ASN B 327 21.36 -22.08 -23.09
CA ASN B 327 20.83 -21.63 -24.35
C ASN B 327 19.92 -22.68 -24.98
N TYR B 328 20.09 -23.94 -24.60
CA TYR B 328 19.12 -24.97 -25.03
C TYR B 328 17.84 -24.73 -24.27
N ILE B 329 17.95 -24.61 -22.95
CA ILE B 329 16.79 -24.35 -22.10
C ILE B 329 16.07 -23.13 -22.61
N ARG B 330 16.81 -22.18 -23.16
CA ARG B 330 16.18 -20.98 -23.71
C ARG B 330 15.11 -21.34 -24.73
N TYR B 331 15.50 -22.04 -25.78
CA TYR B 331 14.54 -22.34 -26.84
C TYR B 331 13.82 -23.67 -26.79
N PHE B 332 14.26 -24.59 -25.93
CA PHE B 332 13.54 -25.86 -25.77
C PHE B 332 12.71 -26.20 -24.50
N PHE B 333 12.71 -25.34 -23.50
CA PHE B 333 12.08 -25.72 -22.26
C PHE B 333 10.74 -25.03 -22.29
N SER B 334 9.67 -25.80 -22.18
CA SER B 334 8.34 -25.20 -22.30
C SER B 334 7.68 -24.80 -21.00
N CYS B 335 8.39 -24.96 -19.91
CA CYS B 335 7.93 -24.58 -18.58
C CYS B 335 8.42 -23.20 -18.32
N LYS B 336 7.50 -22.23 -18.33
CA LYS B 336 7.93 -20.83 -18.49
C LYS B 336 8.45 -20.26 -17.20
N GLU B 337 7.77 -20.59 -16.10
CA GLU B 337 8.22 -20.17 -14.78
C GLU B 337 9.69 -20.53 -14.71
N SER B 338 9.96 -21.80 -15.00
CA SER B 338 11.22 -22.45 -14.73
C SER B 338 12.31 -21.99 -15.64
N ARG B 339 11.99 -21.88 -16.91
CA ARG B 339 13.00 -21.55 -17.90
C ARG B 339 13.51 -20.16 -17.63
N ASP B 340 12.62 -19.31 -17.14
CA ASP B 340 12.95 -17.90 -17.03
C ASP B 340 14.11 -17.59 -16.09
N HIS B 341 14.10 -18.00 -14.82
CA HIS B 341 15.23 -17.69 -13.96
C HIS B 341 16.45 -18.46 -14.33
N PHE B 342 16.23 -19.55 -15.04
CA PHE B 342 17.35 -20.44 -15.27
C PHE B 342 18.27 -19.85 -16.28
N ILE B 343 17.70 -19.20 -17.28
CA ILE B 343 18.50 -18.55 -18.29
C ILE B 343 19.11 -17.25 -17.77
N GLN B 344 18.69 -16.79 -16.59
CA GLN B 344 19.27 -15.62 -15.97
C GLN B 344 20.41 -15.92 -15.00
N PHE B 345 20.66 -17.19 -14.68
CA PHE B 345 21.75 -17.53 -13.77
C PHE B 345 22.98 -16.95 -14.37
N ASN B 346 23.93 -16.46 -13.59
CA ASN B 346 25.12 -15.88 -14.19
C ASN B 346 26.31 -16.81 -14.05
N PHE B 347 26.61 -17.56 -15.10
CA PHE B 347 27.67 -18.54 -14.98
C PHE B 347 28.92 -17.95 -15.59
N SER B 348 29.94 -17.72 -14.79
CA SER B 348 31.22 -17.30 -15.32
C SER B 348 31.98 -18.53 -15.72
N PRO B 349 32.50 -18.59 -16.96
CA PRO B 349 33.31 -19.78 -17.12
C PRO B 349 34.76 -19.63 -16.66
N ASN B 350 35.00 -19.08 -15.48
CA ASN B 350 36.33 -19.29 -14.91
C ASN B 350 36.33 -20.71 -14.29
N GLU B 351 35.23 -21.07 -13.65
CA GLU B 351 35.18 -22.23 -12.78
C GLU B 351 34.34 -23.41 -13.14
N ASP B 352 34.36 -24.37 -12.23
CA ASP B 352 33.85 -25.67 -12.54
C ASP B 352 32.40 -25.58 -12.86
N PRO B 353 32.07 -25.95 -14.10
CA PRO B 353 30.68 -26.03 -14.50
C PRO B 353 30.01 -26.88 -13.46
N VAL B 354 30.66 -27.97 -13.14
CA VAL B 354 30.05 -28.97 -12.30
C VAL B 354 29.56 -28.39 -10.97
N LEU B 355 30.41 -27.62 -10.31
CA LEU B 355 30.09 -27.02 -9.02
C LEU B 355 28.93 -26.05 -9.16
N GLN B 356 29.10 -25.10 -10.07
CA GLN B 356 28.06 -24.12 -10.41
C GLN B 356 26.64 -24.66 -10.67
N LEU B 357 26.50 -25.52 -11.68
CA LEU B 357 25.24 -26.19 -11.86
C LEU B 357 24.78 -26.89 -10.58
N TRP B 358 25.69 -27.49 -9.84
CA TRP B 358 25.34 -28.10 -8.56
C TRP B 358 24.71 -27.08 -7.61
N ARG B 359 25.34 -25.93 -7.48
CA ARG B 359 24.80 -24.84 -6.68
C ARG B 359 23.46 -24.42 -7.19
N ALA B 360 23.36 -24.21 -8.51
CA ALA B 360 22.13 -23.80 -9.15
C ALA B 360 21.02 -24.79 -8.80
N HIS B 361 21.25 -26.07 -9.04
CA HIS B 361 20.20 -27.03 -8.83
C HIS B 361 19.80 -26.93 -7.39
N ASN B 362 20.75 -26.72 -6.52
CA ASN B 362 20.43 -26.73 -5.07
C ASN B 362 19.60 -25.53 -4.69
N ASN B 363 19.91 -24.39 -5.29
CA ASN B 363 19.13 -23.20 -5.10
C ASN B 363 17.65 -23.42 -5.40
N VAL B 364 17.38 -24.27 -6.37
CA VAL B 364 16.02 -24.54 -6.78
C VAL B 364 15.34 -25.44 -5.75
N ASN B 365 16.01 -26.50 -5.34
CA ASN B 365 15.50 -27.36 -4.27
C ASN B 365 15.07 -26.57 -3.06
N ALA B 366 15.93 -25.67 -2.60
CA ALA B 366 15.58 -24.68 -1.60
C ALA B 366 14.22 -24.05 -1.87
N ARG B 367 14.07 -23.36 -3.00
CA ARG B 367 12.78 -22.75 -3.40
C ARG B 367 11.65 -23.72 -3.24
N LEU B 368 11.80 -24.90 -3.82
CA LEU B 368 10.70 -25.82 -3.93
C LEU B 368 10.53 -26.63 -2.69
N ALA B 369 11.44 -26.41 -1.76
CA ALA B 369 11.51 -27.19 -0.53
C ALA B 369 10.16 -27.35 0.15
N ASN B 370 9.57 -26.25 0.61
CA ASN B 370 8.34 -26.33 1.38
C ASN B 370 7.08 -26.46 0.54
N VAL B 371 7.19 -26.16 -0.75
CA VAL B 371 6.03 -26.17 -1.65
C VAL B 371 5.35 -27.50 -1.65
N LYS B 372 4.12 -27.55 -1.13
CA LYS B 372 3.38 -28.78 -1.08
C LYS B 372 2.65 -28.99 -2.40
N ASP B 373 2.10 -27.90 -2.94
CA ASP B 373 1.18 -27.98 -4.09
C ASP B 373 1.84 -28.64 -5.30
N GLY B 374 1.23 -29.70 -5.79
CA GLY B 374 1.73 -30.42 -6.94
C GLY B 374 3.03 -31.18 -6.81
N ALA B 375 3.35 -31.69 -5.63
CA ALA B 375 4.65 -32.32 -5.44
C ALA B 375 4.53 -33.70 -4.84
N ASP B 376 5.55 -34.52 -5.04
CA ASP B 376 5.50 -35.89 -4.56
C ASP B 376 5.65 -35.92 -3.07
N PRO B 377 4.61 -36.35 -2.36
CA PRO B 377 4.62 -36.39 -0.90
C PRO B 377 5.75 -37.21 -0.31
N LEU B 378 6.25 -38.23 -1.00
CA LEU B 378 7.29 -39.09 -0.46
C LEU B 378 8.72 -38.81 -0.94
N VAL B 379 8.92 -37.81 -1.77
CA VAL B 379 10.26 -37.42 -2.25
C VAL B 379 10.50 -35.95 -2.05
N PRO B 380 11.11 -35.59 -0.92
CA PRO B 380 11.34 -34.21 -0.50
C PRO B 380 12.38 -33.52 -1.37
N LYS B 381 12.64 -32.23 -1.14
CA LYS B 381 13.69 -31.63 -1.95
C LYS B 381 14.88 -31.25 -1.09
N ARG B 382 15.67 -32.26 -0.78
CA ARG B 382 16.80 -32.05 0.10
C ARG B 382 17.92 -31.40 -0.68
N GLN B 383 18.70 -30.60 0.04
CA GLN B 383 19.90 -30.04 -0.52
C GLN B 383 20.88 -31.17 -0.77
N PHE B 384 21.24 -31.34 -2.02
CA PHE B 384 21.95 -32.52 -2.46
C PHE B 384 23.44 -32.29 -2.43
N PRO B 385 24.23 -33.32 -2.10
CA PRO B 385 23.87 -34.65 -1.61
C PRO B 385 23.58 -34.58 -0.14
N THR B 386 22.83 -35.55 0.38
CA THR B 386 22.56 -35.57 1.82
C THR B 386 23.81 -35.96 2.59
N LEU B 387 23.70 -36.09 3.90
CA LEU B 387 24.84 -36.53 4.69
C LEU B 387 25.18 -38.05 4.48
N GLU B 388 24.17 -38.92 4.39
CA GLU B 388 24.39 -40.35 4.07
C GLU B 388 25.01 -40.40 2.71
N ALA B 389 24.51 -39.54 1.85
CA ALA B 389 24.88 -39.59 0.46
C ALA B 389 26.38 -39.72 0.34
N CYS B 390 27.12 -38.73 0.82
CA CYS B 390 28.52 -38.88 1.11
C CYS B 390 28.86 -38.04 2.34
N THR B 391 29.59 -38.60 3.31
CA THR B 391 29.99 -37.85 4.50
C THR B 391 31.15 -36.95 4.13
N GLU B 392 31.94 -37.44 3.19
CA GLU B 392 33.14 -36.79 2.69
C GLU B 392 32.88 -35.34 2.31
N CYS B 393 31.61 -35.06 1.96
CA CYS B 393 31.20 -33.77 1.41
C CYS B 393 30.97 -32.76 2.48
N TYR B 394 30.53 -33.22 3.62
CA TYR B 394 30.29 -32.30 4.71
C TYR B 394 31.52 -32.18 5.56
N ASP B 395 31.40 -31.41 6.64
CA ASP B 395 32.52 -31.16 7.56
C ASP B 395 32.06 -31.04 9.03
N GLY B 396 33.00 -30.76 9.93
CA GLY B 396 32.71 -30.70 11.34
C GLY B 396 31.45 -29.90 11.62
N ALA B 397 31.35 -28.76 10.97
CA ALA B 397 30.24 -27.83 11.20
C ALA B 397 28.90 -28.32 10.66
N GLY B 398 28.93 -29.09 9.57
CA GLY B 398 27.70 -29.51 8.91
C GLY B 398 27.36 -28.76 7.64
N ASN B 399 28.33 -28.03 7.08
CA ASN B 399 28.19 -27.51 5.72
C ASN B 399 29.20 -28.09 4.73
N PHE B 400 29.12 -27.64 3.48
CA PHE B 400 29.79 -28.32 2.35
C PHE B 400 31.24 -27.94 2.17
N ILE B 401 32.05 -28.91 1.78
CA ILE B 401 33.40 -28.62 1.35
C ILE B 401 33.36 -28.75 -0.14
N GLU B 402 33.40 -27.64 -0.85
CA GLU B 402 33.08 -27.72 -2.25
C GLU B 402 34.03 -28.65 -2.99
N ALA B 403 35.28 -28.64 -2.57
CA ALA B 403 36.28 -29.46 -3.24
C ALA B 403 35.89 -30.94 -3.23
N HIS B 404 35.35 -31.42 -2.13
CA HIS B 404 34.95 -32.81 -2.07
C HIS B 404 33.64 -33.04 -2.84
N VAL B 405 32.66 -32.16 -2.67
CA VAL B 405 31.43 -32.24 -3.44
C VAL B 405 31.74 -32.36 -4.94
N THR B 406 32.60 -31.48 -5.43
CA THR B 406 32.92 -31.46 -6.85
C THR B 406 33.50 -32.81 -7.24
N GLY B 407 34.18 -33.44 -6.26
CA GLY B 407 34.70 -34.79 -6.41
C GLY B 407 33.59 -35.83 -6.50
N PHE B 408 32.71 -35.83 -5.51
CA PHE B 408 31.57 -36.74 -5.48
C PHE B 408 30.70 -36.67 -6.75
N LEU B 409 30.50 -35.48 -7.29
CA LEU B 409 29.64 -35.36 -8.43
C LEU B 409 30.32 -35.95 -9.66
N LYS B 410 31.64 -35.76 -9.72
CA LYS B 410 32.39 -36.22 -10.87
C LYS B 410 32.39 -37.73 -10.95
N GLN B 411 31.97 -38.36 -9.86
CA GLN B 411 31.93 -39.80 -9.73
C GLN B 411 30.54 -40.21 -10.04
N ARG B 412 29.62 -39.73 -9.23
CA ARG B 412 28.22 -40.08 -9.34
C ARG B 412 27.70 -39.96 -10.75
N TYR B 413 28.11 -38.88 -11.45
CA TYR B 413 27.62 -38.60 -12.78
C TYR B 413 28.53 -39.08 -13.90
N LEU B 414 29.65 -39.71 -13.53
CA LEU B 414 30.62 -40.16 -14.53
C LEU B 414 29.86 -41.04 -15.54
N TRP B 415 30.11 -40.82 -16.83
CA TRP B 415 29.44 -41.60 -17.85
C TRP B 415 30.35 -42.65 -18.48
N ASP B 416 30.06 -43.90 -18.16
CA ASP B 416 30.75 -45.06 -18.75
C ASP B 416 29.74 -45.69 -19.68
N PRO B 417 30.08 -45.75 -20.98
CA PRO B 417 29.14 -46.12 -22.06
C PRO B 417 28.47 -47.51 -22.08
N LYS B 418 28.85 -48.51 -21.28
CA LYS B 418 28.06 -49.74 -21.33
C LYS B 418 26.74 -49.53 -20.53
N ALA B 419 25.61 -49.52 -21.26
CA ALA B 419 24.37 -48.84 -20.83
C ALA B 419 23.08 -49.66 -20.96
N ARG C 15 22.94 -4.37 31.95
CA ARG C 15 22.44 -3.66 30.75
C ARG C 15 22.61 -2.14 30.83
N PRO C 16 23.47 -1.60 29.95
CA PRO C 16 23.93 -0.21 29.94
C PRO C 16 22.86 0.88 29.66
N GLY C 17 22.00 0.69 28.67
CA GLY C 17 21.12 1.77 28.21
C GLY C 17 21.91 2.83 27.46
N LEU C 18 21.26 3.90 27.00
CA LEU C 18 21.94 4.89 26.13
C LEU C 18 22.71 6.04 26.80
N PHE C 19 22.41 6.34 28.05
CA PHE C 19 23.08 7.44 28.75
C PHE C 19 24.17 7.05 29.74
N HIS C 20 24.46 5.76 29.82
CA HIS C 20 25.38 5.31 30.84
C HIS C 20 26.81 5.82 30.64
N LEU C 21 27.09 6.44 29.49
CA LEU C 21 28.39 7.09 29.27
C LEU C 21 28.38 8.61 29.50
N ASP C 22 27.21 9.13 29.86
CA ASP C 22 26.99 10.57 29.99
C ASP C 22 26.65 10.95 31.42
N SER C 23 27.40 11.92 31.97
CA SER C 23 27.27 12.32 33.37
C SER C 23 26.09 13.28 33.65
N SER C 24 25.71 14.08 32.65
CA SER C 24 24.65 15.10 32.80
C SER C 24 23.24 14.51 32.92
N VAL C 25 23.14 13.19 32.72
CA VAL C 25 21.86 12.50 32.82
C VAL C 25 21.86 11.41 33.88
N VAL C 26 20.85 11.45 34.73
CA VAL C 26 20.64 10.44 35.76
C VAL C 26 19.77 9.31 35.21
N ASP C 27 20.24 8.08 35.32
CA ASP C 27 19.48 6.94 34.85
C ASP C 27 18.59 6.43 35.97
N LEU C 28 17.29 6.37 35.71
CA LEU C 28 16.35 5.94 36.73
C LEU C 28 16.08 4.44 36.63
N SER C 29 16.37 3.72 37.71
CA SER C 29 15.98 2.32 37.86
C SER C 29 14.68 2.18 38.66
N GLY C 30 14.22 3.29 39.25
CA GLY C 30 13.05 3.24 40.09
C GLY C 30 12.38 4.59 40.28
N ASP C 31 11.08 4.51 40.53
CA ASP C 31 10.19 5.66 40.58
C ASP C 31 10.44 6.52 41.80
N ASP C 32 11.01 5.89 42.81
CA ASP C 32 11.15 6.42 44.13
C ASP C 32 12.35 7.38 44.14
N PHE C 33 12.07 8.66 44.44
CA PHE C 33 13.09 9.73 44.32
C PHE C 33 13.94 9.98 45.54
N SER C 34 13.50 9.48 46.70
CA SER C 34 14.25 9.63 47.93
C SER C 34 15.55 8.83 47.80
N ARG C 35 15.49 7.75 47.01
CA ARG C 35 16.61 6.82 46.91
C ARG C 35 17.53 7.12 45.73
N VAL C 36 17.21 8.17 44.96
CA VAL C 36 18.17 8.74 44.02
C VAL C 36 19.04 9.82 44.68
N HIS C 37 18.57 10.34 45.81
CA HIS C 37 19.32 11.34 46.58
C HIS C 37 18.48 11.75 47.77
N ARG C 38 19.12 12.31 48.78
CA ARG C 38 18.32 12.75 49.88
C ARG C 38 17.36 13.85 49.46
N VAL C 39 17.90 14.87 48.78
CA VAL C 39 17.17 16.11 48.47
C VAL C 39 16.23 15.86 47.32
N ALA C 40 16.49 14.80 46.57
CA ALA C 40 15.83 14.61 45.28
C ALA C 40 14.33 14.90 45.27
N PRO C 41 13.56 14.27 46.19
CA PRO C 41 12.10 14.44 46.15
C PRO C 41 11.61 15.90 46.24
N LEU C 42 12.52 16.81 46.60
CA LEU C 42 12.23 18.25 46.61
C LEU C 42 12.63 19.02 45.37
N CYS C 43 13.12 18.34 44.35
CA CYS C 43 13.62 19.08 43.21
C CYS C 43 12.89 18.67 41.95
N PRO C 44 12.83 19.56 40.95
CA PRO C 44 12.21 19.20 39.67
C PRO C 44 13.07 18.23 38.84
N TRP C 45 12.39 17.36 38.10
CA TRP C 45 13.05 16.44 37.16
C TRP C 45 12.40 16.41 35.78
N ILE C 46 13.21 16.53 34.74
CA ILE C 46 12.71 16.31 33.38
C ILE C 46 13.10 14.90 32.92
N VAL C 47 12.12 14.01 32.86
CA VAL C 47 12.43 12.64 32.59
C VAL C 47 12.17 12.27 31.14
N LEU C 48 13.14 11.56 30.57
CA LEU C 48 12.98 10.98 29.23
C LEU C 48 12.80 9.45 29.30
N PHE C 49 11.63 8.97 28.86
CA PHE C 49 11.39 7.54 28.71
C PHE C 49 11.76 7.18 27.27
N TYR C 50 12.53 6.13 27.09
CA TYR C 50 12.97 5.75 25.75
C TYR C 50 13.08 4.24 25.63
N ASN C 51 13.47 3.79 24.44
CA ASN C 51 13.78 2.40 24.21
C ASN C 51 15.04 2.37 23.35
N ASP C 52 16.08 1.69 23.82
CA ASP C 52 17.35 1.64 23.09
C ASP C 52 17.28 0.91 21.73
N GLY C 53 16.15 0.27 21.47
CA GLY C 53 15.94 -0.34 20.19
C GLY C 53 15.33 0.60 19.16
N CYS C 54 14.73 1.70 19.60
CA CYS C 54 13.99 2.55 18.68
C CYS C 54 14.79 3.59 17.89
N GLY C 55 14.45 3.70 16.60
CA GLY C 55 15.11 4.65 15.73
C GLY C 55 14.93 5.98 16.39
N ALA C 56 13.67 6.34 16.61
CA ALA C 56 13.33 7.63 17.19
C ALA C 56 14.15 7.92 18.44
N SER C 57 14.12 7.00 19.41
CA SER C 57 14.80 7.16 20.70
C SER C 57 16.32 7.28 20.54
N ARG C 58 16.85 6.44 19.65
CA ARG C 58 18.25 6.49 19.27
C ARG C 58 18.67 7.91 18.88
N ARG C 59 17.94 8.46 17.90
CA ARG C 59 18.30 9.73 17.33
C ARG C 59 18.16 10.86 18.36
N TYR C 60 17.05 10.82 19.09
CA TYR C 60 16.69 11.87 20.03
C TYR C 60 17.60 11.94 21.25
N ALA C 61 18.27 10.82 21.54
CA ALA C 61 19.17 10.82 22.70
C ALA C 61 20.32 11.83 22.52
N SER C 62 20.70 12.08 21.27
CA SER C 62 21.62 13.17 20.96
C SER C 62 21.15 14.46 21.68
N THR C 63 20.05 15.00 21.18
CA THR C 63 19.47 16.25 21.66
C THR C 63 19.40 16.36 23.18
N PHE C 64 18.90 15.30 23.80
CA PHE C 64 18.64 15.30 25.23
C PHE C 64 19.96 15.41 26.01
N SER C 65 20.96 14.64 25.60
CA SER C 65 22.25 14.67 26.29
C SER C 65 22.82 16.05 26.17
N LYS C 66 22.56 16.66 25.01
CA LYS C 66 23.06 18.00 24.71
C LYS C 66 22.35 18.99 25.62
N PHE C 67 21.03 18.80 25.73
CA PHE C 67 20.23 19.63 26.59
C PHE C 67 20.64 19.52 28.06
N ALA C 68 20.82 18.30 28.54
CA ALA C 68 21.24 18.10 29.93
C ALA C 68 22.66 18.62 30.13
N GLY C 69 23.45 18.60 29.06
CA GLY C 69 24.80 19.12 29.11
C GLY C 69 24.82 20.57 29.54
N GLY C 70 23.71 21.26 29.27
CA GLY C 70 23.58 22.67 29.59
C GLY C 70 23.16 22.91 31.02
N LEU C 71 22.73 21.84 31.69
CA LEU C 71 22.25 21.94 33.06
C LEU C 71 23.38 21.93 34.08
N LYS C 72 24.62 21.89 33.60
CA LYS C 72 25.68 22.10 34.55
C LYS C 72 26.09 23.55 34.35
N VAL C 73 25.62 24.38 35.27
CA VAL C 73 26.05 25.77 35.37
C VAL C 73 25.95 25.94 36.84
N GLU C 74 26.92 26.61 37.44
CA GLU C 74 27.08 26.49 38.86
C GLU C 74 26.36 27.42 39.70
N HIS C 75 26.84 28.63 39.71
CA HIS C 75 26.10 29.65 40.37
C HIS C 75 25.68 30.50 39.21
N GLY C 76 24.40 30.36 38.92
CA GLY C 76 23.76 31.24 38.01
C GLY C 76 22.34 31.26 38.41
N LYS C 77 21.70 32.40 38.16
CA LYS C 77 20.26 32.46 38.48
C LYS C 77 19.59 32.29 37.17
N ASP C 78 19.30 31.06 36.86
CA ASP C 78 18.47 30.76 35.73
C ASP C 78 17.51 29.77 36.35
N ALA C 79 16.21 30.10 36.31
CA ALA C 79 15.21 29.21 36.89
C ALA C 79 15.48 27.78 36.42
N LEU C 80 15.89 27.68 35.16
CA LEU C 80 16.18 26.43 34.49
C LEU C 80 17.18 25.53 35.20
N GLN C 81 18.16 26.13 35.84
CA GLN C 81 19.31 25.41 36.39
C GLN C 81 19.04 24.57 37.64
N ILE C 82 17.81 24.66 38.15
CA ILE C 82 17.38 23.90 39.31
C ILE C 82 16.81 22.51 38.92
N ALA C 83 16.46 22.35 37.64
CA ALA C 83 15.99 21.07 37.13
C ALA C 83 17.14 20.09 36.92
N THR C 84 16.79 18.81 36.86
CA THR C 84 17.79 17.78 36.64
C THR C 84 17.28 16.78 35.60
N ALA C 85 18.12 16.39 34.64
CA ALA C 85 17.63 15.48 33.60
C ALA C 85 17.83 14.01 33.98
N ALA C 86 16.84 13.20 33.62
CA ALA C 86 16.86 11.76 33.88
C ALA C 86 16.20 10.98 32.74
N ALA C 87 16.48 9.69 32.71
CA ALA C 87 16.02 8.86 31.63
C ALA C 87 15.67 7.46 32.10
N VAL C 88 14.49 7.00 31.72
CA VAL C 88 14.15 5.60 31.91
C VAL C 88 14.20 4.85 30.58
N ASN C 89 14.89 3.72 30.60
CA ASN C 89 14.94 2.86 29.42
C ASN C 89 13.89 1.74 29.48
N CYS C 90 12.96 1.72 28.52
CA CYS C 90 11.79 0.83 28.59
C CYS C 90 12.06 -0.57 28.03
N ALA C 91 13.29 -0.79 27.61
CA ALA C 91 13.71 -2.12 27.22
C ALA C 91 14.10 -2.97 28.43
N SER C 92 14.25 -2.34 29.60
CA SER C 92 14.58 -3.04 30.86
C SER C 92 13.59 -2.70 31.95
N GLU C 93 13.43 -1.42 32.19
CA GLU C 93 12.69 -0.87 33.33
C GLU C 93 11.20 -0.97 33.11
N VAL C 94 10.82 -2.03 32.44
CA VAL C 94 9.45 -2.32 32.12
C VAL C 94 8.48 -1.99 33.24
N ASP C 95 8.82 -2.34 34.48
CA ASP C 95 7.92 -2.07 35.59
C ASP C 95 7.64 -0.57 35.77
N LEU C 96 8.73 0.20 35.86
CA LEU C 96 8.65 1.66 35.95
C LEU C 96 7.76 2.27 34.86
N CYS C 97 8.01 1.88 33.62
CA CYS C 97 7.20 2.36 32.50
C CYS C 97 5.72 1.98 32.55
N ARG C 98 5.39 0.72 32.89
CA ARG C 98 3.98 0.33 32.97
C ARG C 98 3.25 1.23 33.95
N LYS C 99 3.95 1.56 35.03
CA LYS C 99 3.40 2.44 36.02
C LYS C 99 2.85 3.74 35.42
N TYR C 100 3.58 4.31 34.44
CA TYR C 100 3.11 5.53 33.75
C TYR C 100 2.35 5.36 32.42
N ASP C 101 2.02 4.11 32.08
CA ASP C 101 1.27 3.77 30.87
C ASP C 101 2.03 4.28 29.70
N ILE C 102 3.35 4.15 29.83
CA ILE C 102 4.27 4.43 28.74
C ILE C 102 4.26 3.27 27.80
N ASN C 103 4.16 3.60 26.53
CA ASN C 103 4.00 2.61 25.49
C ASN C 103 4.96 3.02 24.34
N PHE C 104 4.60 4.08 23.63
CA PHE C 104 5.45 4.59 22.56
C PHE C 104 6.47 5.54 23.13
N VAL C 105 7.63 5.56 22.51
CA VAL C 105 8.68 6.45 22.96
C VAL C 105 9.42 7.08 21.78
N PRO C 106 10.10 8.20 22.04
CA PRO C 106 10.38 8.68 23.39
C PRO C 106 9.21 9.46 23.98
N ARG C 107 9.37 9.84 25.25
CA ARG C 107 8.25 10.38 25.98
C ARG C 107 8.79 11.29 27.08
N LEU C 108 8.20 12.46 27.29
CA LEU C 108 8.80 13.42 28.24
C LEU C 108 7.87 13.79 29.42
N PHE C 109 8.42 13.73 30.61
CA PHE C 109 7.60 13.98 31.77
C PHE C 109 8.26 14.99 32.69
N PHE C 110 7.47 15.93 33.17
CA PHE C 110 7.99 16.87 34.14
C PHE C 110 7.51 16.42 35.51
N PHE C 111 8.45 16.22 36.42
CA PHE C 111 8.11 15.87 37.79
C PHE C 111 8.49 16.98 38.74
N TYR C 112 7.59 17.26 39.68
CA TYR C 112 7.83 18.25 40.72
C TYR C 112 7.22 17.78 42.02
N PRO C 113 7.69 18.35 43.14
CA PRO C 113 7.19 18.03 44.49
C PRO C 113 5.73 18.45 44.65
N ARG C 114 4.94 17.54 45.24
CA ARG C 114 3.50 17.70 45.50
C ARG C 114 3.13 19.00 46.23
N ASP C 115 3.62 19.16 47.47
CA ASP C 115 3.37 20.34 48.29
C ASP C 115 1.90 20.41 48.75
N LEU C 128 4.81 11.96 44.09
CA LEU C 128 4.75 13.38 43.69
C LEU C 128 4.20 13.59 42.27
N GLU C 129 3.59 14.75 42.01
CA GLU C 129 2.90 14.97 40.74
C GLU C 129 3.82 15.11 39.52
N HIS C 130 3.29 14.65 38.37
CA HIS C 130 3.95 14.64 37.07
C HIS C 130 3.12 15.41 36.04
N VAL C 131 3.77 15.78 34.95
CA VAL C 131 3.12 16.47 33.87
C VAL C 131 3.57 15.83 32.59
N ALA C 132 2.60 15.34 31.80
CA ALA C 132 2.90 14.68 30.52
C ALA C 132 3.05 15.71 29.42
N PHE C 133 4.20 15.69 28.75
CA PHE C 133 4.47 16.61 27.65
C PHE C 133 3.62 16.26 26.47
N GLU C 134 2.82 17.22 25.98
CA GLU C 134 2.00 17.09 24.74
C GLU C 134 2.88 16.52 23.64
N ASN C 135 3.89 17.32 23.28
CA ASN C 135 4.91 16.95 22.30
C ASN C 135 6.27 16.63 22.95
N SER C 136 6.70 15.38 22.80
CA SER C 136 7.93 14.92 23.42
C SER C 136 9.14 15.05 22.47
N HIS C 137 8.89 15.44 21.22
CA HIS C 137 10.03 15.60 20.33
C HIS C 137 10.28 17.09 20.30
N LEU C 138 11.33 17.49 21.02
CA LEU C 138 11.58 18.91 21.28
C LEU C 138 13.04 19.25 21.10
N GLU C 139 13.24 20.30 20.32
CA GLU C 139 14.58 20.83 20.07
C GLU C 139 15.19 21.36 21.36
N VAL C 140 16.51 21.40 21.40
CA VAL C 140 17.18 21.80 22.63
C VAL C 140 16.54 23.06 23.24
N ASP C 141 16.36 24.12 22.46
CA ASP C 141 15.78 25.35 23.05
C ASP C 141 14.33 25.20 23.51
N GLU C 142 13.46 24.65 22.67
CA GLU C 142 12.08 24.45 23.06
C GLU C 142 12.02 23.62 24.35
N LEU C 143 12.91 22.65 24.46
CA LEU C 143 13.04 21.89 25.67
C LEU C 143 13.35 22.82 26.85
N GLU C 144 14.39 23.65 26.71
CA GLU C 144 14.73 24.66 27.73
C GLU C 144 13.56 25.59 28.03
N SER C 145 13.04 26.24 26.99
CA SER C 145 11.91 27.13 27.12
C SER C 145 10.82 26.48 27.95
N GLU C 146 10.54 25.21 27.67
CA GLU C 146 9.48 24.50 28.38
C GLU C 146 9.81 24.17 29.82
N VAL C 147 10.95 23.55 30.06
CA VAL C 147 11.34 23.25 31.42
C VAL C 147 11.32 24.53 32.26
N ARG C 148 11.90 25.60 31.71
CA ARG C 148 11.93 26.86 32.43
C ARG C 148 10.51 27.20 32.83
N ARG C 149 9.64 27.32 31.82
CA ARG C 149 8.27 27.75 32.05
C ARG C 149 7.63 26.96 33.18
N LEU C 150 7.92 25.65 33.19
CA LEU C 150 7.22 24.71 34.07
C LEU C 150 7.71 24.86 35.49
N VAL C 151 9.01 25.03 35.63
CA VAL C 151 9.58 25.21 36.96
C VAL C 151 8.96 26.44 37.62
N ASN C 152 8.97 27.57 36.91
CA ASN C 152 8.31 28.79 37.37
C ASN C 152 6.85 28.58 37.79
N LYS C 153 6.14 27.74 37.04
CA LYS C 153 4.71 27.52 37.25
C LYS C 153 4.39 26.65 38.47
N HIS C 154 5.16 25.57 38.66
CA HIS C 154 4.93 24.63 39.76
C HIS C 154 5.84 24.79 40.95
N MET C 155 6.80 25.69 40.84
CA MET C 155 7.73 25.93 41.92
C MET C 155 7.62 27.35 42.47
N VAL C 156 8.01 27.49 43.73
CA VAL C 156 8.26 28.81 44.29
C VAL C 156 9.75 29.02 44.19
N VAL C 157 10.16 29.95 43.34
CA VAL C 157 11.54 29.97 42.90
C VAL C 157 12.39 30.84 43.83
N ASP C 158 13.25 30.15 44.59
CA ASP C 158 14.07 30.73 45.65
C ASP C 158 15.50 31.07 45.22
N ASP C 159 16.28 31.36 46.24
CA ASP C 159 17.72 31.16 46.25
C ASP C 159 17.95 29.91 47.11
N SER C 160 17.40 29.93 48.33
CA SER C 160 17.48 28.81 49.27
C SER C 160 17.20 27.48 48.58
N LEU C 161 16.20 27.48 47.70
CA LEU C 161 15.87 26.32 46.89
C LEU C 161 16.82 26.13 45.71
N LYS C 162 17.05 27.21 44.96
CA LYS C 162 17.94 27.22 43.76
C LYS C 162 19.32 26.59 44.00
N GLU C 163 19.95 26.91 45.12
CA GLU C 163 21.30 26.41 45.40
C GLU C 163 21.21 24.97 45.86
N ARG C 164 20.14 24.70 46.58
CA ARG C 164 19.84 23.42 47.19
C ARG C 164 19.82 22.34 46.14
N CYS C 165 19.13 22.62 45.03
CA CYS C 165 19.01 21.65 43.95
C CYS C 165 20.29 21.58 43.16
N ILE C 166 20.80 22.74 42.73
CA ILE C 166 22.04 22.73 41.97
C ILE C 166 23.15 22.00 42.74
N ASP C 167 22.97 21.86 44.05
CA ASP C 167 23.92 21.15 44.91
C ASP C 167 23.86 19.64 44.66
N MET C 168 22.73 19.03 44.96
CA MET C 168 22.57 17.59 44.80
C MET C 168 22.72 17.25 43.33
N HIS C 169 22.14 18.12 42.51
CA HIS C 169 22.21 18.11 41.06
C HIS C 169 23.67 17.91 40.59
N PHE C 170 24.62 18.55 41.29
CA PHE C 170 26.06 18.34 41.02
C PHE C 170 26.67 17.08 41.65
N LYS C 171 26.33 16.81 42.91
CA LYS C 171 26.87 15.63 43.57
C LYS C 171 26.53 14.38 42.77
N LEU C 172 25.44 14.44 42.01
CA LEU C 172 25.08 13.34 41.14
C LEU C 172 25.97 13.37 39.92
N TYR C 173 26.17 14.55 39.35
CA TYR C 173 26.96 14.74 38.12
C TYR C 173 28.39 14.25 38.26
N THR C 174 29.08 14.80 39.24
CA THR C 174 30.47 14.46 39.48
C THR C 174 30.61 13.00 39.94
N SER C 175 29.65 12.54 40.72
CA SER C 175 29.65 11.17 41.24
C SER C 175 29.46 10.14 40.12
N LYS C 176 28.54 10.41 39.19
CA LYS C 176 28.33 9.52 38.05
C LYS C 176 29.52 9.62 37.11
N GLU C 177 30.33 10.66 37.28
CA GLU C 177 31.52 10.85 36.47
C GLU C 177 32.58 9.78 36.81
N GLU C 178 32.51 9.24 38.02
CA GLU C 178 33.39 8.15 38.43
C GLU C 178 33.10 6.88 37.66
N LEU C 179 31.85 6.45 37.75
CA LEU C 179 31.38 5.24 37.09
C LEU C 179 31.81 5.18 35.63
N VAL C 180 31.74 6.33 34.96
CA VAL C 180 32.13 6.43 33.55
C VAL C 180 33.65 6.27 33.33
N LYS C 181 34.51 6.78 34.22
CA LYS C 181 35.88 6.46 33.90
C LYS C 181 36.14 5.12 34.57
N ARG C 182 35.68 4.07 33.87
CA ARG C 182 36.15 2.70 33.96
C ARG C 182 36.80 2.32 32.60
N SER C 183 36.72 3.26 31.64
CA SER C 183 37.05 3.00 30.24
C SER C 183 37.85 4.16 29.62
N GLY C 191 39.54 -5.38 21.01
CA GLY C 191 40.03 -5.59 19.66
C GLY C 191 39.19 -4.86 18.64
N ARG C 192 39.79 -4.59 17.47
CA ARG C 192 39.11 -3.91 16.36
C ARG C 192 37.99 -4.78 15.75
N PHE C 193 37.02 -4.13 15.13
CA PHE C 193 35.74 -4.76 14.84
C PHE C 193 35.57 -5.39 13.47
N VAL C 194 35.00 -6.59 13.47
CA VAL C 194 34.62 -7.27 12.24
C VAL C 194 33.20 -7.85 12.33
N GLU C 195 32.33 -7.34 11.45
CA GLU C 195 30.94 -7.81 11.35
C GLU C 195 30.87 -9.33 11.08
N THR C 196 30.13 -10.06 11.90
CA THR C 196 29.88 -11.48 11.65
C THR C 196 28.66 -11.59 10.80
N THR C 197 28.79 -12.12 9.58
CA THR C 197 27.66 -12.17 8.67
C THR C 197 26.93 -13.49 8.56
N GLU C 198 27.41 -14.54 9.21
CA GLU C 198 26.68 -15.82 9.22
C GLU C 198 25.52 -15.71 10.17
N LEU C 199 24.56 -16.62 10.04
CA LEU C 199 23.38 -16.60 10.90
C LEU C 199 23.48 -17.68 11.96
N TYR C 200 23.27 -17.29 13.20
CA TYR C 200 23.32 -18.23 14.32
C TYR C 200 22.00 -18.23 15.06
N ALA C 201 21.47 -19.40 15.37
CA ALA C 201 20.21 -19.47 16.09
C ALA C 201 20.22 -18.62 17.35
N THR C 202 21.34 -18.62 18.08
CA THR C 202 21.41 -17.95 19.36
C THR C 202 20.95 -16.51 19.20
N ASP C 203 21.03 -16.01 17.97
CA ASP C 203 20.59 -14.66 17.65
C ASP C 203 19.11 -14.61 17.43
N ILE C 204 18.58 -15.58 16.73
CA ILE C 204 17.15 -15.65 16.55
C ILE C 204 16.47 -15.93 17.87
N ALA C 205 17.01 -16.84 18.68
CA ALA C 205 16.38 -17.15 19.95
C ALA C 205 16.48 -15.94 20.87
N GLY C 206 17.63 -15.29 20.88
CA GLY C 206 17.80 -14.07 21.63
C GLY C 206 16.70 -13.06 21.35
N ALA C 207 16.38 -12.87 20.08
CA ALA C 207 15.26 -12.03 19.67
C ALA C 207 13.95 -12.48 20.27
N PHE C 208 13.64 -13.76 20.13
CA PHE C 208 12.42 -14.28 20.67
C PHE C 208 12.36 -14.09 22.17
N PHE C 209 13.43 -14.41 22.87
CA PHE C 209 13.43 -14.20 24.31
C PHE C 209 13.21 -12.77 24.68
N SER C 210 14.05 -11.90 24.15
CA SER C 210 13.87 -10.46 24.32
C SER C 210 12.45 -9.97 24.05
N ALA C 211 11.90 -10.35 22.91
CA ALA C 211 10.54 -10.03 22.62
C ALA C 211 9.55 -10.38 23.74
N MET C 212 9.47 -11.67 24.05
CA MET C 212 8.54 -12.14 25.06
C MET C 212 8.83 -11.53 26.42
N HIS C 213 10.09 -11.53 26.80
CA HIS C 213 10.49 -11.15 28.16
C HIS C 213 10.40 -9.66 28.43
N TYR C 214 10.72 -8.84 27.46
CA TYR C 214 10.68 -7.40 27.65
C TYR C 214 9.50 -6.78 26.93
N ASP C 215 9.45 -6.92 25.60
CA ASP C 215 8.45 -6.21 24.83
C ASP C 215 6.99 -6.59 25.11
N VAL C 216 6.72 -7.86 25.36
CA VAL C 216 5.39 -8.25 25.80
C VAL C 216 5.10 -7.71 27.19
N SER C 217 6.13 -7.61 28.01
CA SER C 217 5.93 -7.29 29.43
C SER C 217 5.53 -5.86 29.59
N LEU C 218 6.13 -4.99 28.81
CA LEU C 218 5.86 -3.59 28.96
C LEU C 218 4.40 -3.35 28.71
N VAL C 219 3.87 -3.97 27.66
CA VAL C 219 2.53 -3.64 27.18
C VAL C 219 1.38 -4.52 27.69
N GLY C 220 1.71 -5.65 28.33
CA GLY C 220 0.70 -6.55 28.87
C GLY C 220 -0.12 -7.27 27.82
N THR C 221 -1.13 -8.03 28.25
CA THR C 221 -1.99 -8.82 27.34
C THR C 221 -3.39 -8.24 26.92
N GLU C 222 -3.69 -7.01 27.29
CA GLU C 222 -4.98 -6.42 26.92
C GLU C 222 -4.87 -5.18 26.02
N PRO C 223 -5.90 -4.89 25.19
CA PRO C 223 -7.16 -5.64 25.16
C PRO C 223 -6.99 -6.98 24.50
N ARG C 224 -8.12 -7.60 24.21
CA ARG C 224 -8.16 -8.95 23.70
C ARG C 224 -7.49 -9.10 22.35
N GLU C 225 -7.55 -8.05 21.52
CA GLU C 225 -7.02 -8.11 20.17
C GLU C 225 -5.52 -8.29 20.25
N ARG C 226 -4.93 -7.71 21.29
CA ARG C 226 -3.50 -7.86 21.52
C ARG C 226 -3.16 -9.28 21.96
N LEU C 227 -3.91 -9.79 22.93
CA LEU C 227 -3.70 -11.15 23.38
C LEU C 227 -3.77 -12.08 22.18
N THR C 228 -4.80 -11.88 21.35
CA THR C 228 -4.99 -12.67 20.14
C THR C 228 -3.70 -12.64 19.35
N ALA C 229 -3.21 -11.43 19.06
CA ALA C 229 -2.02 -11.23 18.23
C ALA C 229 -0.90 -12.04 18.79
N LEU C 230 -0.77 -11.94 20.09
CA LEU C 230 0.30 -12.58 20.83
C LEU C 230 0.21 -14.08 20.76
N GLU C 231 -0.98 -14.63 21.00
CA GLU C 231 -1.17 -16.08 20.92
C GLU C 231 -0.86 -16.63 19.51
N ASP C 232 -1.36 -15.96 18.50
CA ASP C 232 -1.17 -16.38 17.12
C ASP C 232 0.31 -16.38 16.74
N PHE C 233 1.03 -15.42 17.26
CA PHE C 233 2.44 -15.28 16.95
C PHE C 233 3.22 -16.38 17.60
N VAL C 234 3.08 -16.49 18.90
CA VAL C 234 3.78 -17.52 19.64
C VAL C 234 3.46 -18.89 19.12
N LEU C 235 2.19 -19.19 18.91
CA LEU C 235 1.85 -20.47 18.34
C LEU C 235 2.58 -20.66 17.01
N LEU C 236 2.57 -19.65 16.15
CA LEU C 236 3.27 -19.76 14.90
C LEU C 236 4.76 -19.97 15.08
N VAL C 237 5.31 -19.43 16.15
CA VAL C 237 6.72 -19.67 16.42
C VAL C 237 6.91 -21.13 16.80
N LYS C 238 6.12 -21.61 17.76
CA LYS C 238 6.24 -22.97 18.24
C LYS C 238 6.21 -23.99 17.15
N ASP C 239 5.43 -23.72 16.11
CA ASP C 239 5.28 -24.68 15.04
C ASP C 239 6.35 -24.62 13.98
N SER C 240 6.81 -23.40 13.71
CA SER C 240 7.82 -23.17 12.69
C SER C 240 9.21 -23.50 13.17
N LEU C 241 9.54 -23.06 14.37
CA LEU C 241 10.87 -23.19 14.93
C LEU C 241 10.84 -24.04 16.17
N PRO C 242 10.82 -25.34 15.98
CA PRO C 242 10.73 -26.31 17.06
C PRO C 242 11.90 -26.23 18.03
N SER C 243 11.61 -26.39 19.31
CA SER C 243 12.60 -26.27 20.37
C SER C 243 13.34 -24.97 20.31
N ILE C 244 12.62 -23.88 20.12
CA ILE C 244 13.13 -22.58 20.45
C ILE C 244 12.59 -22.20 21.82
N GLY C 245 11.84 -23.11 22.44
CA GLY C 245 11.27 -22.84 23.75
C GLY C 245 10.03 -21.99 23.67
N ALA C 246 9.29 -22.15 22.59
CA ALA C 246 8.02 -21.48 22.48
C ALA C 246 7.01 -22.24 23.28
N ASP C 247 7.14 -23.56 23.33
CA ASP C 247 6.18 -24.36 24.08
C ASP C 247 6.04 -23.79 25.46
N GLY C 248 7.18 -23.61 26.13
CA GLY C 248 7.17 -23.10 27.49
C GLY C 248 6.40 -21.80 27.57
N VAL C 249 6.54 -20.95 26.55
CA VAL C 249 5.86 -19.67 26.54
C VAL C 249 4.38 -19.81 26.28
N VAL C 250 3.99 -20.70 25.37
CA VAL C 250 2.58 -20.96 25.15
C VAL C 250 1.89 -21.33 26.45
N SER C 251 2.46 -22.29 27.18
CA SER C 251 1.91 -22.71 28.48
C SER C 251 1.62 -21.51 29.36
N ALA C 252 2.60 -20.66 29.50
CA ALA C 252 2.48 -19.43 30.25
C ALA C 252 1.36 -18.57 29.75
N LEU C 253 0.99 -18.71 28.49
CA LEU C 253 -0.01 -17.82 27.93
C LEU C 253 -1.43 -18.25 28.22
N GLU C 254 -1.64 -19.55 28.51
CA GLU C 254 -2.98 -20.00 28.91
C GLU C 254 -3.13 -20.00 30.41
N SER C 255 -2.02 -19.81 31.12
CA SER C 255 -2.05 -19.74 32.58
C SER C 255 -2.77 -18.47 32.99
N ILE C 256 -2.71 -17.43 32.16
CA ILE C 256 -3.41 -16.18 32.49
C ILE C 256 -4.89 -16.38 32.36
N THR C 257 -5.55 -16.04 33.45
CA THR C 257 -6.98 -16.23 33.66
C THR C 257 -7.50 -15.09 34.52
N ALA C 258 -8.80 -15.14 34.79
CA ALA C 258 -9.43 -14.14 35.64
C ALA C 258 -8.69 -14.12 36.95
N GLU C 259 -8.47 -15.33 37.46
CA GLU C 259 -7.98 -15.60 38.79
C GLU C 259 -6.47 -15.40 38.89
N ARG C 260 -5.80 -15.55 37.74
CA ARG C 260 -4.36 -15.49 37.65
C ARG C 260 -4.07 -14.56 36.51
N PRO C 261 -4.31 -13.27 36.72
CA PRO C 261 -4.19 -12.35 35.60
C PRO C 261 -2.73 -12.15 35.32
N PHE C 262 -2.43 -11.53 34.20
CA PHE C 262 -1.04 -11.30 33.82
C PHE C 262 -0.35 -10.34 34.76
N THR C 263 0.88 -10.65 35.13
CA THR C 263 1.68 -9.73 35.93
C THR C 263 3.11 -9.82 35.43
N VAL C 264 3.79 -8.68 35.32
CA VAL C 264 5.19 -8.69 34.87
C VAL C 264 6.07 -9.70 35.58
N ALA C 265 5.99 -9.72 36.90
CA ALA C 265 6.74 -10.67 37.72
C ALA C 265 6.48 -12.11 37.28
N SER C 266 5.21 -12.51 37.33
CA SER C 266 4.83 -13.90 37.03
C SER C 266 5.21 -14.29 35.58
N TRP C 267 5.05 -13.35 34.66
CA TRP C 267 5.24 -13.63 33.24
C TRP C 267 6.69 -13.76 32.90
N GLN C 268 7.48 -12.77 33.29
CA GLN C 268 8.91 -12.84 33.02
C GLN C 268 9.46 -14.12 33.58
N ASP C 269 8.96 -14.54 34.75
CA ASP C 269 9.45 -15.76 35.36
C ASP C 269 9.18 -16.88 34.38
N ALA C 270 7.92 -16.99 33.96
CA ALA C 270 7.50 -18.06 33.07
C ALA C 270 8.41 -18.15 31.85
N VAL C 271 8.79 -17.00 31.31
CA VAL C 271 9.60 -16.96 30.11
C VAL C 271 11.03 -17.43 30.30
N VAL C 272 11.62 -17.11 31.44
CA VAL C 272 12.99 -17.53 31.69
C VAL C 272 13.02 -19.02 31.80
N LYS C 273 11.93 -19.57 32.31
CA LYS C 273 11.86 -20.98 32.59
C LYS C 273 11.34 -21.75 31.40
N SER C 274 11.17 -21.08 30.28
CA SER C 274 10.69 -21.79 29.12
C SER C 274 11.85 -22.45 28.48
N GLY C 275 13.03 -21.99 28.84
CA GLY C 275 14.25 -22.52 28.27
C GLY C 275 14.49 -22.12 26.83
N ILE C 276 14.21 -20.88 26.49
CA ILE C 276 14.54 -20.38 25.18
C ILE C 276 16.05 -20.36 25.11
N PRO C 277 16.61 -20.90 24.03
CA PRO C 277 18.04 -21.16 23.93
C PRO C 277 18.82 -19.97 23.47
N PHE C 278 18.69 -18.81 24.11
CA PHE C 278 19.50 -17.69 23.71
C PHE C 278 20.83 -17.72 24.38
N ASP C 279 21.60 -16.64 24.23
CA ASP C 279 22.89 -16.62 24.84
C ASP C 279 23.06 -15.39 25.68
N GLY C 280 23.56 -15.56 26.88
CA GLY C 280 23.66 -14.49 27.83
C GLY C 280 22.69 -14.62 28.98
N SER C 281 22.64 -13.58 29.82
CA SER C 281 21.68 -13.53 30.92
C SER C 281 20.45 -12.80 30.48
N PRO C 282 19.32 -13.04 31.13
CA PRO C 282 18.10 -12.33 30.80
C PRO C 282 18.37 -10.86 30.75
N ARG C 283 19.06 -10.39 31.77
CA ARG C 283 19.33 -8.99 31.90
C ARG C 283 20.15 -8.47 30.74
N ASN C 284 21.01 -9.32 30.19
CA ASN C 284 21.88 -8.91 29.13
C ASN C 284 22.02 -9.96 28.05
N VAL C 285 21.40 -9.77 26.92
CA VAL C 285 21.40 -10.79 25.90
C VAL C 285 22.64 -10.66 25.06
N ARG C 286 23.17 -11.76 24.55
CA ARG C 286 24.32 -11.73 23.66
C ARG C 286 24.02 -12.02 22.21
N TRP C 287 24.40 -11.08 21.36
CA TRP C 287 24.22 -11.22 19.94
C TRP C 287 25.51 -11.60 19.28
N ARG C 288 25.41 -12.39 18.22
CA ARG C 288 26.58 -12.64 17.42
C ARG C 288 26.41 -11.99 16.08
N THR C 289 25.50 -12.49 15.26
CA THR C 289 25.40 -11.92 13.90
C THR C 289 24.95 -10.46 13.96
N CYS C 290 24.27 -10.13 15.06
CA CYS C 290 23.70 -8.81 15.26
C CYS C 290 24.58 -7.91 16.10
N ARG C 291 25.75 -8.42 16.43
CA ARG C 291 26.67 -7.71 17.27
C ARG C 291 27.21 -6.52 16.51
N GLY C 292 27.16 -5.36 17.14
CA GLY C 292 27.61 -4.15 16.49
C GLY C 292 29.01 -3.71 16.89
N SER C 293 29.54 -2.71 16.21
CA SER C 293 30.88 -2.20 16.50
C SER C 293 30.90 -1.62 17.91
N SER C 294 29.72 -1.34 18.44
CA SER C 294 29.58 -0.81 19.78
C SER C 294 28.29 -1.33 20.39
N PRO C 295 28.26 -1.53 21.72
CA PRO C 295 27.06 -2.03 22.41
C PRO C 295 25.71 -1.40 22.04
N GLN C 296 25.67 -0.10 21.76
CA GLN C 296 24.38 0.56 21.54
C GLN C 296 23.93 0.49 20.09
N TYR C 297 24.61 -0.32 19.28
CA TYR C 297 24.19 -0.49 17.89
C TYR C 297 23.65 -1.90 17.64
N ARG C 298 22.75 -2.00 16.67
CA ARG C 298 22.22 -3.29 16.28
C ARG C 298 21.60 -3.98 17.47
N GLY C 299 21.83 -5.28 17.61
CA GLY C 299 21.21 -6.05 18.67
C GLY C 299 19.75 -6.35 18.40
N PHE C 300 18.88 -6.17 19.39
CA PHE C 300 17.52 -6.65 19.28
C PHE C 300 16.84 -6.39 17.92
N PRO C 301 16.79 -5.13 17.46
CA PRO C 301 16.00 -4.84 16.26
C PRO C 301 16.45 -5.74 15.14
N CYS C 302 17.76 -5.97 15.09
CA CYS C 302 18.33 -6.85 14.07
C CYS C 302 17.90 -8.27 14.24
N GLY C 303 18.05 -8.81 15.44
CA GLY C 303 17.61 -10.17 15.70
C GLY C 303 16.15 -10.36 15.38
N MET C 304 15.36 -9.37 15.76
CA MET C 304 13.94 -9.37 15.45
C MET C 304 13.67 -9.61 13.96
N TRP C 305 14.42 -8.95 13.08
CA TRP C 305 14.31 -9.19 11.64
C TRP C 305 14.59 -10.61 11.32
N LEU C 306 15.76 -11.09 11.77
CA LEU C 306 16.13 -12.49 11.56
C LEU C 306 14.99 -13.42 11.96
N LEU C 307 14.47 -13.26 13.18
CA LEU C 307 13.34 -14.06 13.58
C LEU C 307 12.18 -13.99 12.56
N LEU C 308 11.82 -12.78 12.14
CA LEU C 308 10.70 -12.62 11.23
C LEU C 308 10.93 -13.34 9.91
N HIS C 309 12.15 -13.26 9.39
CA HIS C 309 12.47 -14.00 8.21
C HIS C 309 12.43 -15.50 8.44
N ALA C 310 13.01 -15.92 9.54
CA ALA C 310 12.97 -17.33 9.89
C ALA C 310 11.56 -17.81 9.92
N LEU C 311 10.64 -16.96 10.38
CA LEU C 311 9.23 -17.32 10.37
C LEU C 311 8.72 -17.54 8.97
N THR C 312 9.00 -16.62 8.05
CA THR C 312 8.53 -16.76 6.67
C THR C 312 9.04 -18.04 6.03
N VAL C 313 10.26 -18.43 6.31
CA VAL C 313 10.85 -19.63 5.71
C VAL C 313 10.35 -20.96 6.30
N ASN C 314 10.16 -21.02 7.61
CA ASN C 314 9.83 -22.27 8.28
C ASN C 314 8.33 -22.52 8.64
N THR C 315 7.46 -21.57 8.34
CA THR C 315 6.03 -21.71 8.58
C THR C 315 5.47 -22.97 7.98
N PRO C 316 4.67 -23.66 8.78
CA PRO C 316 3.79 -24.67 8.22
C PRO C 316 2.99 -23.90 7.19
N ALA C 317 2.36 -24.56 6.23
CA ALA C 317 1.60 -23.83 5.22
C ALA C 317 0.26 -23.35 5.75
N ASP C 318 -0.17 -22.18 5.29
CA ASP C 318 -1.44 -21.56 5.66
C ASP C 318 -1.56 -21.06 7.09
N ARG C 319 -0.48 -20.60 7.69
CA ARG C 319 -0.62 -19.96 9.00
C ARG C 319 -0.65 -18.44 8.80
N ASN C 320 -0.40 -18.02 7.56
CA ASN C 320 -0.32 -16.61 7.20
C ASN C 320 0.91 -15.78 7.53
N VAL C 321 1.73 -16.19 8.47
CA VAL C 321 2.98 -15.48 8.64
C VAL C 321 2.78 -14.00 8.59
N LEU C 322 3.11 -13.43 7.44
CA LEU C 322 3.01 -12.01 7.21
C LEU C 322 1.75 -11.45 7.88
N GLU C 323 0.60 -12.07 7.66
CA GLU C 323 -0.62 -11.69 8.37
C GLU C 323 -0.38 -11.66 9.87
N VAL C 324 -0.02 -12.79 10.46
CA VAL C 324 0.34 -12.84 11.89
C VAL C 324 1.43 -11.86 12.36
N ILE C 325 2.58 -11.90 11.70
CA ILE C 325 3.70 -11.04 12.01
C ILE C 325 3.29 -9.59 12.09
N GLN C 326 2.65 -9.10 11.03
CA GLN C 326 2.16 -7.71 11.01
C GLN C 326 1.34 -7.43 12.26
N ASN C 327 0.44 -8.33 12.55
CA ASN C 327 -0.47 -8.15 13.65
C ASN C 327 0.24 -8.26 15.04
N TYR C 328 1.36 -8.97 15.10
CA TYR C 328 2.16 -8.96 16.32
C TYR C 328 2.82 -7.61 16.47
N ILE C 329 3.51 -7.19 15.42
CA ILE C 329 4.13 -5.87 15.43
C ILE C 329 3.11 -4.79 15.78
N ARG C 330 1.88 -4.96 15.34
CA ARG C 330 0.85 -4.00 15.71
C ARG C 330 0.86 -3.79 17.21
N TYR C 331 0.59 -4.84 17.98
CA TYR C 331 0.45 -4.65 19.42
C TYR C 331 1.70 -4.86 20.31
N PHE C 332 2.77 -5.40 19.74
CA PHE C 332 4.02 -5.58 20.49
C PHE C 332 5.28 -4.77 20.19
N PHE C 333 5.27 -3.94 19.18
CA PHE C 333 6.49 -3.20 18.82
C PHE C 333 6.37 -1.79 19.36
N SER C 334 7.31 -1.39 20.19
CA SER C 334 7.15 -0.11 20.89
C SER C 334 7.83 1.05 20.19
N CYS C 335 8.41 0.78 19.03
CA CYS C 335 9.05 1.81 18.21
C CYS C 335 8.04 2.37 17.21
N LYS C 336 7.57 3.59 17.45
CA LYS C 336 6.32 4.00 16.81
C LYS C 336 6.52 4.37 15.37
N GLU C 337 7.63 5.06 15.10
CA GLU C 337 7.98 5.41 13.73
C GLU C 337 7.90 4.10 12.91
N SER C 338 8.54 3.07 13.45
CA SER C 338 8.85 1.86 12.70
C SER C 338 7.59 0.98 12.58
N ARG C 339 6.83 0.89 13.67
CA ARG C 339 5.68 0.00 13.68
C ARG C 339 4.68 0.48 12.66
N ASP C 340 4.59 1.80 12.52
CA ASP C 340 3.49 2.39 11.79
C ASP C 340 3.49 2.02 10.32
N HIS C 341 4.58 2.24 9.59
CA HIS C 341 4.54 1.95 8.17
C HIS C 341 4.59 0.47 7.92
N PHE C 342 5.08 -0.26 8.90
CA PHE C 342 5.20 -1.70 8.72
C PHE C 342 3.82 -2.36 8.71
N ILE C 343 2.92 -1.89 9.56
CA ILE C 343 1.60 -2.50 9.58
C ILE C 343 0.79 -2.04 8.38
N GLN C 344 1.31 -1.07 7.64
CA GLN C 344 0.69 -0.61 6.41
C GLN C 344 1.15 -1.28 5.12
N PHE C 345 2.21 -2.07 5.18
CA PHE C 345 2.65 -2.79 3.99
C PHE C 345 1.48 -3.59 3.55
N ASN C 346 1.38 -3.81 2.26
CA ASN C 346 0.20 -4.50 1.77
C ASN C 346 0.62 -5.91 1.26
N PHE C 347 0.37 -6.94 2.06
CA PHE C 347 0.86 -8.28 1.72
C PHE C 347 -0.31 -9.09 1.23
N SER C 348 -0.26 -9.46 -0.05
CA SER C 348 -1.30 -10.31 -0.60
C SER C 348 -0.88 -11.73 -0.32
N PRO C 349 -1.73 -12.53 0.33
CA PRO C 349 -1.22 -13.88 0.34
C PRO C 349 -1.47 -14.73 -0.91
N ASN C 350 -1.22 -14.25 -2.14
CA ASN C 350 -0.99 -15.18 -3.29
C ASN C 350 0.40 -15.79 -3.18
N GLU C 351 1.36 -14.96 -2.79
CA GLU C 351 2.72 -15.27 -3.06
C GLU C 351 3.64 -15.44 -1.89
N ASP C 352 4.90 -15.69 -2.19
CA ASP C 352 5.83 -16.18 -1.20
C ASP C 352 6.04 -15.16 -0.13
N PRO C 353 5.63 -15.51 1.09
CA PRO C 353 5.83 -14.65 2.24
C PRO C 353 7.27 -14.27 2.20
N VAL C 354 8.11 -15.25 1.96
CA VAL C 354 9.55 -15.09 2.01
C VAL C 354 10.06 -13.96 1.14
N LEU C 355 9.61 -13.92 -0.11
CA LEU C 355 10.06 -12.90 -1.03
C LEU C 355 9.60 -11.57 -0.55
N GLN C 356 8.30 -11.48 -0.27
CA GLN C 356 7.65 -10.25 0.19
C GLN C 356 8.32 -9.59 1.40
N LEU C 357 8.46 -10.32 2.49
CA LEU C 357 9.20 -9.82 3.63
C LEU C 357 10.60 -9.40 3.25
N TRP C 358 11.22 -10.15 2.35
CA TRP C 358 12.54 -9.81 1.86
C TRP C 358 12.54 -8.45 1.22
N ARG C 359 11.59 -8.23 0.33
CA ARG C 359 11.34 -6.91 -0.31
C ARG C 359 11.12 -5.82 0.73
N ALA C 360 10.23 -6.10 1.66
CA ALA C 360 9.91 -5.19 2.75
C ALA C 360 11.17 -4.81 3.48
N HIS C 361 11.91 -5.79 3.96
CA HIS C 361 13.10 -5.49 4.75
C HIS C 361 14.06 -4.67 3.92
N ASN C 362 14.18 -4.98 2.62
CA ASN C 362 15.08 -4.21 1.78
C ASN C 362 14.64 -2.76 1.57
N ASN C 363 13.34 -2.57 1.42
CA ASN C 363 12.80 -1.24 1.34
C ASN C 363 13.24 -0.36 2.53
N VAL C 364 13.28 -0.94 3.70
CA VAL C 364 13.69 -0.21 4.87
C VAL C 364 15.16 0.12 4.79
N ASN C 365 15.99 -0.87 4.49
CA ASN C 365 17.42 -0.62 4.34
C ASN C 365 17.70 0.56 3.41
N ALA C 366 16.99 0.59 2.30
CA ALA C 366 17.00 1.74 1.41
C ALA C 366 16.81 3.06 2.18
N ARG C 367 15.66 3.18 2.86
CA ARG C 367 15.33 4.35 3.70
C ARG C 367 16.50 4.73 4.60
N LEU C 368 16.98 3.74 5.37
CA LEU C 368 17.96 3.97 6.43
C LEU C 368 19.38 4.07 5.92
N ALA C 369 19.52 3.82 4.63
CA ALA C 369 20.81 3.71 3.98
C ALA C 369 21.74 4.87 4.33
N ASN C 370 21.37 6.08 3.94
CA ASN C 370 22.25 7.22 4.15
C ASN C 370 22.17 7.83 5.56
N VAL C 371 21.12 7.49 6.32
CA VAL C 371 20.95 8.02 7.66
C VAL C 371 22.17 7.79 8.56
N LYS C 372 22.84 8.88 8.93
CA LYS C 372 24.02 8.75 9.77
C LYS C 372 23.60 8.70 11.23
N ASP C 373 22.65 9.58 11.58
CA ASP C 373 22.28 9.82 12.98
C ASP C 373 21.84 8.51 13.68
N GLY C 374 22.51 8.22 14.79
CA GLY C 374 22.19 7.05 15.59
C GLY C 374 22.42 5.70 14.94
N ALA C 375 23.40 5.60 14.04
CA ALA C 375 23.65 4.34 13.35
C ALA C 375 25.08 3.81 13.55
N ASP C 376 25.25 2.50 13.41
CA ASP C 376 26.55 1.89 13.56
C ASP C 376 27.42 2.25 12.37
N PRO C 377 28.48 3.02 12.62
CA PRO C 377 29.39 3.47 11.57
C PRO C 377 29.99 2.33 10.74
N LEU C 378 30.20 1.16 11.34
CA LEU C 378 30.86 0.07 10.62
C LEU C 378 29.93 -0.99 9.98
N VAL C 379 28.62 -0.83 10.16
CA VAL C 379 27.67 -1.76 9.54
C VAL C 379 26.62 -1.04 8.73
N PRO C 380 26.88 -0.90 7.43
CA PRO C 380 26.05 -0.16 6.51
C PRO C 380 24.75 -0.91 6.28
N LYS C 381 23.89 -0.27 5.51
CA LYS C 381 22.54 -0.72 5.17
C LYS C 381 22.32 -1.39 3.81
N ARG C 382 23.32 -2.11 3.32
CA ARG C 382 23.20 -2.74 2.02
C ARG C 382 21.90 -3.48 1.70
N GLN C 383 21.52 -3.37 0.43
CA GLN C 383 20.41 -4.14 -0.08
C GLN C 383 20.77 -5.63 -0.07
N PHE C 384 20.02 -6.40 0.69
CA PHE C 384 20.43 -7.76 0.99
C PHE C 384 19.88 -8.73 -0.02
N PRO C 385 20.63 -9.79 -0.34
CA PRO C 385 22.00 -10.12 0.00
C PRO C 385 22.94 -9.38 -0.93
N THR C 386 24.21 -9.20 -0.54
CA THR C 386 25.18 -8.54 -1.41
C THR C 386 25.55 -9.47 -2.55
N LEU C 387 26.47 -9.04 -3.39
CA LEU C 387 26.89 -9.88 -4.51
C LEU C 387 27.78 -11.02 -4.02
N GLU C 388 28.63 -10.80 -3.01
CA GLU C 388 29.45 -11.88 -2.46
C GLU C 388 28.52 -12.84 -1.78
N ALA C 389 27.51 -12.28 -1.14
CA ALA C 389 26.60 -13.07 -0.35
C ALA C 389 26.24 -14.29 -1.16
N CYS C 390 25.57 -14.11 -2.27
CA CYS C 390 25.47 -15.16 -3.28
C CYS C 390 25.44 -14.54 -4.64
N THR C 391 26.23 -15.07 -5.57
CA THR C 391 26.27 -14.55 -6.93
C THR C 391 25.02 -15.00 -7.65
N GLU C 392 24.58 -16.20 -7.27
CA GLU C 392 23.44 -16.88 -7.84
C GLU C 392 22.20 -15.97 -7.88
N CYS C 393 22.16 -14.98 -6.99
CA CYS C 393 21.00 -14.10 -6.83
C CYS C 393 20.96 -13.00 -7.85
N TYR C 394 22.13 -12.52 -8.25
CA TYR C 394 22.20 -11.47 -9.23
C TYR C 394 22.32 -12.03 -10.63
N ASP C 395 22.40 -11.12 -11.60
CA ASP C 395 22.43 -11.50 -13.00
C ASP C 395 23.37 -10.61 -13.79
N GLY C 396 23.41 -10.84 -15.10
CA GLY C 396 24.33 -10.11 -15.96
C GLY C 396 24.28 -8.62 -15.72
N ALA C 397 23.06 -8.10 -15.61
CA ALA C 397 22.84 -6.67 -15.45
C ALA C 397 23.29 -6.15 -14.07
N GLY C 398 23.17 -6.99 -13.04
CA GLY C 398 23.47 -6.56 -11.68
C GLY C 398 22.25 -6.32 -10.82
N ASN C 399 21.10 -6.81 -11.28
CA ASN C 399 19.90 -6.84 -10.44
C ASN C 399 19.40 -8.25 -10.08
N PHE C 400 18.32 -8.35 -9.31
CA PHE C 400 18.00 -9.59 -8.64
C PHE C 400 17.18 -10.52 -9.49
N ILE C 401 17.42 -11.81 -9.35
CA ILE C 401 16.53 -12.82 -9.91
C ILE C 401 15.75 -13.35 -8.75
N GLU C 402 14.48 -12.97 -8.64
CA GLU C 402 13.79 -13.24 -7.39
C GLU C 402 13.73 -14.71 -7.13
N ALA C 403 13.57 -15.51 -8.17
CA ALA C 403 13.47 -16.92 -7.94
C ALA C 403 14.70 -17.47 -7.23
N HIS C 404 15.87 -16.95 -7.56
CA HIS C 404 17.07 -17.46 -6.93
C HIS C 404 17.16 -16.91 -5.52
N VAL C 405 16.87 -15.64 -5.35
CA VAL C 405 16.86 -15.02 -4.03
C VAL C 405 15.93 -15.78 -3.10
N THR C 406 14.73 -16.09 -3.56
CA THR C 406 13.79 -16.81 -2.73
C THR C 406 14.38 -18.17 -2.36
N GLY C 407 15.28 -18.68 -3.18
CA GLY C 407 15.97 -19.92 -2.89
C GLY C 407 17.01 -19.75 -1.82
N PHE C 408 17.89 -18.76 -2.01
CA PHE C 408 18.89 -18.38 -1.01
C PHE C 408 18.38 -18.13 0.38
N LEU C 409 17.27 -17.43 0.48
CA LEU C 409 16.71 -17.14 1.77
C LEU C 409 16.24 -18.42 2.43
N LYS C 410 15.74 -19.35 1.64
CA LYS C 410 15.12 -20.53 2.19
C LYS C 410 16.18 -21.46 2.71
N GLN C 411 17.42 -21.11 2.41
CA GLN C 411 18.58 -21.85 2.84
C GLN C 411 19.12 -21.15 4.02
N ARG C 412 19.51 -19.90 3.81
CA ARG C 412 20.10 -19.12 4.86
C ARG C 412 19.29 -19.18 6.13
N TYR C 413 17.98 -19.07 6.01
CA TYR C 413 17.10 -19.02 7.18
C TYR C 413 16.51 -20.35 7.58
N LEU C 414 16.90 -21.43 6.92
CA LEU C 414 16.32 -22.73 7.23
C LEU C 414 16.58 -23.06 8.68
N TRP C 415 15.56 -23.51 9.41
CA TRP C 415 15.74 -23.80 10.84
C TRP C 415 15.85 -25.27 11.07
N ASP C 416 17.06 -25.67 11.41
CA ASP C 416 17.34 -27.02 11.75
C ASP C 416 17.53 -26.99 13.23
N PRO C 417 16.63 -27.70 13.88
CA PRO C 417 16.50 -27.65 15.33
C PRO C 417 17.67 -28.31 16.06
N LYS C 418 18.47 -29.10 15.34
CA LYS C 418 19.61 -29.79 15.92
C LYS C 418 20.80 -28.86 16.36
N LEU D 18 -21.24 23.22 25.42
CA LEU D 18 -21.05 22.27 24.32
C LEU D 18 -21.78 20.92 24.53
N PHE D 19 -21.54 20.28 25.67
CA PHE D 19 -22.28 19.07 26.07
C PHE D 19 -23.53 19.33 26.95
N HIS D 20 -23.86 20.60 27.13
CA HIS D 20 -24.93 20.98 28.05
C HIS D 20 -26.31 20.47 27.59
N LEU D 21 -26.41 19.96 26.36
CA LEU D 21 -27.65 19.34 25.87
C LEU D 21 -27.62 17.82 25.96
N ASP D 22 -26.51 17.28 26.47
CA ASP D 22 -26.28 15.85 26.49
C ASP D 22 -26.13 15.34 27.92
N SER D 23 -26.93 14.32 28.25
CA SER D 23 -26.98 13.77 29.60
C SER D 23 -25.84 12.80 29.95
N SER D 24 -25.32 12.07 28.96
CA SER D 24 -24.29 11.05 29.19
C SER D 24 -22.92 11.64 29.56
N VAL D 25 -22.81 12.97 29.50
CA VAL D 25 -21.56 13.65 29.85
C VAL D 25 -21.71 14.64 31.00
N VAL D 26 -20.82 14.54 31.97
CA VAL D 26 -20.79 15.44 33.10
C VAL D 26 -19.87 16.61 32.78
N ASP D 27 -20.40 17.83 32.93
CA ASP D 27 -19.62 19.05 32.70
C ASP D 27 -18.90 19.47 33.96
N LEU D 28 -17.58 19.58 33.87
CA LEU D 28 -16.79 19.90 35.05
C LEU D 28 -16.55 21.40 35.13
N SER D 29 -17.00 22.01 36.25
CA SER D 29 -16.66 23.38 36.57
C SER D 29 -15.50 23.48 37.55
N GLY D 30 -15.09 22.34 38.09
CA GLY D 30 -14.06 22.33 39.10
C GLY D 30 -13.39 20.99 39.26
N ASP D 31 -12.16 21.04 39.72
CA ASP D 31 -11.27 19.88 39.80
C ASP D 31 -11.67 18.92 40.90
N ASP D 32 -12.42 19.44 41.84
CA ASP D 32 -12.73 18.76 43.09
C ASP D 32 -13.90 17.83 42.83
N PHE D 33 -13.65 16.53 43.01
CA PHE D 33 -14.61 15.47 42.67
C PHE D 33 -15.60 15.08 43.76
N SER D 34 -15.33 15.47 44.99
CA SER D 34 -16.26 15.22 46.09
C SER D 34 -17.54 16.01 45.83
N ARG D 35 -17.37 17.14 45.15
CA ARG D 35 -18.47 18.08 44.97
C ARG D 35 -19.21 17.91 43.65
N VAL D 36 -18.79 16.94 42.83
CA VAL D 36 -19.63 16.49 41.73
C VAL D 36 -20.55 15.32 42.15
N HIS D 37 -20.21 14.68 43.27
CA HIS D 37 -21.04 13.61 43.85
C HIS D 37 -20.35 13.09 45.11
N ARG D 38 -21.10 12.42 45.98
CA ARG D 38 -20.52 11.85 47.18
C ARG D 38 -19.47 10.81 46.82
N VAL D 39 -19.88 9.86 45.96
CA VAL D 39 -19.09 8.68 45.64
C VAL D 39 -18.00 9.03 44.64
N ALA D 40 -18.19 10.16 43.94
CA ALA D 40 -17.36 10.49 42.80
C ALA D 40 -15.86 10.24 42.98
N PRO D 41 -15.22 10.80 44.04
CA PRO D 41 -13.77 10.64 44.21
C PRO D 41 -13.27 9.20 44.24
N LEU D 42 -14.19 8.24 44.41
CA LEU D 42 -13.89 6.80 44.34
C LEU D 42 -14.11 6.13 43.00
N CYS D 43 -14.50 6.89 41.97
CA CYS D 43 -14.79 6.29 40.67
C CYS D 43 -13.88 6.80 39.55
N PRO D 44 -13.65 5.98 38.53
CA PRO D 44 -12.86 6.44 37.38
C PRO D 44 -13.61 7.47 36.53
N TRP D 45 -12.85 8.42 35.97
CA TRP D 45 -13.41 9.44 35.05
C TRP D 45 -12.59 9.60 33.77
N ILE D 46 -13.24 9.57 32.61
CA ILE D 46 -12.52 9.89 31.39
C ILE D 46 -12.87 11.33 31.03
N VAL D 47 -11.91 12.22 31.19
CA VAL D 47 -12.19 13.64 31.00
C VAL D 47 -11.73 14.12 29.64
N LEU D 48 -12.61 14.86 28.98
CA LEU D 48 -12.27 15.58 27.74
C LEU D 48 -12.13 17.10 27.99
N PHE D 49 -10.92 17.62 27.77
CA PHE D 49 -10.69 19.05 27.73
C PHE D 49 -10.86 19.51 26.27
N TYR D 50 -11.64 20.59 26.09
CA TYR D 50 -11.89 21.10 24.74
C TYR D 50 -12.00 22.62 24.73
N ASN D 51 -12.17 23.17 23.53
CA ASN D 51 -12.51 24.58 23.38
C ASN D 51 -13.63 24.69 22.35
N ASP D 52 -14.74 25.32 22.75
CA ASP D 52 -15.91 25.35 21.88
C ASP D 52 -15.64 26.15 20.60
N GLY D 53 -14.51 26.85 20.56
CA GLY D 53 -14.12 27.64 19.40
C GLY D 53 -13.36 26.82 18.37
N CYS D 54 -12.80 25.71 18.82
CA CYS D 54 -11.93 24.92 17.95
C CYS D 54 -12.58 23.96 16.95
N GLY D 55 -12.06 24.02 15.72
CA GLY D 55 -12.55 23.12 14.70
C GLY D 55 -12.44 21.73 15.25
N ALA D 56 -11.22 21.33 15.59
CA ALA D 56 -11.01 19.98 16.07
C ALA D 56 -12.00 19.61 17.18
N SER D 57 -12.12 20.47 18.19
CA SER D 57 -12.94 20.16 19.36
C SER D 57 -14.41 20.02 18.98
N ARG D 58 -14.85 20.94 18.14
CA ARG D 58 -16.19 20.91 17.60
C ARG D 58 -16.53 19.53 17.01
N ARG D 59 -15.67 19.08 16.10
CA ARG D 59 -15.92 17.88 15.32
C ARG D 59 -15.87 16.65 16.23
N TYR D 60 -14.88 16.63 17.14
CA TYR D 60 -14.65 15.50 18.05
C TYR D 60 -15.72 15.34 19.13
N ALA D 61 -16.38 16.42 19.50
CA ALA D 61 -17.45 16.30 20.47
C ALA D 61 -18.53 15.30 20.01
N SER D 62 -18.75 15.17 18.70
CA SER D 62 -19.58 14.10 18.17
C SER D 62 -19.18 12.75 18.79
N THR D 63 -18.01 12.29 18.40
CA THR D 63 -17.50 11.00 18.85
C THR D 63 -17.66 10.76 20.35
N PHE D 64 -17.31 11.77 21.14
CA PHE D 64 -17.24 11.61 22.57
C PHE D 64 -18.62 11.42 23.16
N SER D 65 -19.58 12.21 22.69
CA SER D 65 -20.96 12.11 23.14
C SER D 65 -21.45 10.72 22.82
N LYS D 66 -21.06 10.23 21.65
CA LYS D 66 -21.50 8.93 21.18
C LYS D 66 -20.91 7.88 22.08
N PHE D 67 -19.63 8.07 22.42
CA PHE D 67 -18.92 7.18 23.30
C PHE D 67 -19.54 7.16 24.71
N ALA D 68 -19.80 8.33 25.27
CA ALA D 68 -20.43 8.40 26.59
C ALA D 68 -21.86 7.84 26.56
N GLY D 69 -22.50 7.95 25.40
CA GLY D 69 -23.84 7.41 25.19
C GLY D 69 -23.90 5.90 25.44
N GLY D 70 -22.76 5.22 25.27
CA GLY D 70 -22.70 3.80 25.52
C GLY D 70 -22.43 3.46 26.98
N LEU D 71 -22.12 4.48 27.77
CA LEU D 71 -21.78 4.27 29.19
C LEU D 71 -23.03 4.12 30.02
N LYS D 72 -24.18 4.22 29.39
CA LYS D 72 -25.38 3.93 30.15
C LYS D 72 -25.70 2.51 29.78
N VAL D 73 -25.35 1.62 30.69
CA VAL D 73 -25.77 0.23 30.62
C VAL D 73 -25.91 -0.05 32.07
N GLU D 74 -26.96 -0.77 32.46
CA GLU D 74 -27.44 -0.75 33.82
C GLU D 74 -26.71 -1.78 34.67
N HIS D 75 -27.11 -3.04 34.54
CA HIS D 75 -26.37 -4.07 35.18
C HIS D 75 -25.81 -4.86 34.03
N GLY D 76 -24.51 -4.70 33.89
CA GLY D 76 -23.78 -5.51 32.97
C GLY D 76 -22.42 -5.53 33.61
N LYS D 77 -21.70 -6.61 33.38
CA LYS D 77 -20.36 -6.70 33.91
C LYS D 77 -19.49 -6.39 32.73
N ASP D 78 -19.22 -5.12 32.53
CA ASP D 78 -18.24 -4.75 31.56
C ASP D 78 -17.38 -3.82 32.37
N ALA D 79 -16.11 -4.14 32.49
CA ALA D 79 -15.26 -3.33 33.32
C ALA D 79 -15.51 -1.87 32.92
N LEU D 80 -15.77 -1.67 31.63
CA LEU D 80 -15.91 -0.35 31.04
C LEU D 80 -17.00 0.49 31.70
N GLN D 81 -18.04 -0.17 32.20
CA GLN D 81 -19.29 0.50 32.60
C GLN D 81 -19.20 1.24 33.92
N ILE D 82 -18.06 1.10 34.58
CA ILE D 82 -17.81 1.80 35.85
C ILE D 82 -17.28 3.24 35.67
N ALA D 83 -16.70 3.48 34.50
CA ALA D 83 -16.19 4.79 34.15
C ALA D 83 -17.33 5.77 33.89
N THR D 84 -17.01 7.05 33.98
CA THR D 84 -17.98 8.10 33.73
C THR D 84 -17.35 9.19 32.87
N ALA D 85 -18.07 9.67 31.86
CA ALA D 85 -17.46 10.64 30.95
C ALA D 85 -17.70 12.08 31.43
N ALA D 86 -16.69 12.92 31.27
CA ALA D 86 -16.79 14.32 31.67
C ALA D 86 -16.02 15.22 30.70
N ALA D 87 -16.32 16.51 30.76
CA ALA D 87 -15.72 17.46 29.83
C ALA D 87 -15.47 18.80 30.46
N VAL D 88 -14.25 19.28 30.25
CA VAL D 88 -13.90 20.64 30.65
C VAL D 88 -13.78 21.56 29.49
N ASN D 89 -14.58 22.69 29.51
CA ASN D 89 -14.42 23.69 28.42
C ASN D 89 -13.48 24.79 28.70
N CYS D 90 -12.42 24.82 27.89
CA CYS D 90 -11.25 25.73 28.17
C CYS D 90 -11.41 27.21 27.74
N ALA D 91 -12.56 27.48 27.14
CA ALA D 91 -12.97 28.85 26.82
C ALA D 91 -13.54 29.62 28.05
N SER D 92 -13.84 28.87 29.12
CA SER D 92 -14.39 29.44 30.37
C SER D 92 -13.55 28.99 31.54
N GLU D 93 -13.43 27.68 31.68
CA GLU D 93 -12.84 27.04 32.84
C GLU D 93 -11.35 27.15 32.82
N VAL D 94 -10.89 28.27 32.29
CA VAL D 94 -9.48 28.61 32.23
C VAL D 94 -8.66 28.25 33.48
N ASP D 95 -9.20 28.46 34.68
CA ASP D 95 -8.47 28.06 35.90
C ASP D 95 -8.17 26.54 35.99
N LEU D 96 -9.24 25.75 35.90
CA LEU D 96 -9.15 24.30 35.86
C LEU D 96 -8.09 23.84 34.86
N CYS D 97 -8.19 24.32 33.62
CA CYS D 97 -7.23 23.94 32.58
C CYS D 97 -5.76 24.30 32.89
N ARG D 98 -5.51 25.49 33.46
CA ARG D 98 -4.15 25.92 33.66
C ARG D 98 -3.56 24.94 34.63
N LYS D 99 -4.40 24.50 35.55
CA LYS D 99 -3.96 23.53 36.55
C LYS D 99 -3.30 22.30 35.91
N TYR D 100 -3.85 21.84 34.79
CA TYR D 100 -3.31 20.69 34.06
C TYR D 100 -2.35 21.01 32.89
N ASP D 101 -1.96 22.28 32.75
CA ASP D 101 -1.06 22.70 31.68
C ASP D 101 -1.63 22.32 30.37
N ILE D 102 -2.95 22.44 30.31
CA ILE D 102 -3.69 22.21 29.09
C ILE D 102 -3.58 23.48 28.27
N ASN D 103 -3.23 23.29 27.01
CA ASN D 103 -3.05 24.38 26.09
C ASN D 103 -3.77 24.06 24.76
N PHE D 104 -3.27 23.10 24.01
CA PHE D 104 -4.00 22.71 22.81
C PHE D 104 -5.11 21.72 23.10
N VAL D 105 -6.19 21.83 22.34
CA VAL D 105 -7.26 20.87 22.47
C VAL D 105 -7.56 20.27 21.11
N PRO D 106 -8.30 19.14 21.11
CA PRO D 106 -8.78 18.60 22.39
C PRO D 106 -7.72 17.77 23.13
N ARG D 107 -8.04 17.33 24.34
CA ARG D 107 -7.05 16.67 25.17
C ARG D 107 -7.73 15.64 26.09
N LEU D 108 -7.20 14.42 26.20
CA LEU D 108 -7.90 13.40 26.98
C LEU D 108 -7.12 12.97 28.19
N PHE D 109 -7.81 12.90 29.31
CA PHE D 109 -7.18 12.53 30.57
C PHE D 109 -7.99 11.46 31.25
N PHE D 110 -7.27 10.47 31.78
CA PHE D 110 -7.89 9.45 32.62
C PHE D 110 -7.64 9.73 34.09
N PHE D 111 -8.71 9.86 34.85
CA PHE D 111 -8.57 10.10 36.27
C PHE D 111 -9.08 8.90 37.06
N TYR D 112 -8.33 8.54 38.10
CA TYR D 112 -8.71 7.49 39.02
C TYR D 112 -8.22 7.84 40.41
N PRO D 113 -8.87 7.26 41.43
CA PRO D 113 -8.55 7.46 42.84
C PRO D 113 -7.16 6.91 43.20
N ARG D 114 -6.54 7.58 44.17
CA ARG D 114 -5.25 7.19 44.77
C ARG D 114 -5.33 5.91 45.61
N ASP D 115 -6.24 5.93 46.59
CA ASP D 115 -6.41 4.91 47.65
C ASP D 115 -5.96 5.42 49.03
N SER D 127 -8.23 14.72 45.64
CA SER D 127 -8.27 13.28 45.90
C SER D 127 -7.73 12.41 44.76
N LEU D 128 -7.40 13.00 43.62
CA LEU D 128 -7.28 12.22 42.38
C LEU D 128 -5.98 12.30 41.61
N GLU D 129 -5.70 11.20 40.92
CA GLU D 129 -4.51 11.02 40.12
C GLU D 129 -4.94 10.95 38.66
N HIS D 130 -4.02 11.23 37.74
CA HIS D 130 -4.41 11.35 36.35
C HIS D 130 -3.44 10.70 35.38
N VAL D 131 -3.95 10.38 34.21
CA VAL D 131 -3.15 9.78 33.16
C VAL D 131 -3.43 10.55 31.86
N ALA D 132 -2.36 11.03 31.25
CA ALA D 132 -2.49 11.79 30.02
C ALA D 132 -2.45 10.86 28.82
N PHE D 133 -3.52 10.88 28.03
CA PHE D 133 -3.59 10.10 26.81
C PHE D 133 -2.55 10.57 25.78
N GLU D 134 -1.70 9.63 25.36
CA GLU D 134 -0.72 9.85 24.27
C GLU D 134 -1.46 10.49 23.14
N ASN D 135 -2.42 9.74 22.60
CA ASN D 135 -3.21 10.20 21.47
C ASN D 135 -4.62 10.49 21.91
N SER D 136 -5.06 11.74 21.73
CA SER D 136 -6.37 12.16 22.19
C SER D 136 -7.43 12.12 21.07
N HIS D 137 -7.02 11.79 19.86
CA HIS D 137 -8.02 11.68 18.84
C HIS D 137 -8.27 10.21 18.66
N LEU D 138 -9.39 9.76 19.19
CA LEU D 138 -9.67 8.33 19.32
C LEU D 138 -11.07 7.99 18.89
N GLU D 139 -11.16 7.00 18.02
CA GLU D 139 -12.42 6.49 17.54
C GLU D 139 -13.20 5.89 18.71
N VAL D 140 -14.51 5.81 18.56
CA VAL D 140 -15.34 5.26 19.61
C VAL D 140 -14.81 3.94 20.21
N ASP D 141 -14.47 2.94 19.40
CA ASP D 141 -13.98 1.68 19.98
C ASP D 141 -12.58 1.80 20.65
N GLU D 142 -11.63 2.45 20.00
CA GLU D 142 -10.31 2.62 20.59
C GLU D 142 -10.47 3.32 21.94
N LEU D 143 -11.38 4.27 21.97
CA LEU D 143 -11.68 4.96 23.22
C LEU D 143 -12.14 3.95 24.27
N GLU D 144 -13.14 3.15 23.91
CA GLU D 144 -13.65 2.10 24.78
C GLU D 144 -12.53 1.12 25.19
N SER D 145 -11.84 0.57 24.20
CA SER D 145 -10.73 -0.37 24.43
C SER D 145 -9.78 0.22 25.45
N GLU D 146 -9.45 1.50 25.30
CA GLU D 146 -8.52 2.15 26.22
C GLU D 146 -9.08 2.32 27.62
N VAL D 147 -10.25 2.95 27.72
CA VAL D 147 -10.85 3.18 29.02
C VAL D 147 -10.94 1.86 29.77
N ARG D 148 -11.40 0.83 29.07
CA ARG D 148 -11.54 -0.47 29.68
C ARG D 148 -10.20 -0.83 30.25
N ARG D 149 -9.19 -0.87 29.37
CA ARG D 149 -7.84 -1.33 29.76
C ARG D 149 -7.36 -0.62 31.00
N LEU D 150 -7.60 0.69 31.05
CA LEU D 150 -7.11 1.54 32.14
C LEU D 150 -7.81 1.31 33.47
N VAL D 151 -9.13 1.15 33.42
CA VAL D 151 -9.87 0.83 34.61
C VAL D 151 -9.34 -0.47 35.22
N ASN D 152 -9.23 -1.51 34.40
CA ASN D 152 -8.63 -2.77 34.86
C ASN D 152 -7.27 -2.56 35.54
N LYS D 153 -6.45 -1.68 34.95
CA LYS D 153 -5.07 -1.48 35.41
C LYS D 153 -5.00 -0.74 36.76
N HIS D 154 -5.75 0.34 36.88
CA HIS D 154 -5.67 1.15 38.08
C HIS D 154 -6.74 0.90 39.11
N MET D 155 -7.65 -0.01 38.78
CA MET D 155 -8.76 -0.33 39.69
C MET D 155 -8.73 -1.77 40.13
N VAL D 156 -9.28 -2.01 41.32
CA VAL D 156 -9.60 -3.35 41.72
C VAL D 156 -11.07 -3.53 41.37
N VAL D 157 -11.34 -4.39 40.40
CA VAL D 157 -12.65 -4.41 39.79
C VAL D 157 -13.60 -5.34 40.56
N ASP D 158 -14.55 -4.71 41.24
CA ASP D 158 -15.52 -5.36 42.13
C ASP D 158 -16.86 -5.69 41.48
N ASP D 159 -17.78 -6.03 42.37
CA ASP D 159 -19.20 -5.86 42.15
C ASP D 159 -19.59 -4.71 43.05
N SER D 160 -19.22 -4.84 44.33
CA SER D 160 -19.44 -3.77 45.32
C SER D 160 -19.05 -2.40 44.75
N LEU D 161 -17.93 -2.35 44.04
CA LEU D 161 -17.52 -1.13 43.40
C LEU D 161 -18.30 -0.85 42.11
N LYS D 162 -18.43 -1.87 41.26
CA LYS D 162 -19.11 -1.77 39.95
C LYS D 162 -20.50 -1.16 40.03
N GLU D 163 -21.30 -1.56 41.02
CA GLU D 163 -22.67 -1.05 41.14
C GLU D 163 -22.68 0.35 41.75
N ARG D 164 -21.73 0.56 42.66
CA ARG D 164 -21.53 1.81 43.35
C ARG D 164 -21.40 2.98 42.38
N CYS D 165 -20.57 2.78 41.37
CA CYS D 165 -20.30 3.81 40.41
C CYS D 165 -21.48 3.95 39.50
N ILE D 166 -21.90 2.84 38.91
CA ILE D 166 -22.99 2.89 37.94
C ILE D 166 -24.19 3.56 38.61
N ASP D 167 -24.26 3.49 39.93
CA ASP D 167 -25.30 4.19 40.66
C ASP D 167 -25.20 5.71 40.46
N MET D 168 -24.10 6.31 40.93
CA MET D 168 -23.95 7.78 40.97
C MET D 168 -23.89 8.27 39.53
N HIS D 169 -23.20 7.45 38.76
CA HIS D 169 -23.07 7.55 37.31
C HIS D 169 -24.45 7.78 36.72
N PHE D 170 -25.46 7.07 37.22
CA PHE D 170 -26.83 7.31 36.77
C PHE D 170 -27.53 8.51 37.40
N LYS D 171 -27.41 8.67 38.72
CA LYS D 171 -28.04 9.82 39.35
C LYS D 171 -27.62 11.11 38.66
N LEU D 172 -26.42 11.11 38.09
CA LEU D 172 -25.94 12.29 37.38
C LEU D 172 -26.61 12.36 36.04
N TYR D 173 -26.72 11.21 35.36
CA TYR D 173 -27.35 11.12 34.04
C TYR D 173 -28.80 11.63 34.01
N THR D 174 -29.62 11.00 34.83
CA THR D 174 -31.04 11.32 34.91
C THR D 174 -31.25 12.73 35.45
N SER D 175 -30.39 13.13 36.39
CA SER D 175 -30.47 14.45 36.99
C SER D 175 -30.19 15.58 35.99
N LYS D 176 -29.15 15.39 35.17
CA LYS D 176 -28.79 16.36 34.12
C LYS D 176 -29.83 16.38 33.02
N GLU D 177 -30.62 15.31 32.96
CA GLU D 177 -31.69 15.19 31.98
C GLU D 177 -32.80 16.21 32.25
N GLU D 178 -32.89 16.64 33.51
CA GLU D 178 -33.81 17.71 33.88
C GLU D 178 -33.42 19.04 33.25
N LEU D 179 -32.19 19.45 33.51
CA LEU D 179 -31.66 20.72 33.01
C LEU D 179 -31.92 20.90 31.52
N VAL D 180 -31.74 19.81 30.78
CA VAL D 180 -31.92 19.82 29.34
C VAL D 180 -33.39 19.85 28.92
N LYS D 181 -34.16 18.91 29.45
CA LYS D 181 -35.53 18.63 29.00
C LYS D 181 -36.39 19.88 29.00
N ARG D 182 -36.06 20.86 29.85
CA ARG D 182 -36.71 22.16 29.77
C ARG D 182 -35.69 23.20 29.25
N SER D 183 -35.76 23.43 27.93
CA SER D 183 -34.90 24.35 27.19
C SER D 183 -35.70 25.14 26.12
N VAL D 184 -36.15 24.43 25.06
CA VAL D 184 -37.08 24.97 24.02
C VAL D 184 -38.41 24.22 23.96
N GLY D 191 -39.74 32.44 15.98
CA GLY D 191 -38.32 32.47 16.24
C GLY D 191 -37.56 31.65 15.23
N ARG D 192 -37.65 32.07 13.97
CA ARG D 192 -36.96 31.41 12.85
C ARG D 192 -35.71 32.18 12.42
N PHE D 193 -34.56 31.55 12.65
CA PHE D 193 -33.28 32.21 12.58
C PHE D 193 -33.01 32.98 11.30
N VAL D 194 -32.45 34.18 11.44
CA VAL D 194 -31.93 34.89 10.27
C VAL D 194 -30.53 35.45 10.55
N GLU D 195 -29.57 35.04 9.73
CA GLU D 195 -28.18 35.49 9.82
C GLU D 195 -28.11 37.01 9.66
N THR D 196 -27.40 37.68 10.59
CA THR D 196 -27.13 39.13 10.52
C THR D 196 -25.80 39.30 9.80
N THR D 197 -25.83 39.87 8.60
CA THR D 197 -24.60 39.98 7.81
C THR D 197 -23.88 41.32 7.84
N GLU D 198 -24.45 42.33 8.51
CA GLU D 198 -23.76 43.60 8.64
C GLU D 198 -22.71 43.43 9.69
N LEU D 199 -21.76 44.37 9.71
CA LEU D 199 -20.68 44.34 10.68
C LEU D 199 -20.92 45.34 11.83
N TYR D 200 -20.77 44.88 13.08
CA TYR D 200 -20.98 45.72 14.27
C TYR D 200 -19.78 45.69 15.18
N ALA D 201 -19.31 46.87 15.61
CA ALA D 201 -18.11 46.91 16.41
C ALA D 201 -18.23 46.00 17.59
N THR D 202 -19.43 45.92 18.17
CA THR D 202 -19.68 45.14 19.40
C THR D 202 -19.23 43.68 19.26
N ASP D 203 -19.21 43.23 18.00
CA ASP D 203 -18.66 41.93 17.65
C ASP D 203 -17.13 41.95 17.62
N ILE D 204 -16.56 42.96 16.97
CA ILE D 204 -15.11 43.07 16.99
C ILE D 204 -14.60 43.28 18.41
N ALA D 205 -15.27 44.11 19.18
CA ALA D 205 -14.79 44.32 20.53
C ALA D 205 -14.95 43.02 21.32
N GLY D 206 -16.12 42.39 21.18
CA GLY D 206 -16.37 41.15 21.89
C GLY D 206 -15.21 40.18 21.70
N ALA D 207 -14.76 40.08 20.45
CA ALA D 207 -13.60 39.28 20.09
C ALA D 207 -12.35 39.70 20.90
N PHE D 208 -12.03 40.98 20.83
CA PHE D 208 -10.86 41.47 21.51
C PHE D 208 -10.96 41.21 23.02
N PHE D 209 -12.12 41.46 23.59
CA PHE D 209 -12.29 41.18 25.01
C PHE D 209 -12.05 39.70 25.28
N SER D 210 -12.82 38.87 24.58
CA SER D 210 -12.70 37.42 24.72
C SER D 210 -11.23 36.96 24.61
N ALA D 211 -10.52 37.43 23.60
CA ALA D 211 -9.10 37.07 23.45
C ALA D 211 -8.25 37.38 24.69
N MET D 212 -8.28 38.65 25.10
CA MET D 212 -7.48 39.09 26.23
C MET D 212 -7.93 38.35 27.45
N HIS D 213 -9.24 38.34 27.67
CA HIS D 213 -9.79 37.86 28.92
C HIS D 213 -9.71 36.36 29.12
N TYR D 214 -9.93 35.60 28.06
CA TYR D 214 -9.89 34.16 28.19
C TYR D 214 -8.62 33.57 27.62
N ASP D 215 -8.40 33.79 26.33
CA ASP D 215 -7.29 33.14 25.65
C ASP D 215 -5.88 33.53 26.13
N VAL D 216 -5.66 34.81 26.43
CA VAL D 216 -4.39 35.17 27.05
C VAL D 216 -4.27 34.51 28.42
N SER D 217 -5.40 34.42 29.13
CA SER D 217 -5.43 33.98 30.52
C SER D 217 -4.98 32.54 30.66
N LEU D 218 -5.46 31.71 29.76
CA LEU D 218 -5.18 30.30 29.82
C LEU D 218 -3.67 30.05 29.73
N VAL D 219 -3.05 30.72 28.75
CA VAL D 219 -1.63 30.45 28.44
C VAL D 219 -0.56 31.30 29.20
N GLY D 220 -0.97 32.35 29.89
CA GLY D 220 -0.04 33.24 30.53
C GLY D 220 0.89 34.03 29.60
N THR D 221 1.82 34.76 30.20
CA THR D 221 2.75 35.63 29.46
C THR D 221 4.19 35.09 29.17
N GLU D 222 4.47 33.83 29.56
CA GLU D 222 5.79 33.21 29.32
C GLU D 222 5.85 31.99 28.37
N PRO D 223 6.98 31.80 27.66
CA PRO D 223 8.21 32.59 27.77
C PRO D 223 8.05 33.96 27.16
N ARG D 224 9.17 34.64 27.03
CA ARG D 224 9.30 36.01 26.57
C ARG D 224 8.74 36.24 25.14
N GLU D 225 8.94 35.25 24.26
CA GLU D 225 8.55 35.34 22.86
C GLU D 225 7.05 35.49 22.77
N ARG D 226 6.36 34.82 23.69
CA ARG D 226 4.93 34.99 23.84
C ARG D 226 4.51 36.39 24.29
N LEU D 227 5.14 36.87 25.36
CA LEU D 227 4.88 38.21 25.85
C LEU D 227 5.08 39.19 24.70
N THR D 228 6.22 39.05 24.02
CA THR D 228 6.53 39.92 22.89
C THR D 228 5.35 39.94 21.93
N ALA D 229 4.99 38.74 21.46
CA ALA D 229 3.87 38.59 20.55
C ALA D 229 2.69 39.36 21.10
N LEU D 230 2.43 39.18 22.39
CA LEU D 230 1.25 39.75 23.02
C LEU D 230 1.29 41.27 23.02
N GLU D 231 2.46 41.83 23.36
CA GLU D 231 2.61 43.30 23.43
C GLU D 231 2.40 43.95 22.05
N ASP D 232 3.03 43.34 21.03
CA ASP D 232 3.00 43.85 19.65
C ASP D 232 1.58 43.87 19.10
N PHE D 233 0.84 42.82 19.46
CA PHE D 233 -0.53 42.69 19.01
C PHE D 233 -1.40 43.79 19.66
N VAL D 234 -1.44 43.78 20.98
CA VAL D 234 -2.24 44.74 21.70
C VAL D 234 -1.86 46.17 21.30
N LEU D 235 -0.56 46.45 21.21
CA LEU D 235 -0.16 47.77 20.78
C LEU D 235 -0.73 48.05 19.42
N LEU D 236 -0.58 47.07 18.51
CA LEU D 236 -1.12 47.26 17.17
C LEU D 236 -2.64 47.43 17.18
N VAL D 237 -3.31 46.83 18.16
CA VAL D 237 -4.76 47.07 18.32
C VAL D 237 -5.04 48.50 18.76
N LYS D 238 -4.38 48.92 19.84
CA LYS D 238 -4.60 50.24 20.39
C LYS D 238 -4.46 51.35 19.34
N ASP D 239 -3.54 51.14 18.39
CA ASP D 239 -3.21 52.14 17.37
C ASP D 239 -4.20 52.16 16.21
N SER D 240 -4.60 50.97 15.77
CA SER D 240 -5.49 50.80 14.63
C SER D 240 -6.93 51.11 15.01
N LEU D 241 -7.37 50.58 16.15
CA LEU D 241 -8.76 50.68 16.56
C LEU D 241 -8.85 51.47 17.85
N PRO D 242 -8.83 52.80 17.72
CA PRO D 242 -8.86 53.73 18.85
C PRO D 242 -10.14 53.61 19.68
N SER D 243 -9.97 53.63 20.99
CA SER D 243 -11.09 53.45 21.94
C SER D 243 -11.84 52.13 21.73
N ILE D 244 -11.06 51.06 21.57
CA ILE D 244 -11.59 49.72 21.73
C ILE D 244 -11.23 49.25 23.14
N GLY D 245 -10.58 50.13 23.87
CA GLY D 245 -10.18 49.82 25.21
C GLY D 245 -8.93 48.96 25.21
N ALA D 246 -8.08 49.18 24.21
CA ALA D 246 -6.75 48.55 24.19
C ALA D 246 -5.82 49.25 25.19
N ASP D 247 -5.98 50.57 25.33
CA ASP D 247 -5.14 51.35 26.23
C ASP D 247 -5.18 50.70 27.58
N GLY D 248 -6.38 50.50 28.10
CA GLY D 248 -6.51 49.88 29.41
C GLY D 248 -5.73 48.57 29.53
N VAL D 249 -5.75 47.78 28.46
CA VAL D 249 -5.06 46.50 28.46
C VAL D 249 -3.56 46.70 28.41
N VAL D 250 -3.09 47.62 27.57
CA VAL D 250 -1.67 47.89 27.49
C VAL D 250 -1.12 48.17 28.87
N SER D 251 -1.78 49.08 29.60
CA SER D 251 -1.37 49.43 30.98
C SER D 251 -1.18 48.18 31.84
N ALA D 252 -2.19 47.30 31.82
CA ALA D 252 -2.17 46.03 32.54
C ALA D 252 -0.98 45.19 32.11
N LEU D 253 -0.49 45.41 30.89
CA LEU D 253 0.61 44.61 30.38
C LEU D 253 2.03 45.00 30.84
N GLU D 254 2.26 46.28 31.16
CA GLU D 254 3.55 46.67 31.75
C GLU D 254 3.48 46.61 33.28
N SER D 255 2.28 46.41 33.81
CA SER D 255 2.12 46.21 35.24
C SER D 255 2.81 44.94 35.69
N ILE D 256 2.88 43.95 34.79
CA ILE D 256 3.52 42.70 35.15
C ILE D 256 4.99 42.89 35.20
N THR D 257 5.54 42.49 36.35
CA THR D 257 6.93 42.68 36.68
C THR D 257 7.37 41.48 37.49
N ALA D 258 8.63 41.49 37.91
CA ALA D 258 9.17 40.46 38.81
C ALA D 258 8.30 40.39 40.06
N GLU D 259 8.00 41.57 40.59
CA GLU D 259 7.30 41.73 41.84
C GLU D 259 5.80 41.65 41.81
N ARG D 260 5.28 41.77 40.60
CA ARG D 260 3.87 41.74 40.36
C ARG D 260 3.75 40.86 39.13
N PRO D 261 3.93 39.53 39.32
CA PRO D 261 3.99 38.70 38.12
C PRO D 261 2.57 38.52 37.64
N PHE D 262 2.42 37.91 36.48
CA PHE D 262 1.09 37.67 35.93
C PHE D 262 0.31 36.63 36.74
N THR D 263 -0.96 36.95 37.02
CA THR D 263 -1.87 36.01 37.66
C THR D 263 -3.23 36.17 37.00
N VAL D 264 -3.94 35.06 36.82
CA VAL D 264 -5.26 35.05 36.19
C VAL D 264 -6.24 36.04 36.83
N ALA D 265 -6.34 35.93 38.14
CA ALA D 265 -7.14 36.84 38.92
C ALA D 265 -6.84 38.29 38.53
N SER D 266 -5.59 38.68 38.76
CA SER D 266 -5.14 40.06 38.57
C SER D 266 -5.40 40.53 37.15
N TRP D 267 -5.08 39.66 36.19
CA TRP D 267 -5.10 40.02 34.78
C TRP D 267 -6.50 40.17 34.28
N GLN D 268 -7.34 39.17 34.54
CA GLN D 268 -8.74 39.26 34.13
C GLN D 268 -9.40 40.53 34.68
N ASP D 269 -9.04 40.89 35.93
CA ASP D 269 -9.60 42.07 36.56
C ASP D 269 -9.23 43.28 35.72
N ALA D 270 -7.92 43.39 35.42
CA ALA D 270 -7.37 44.46 34.59
C ALA D 270 -8.17 44.63 33.29
N VAL D 271 -8.47 43.51 32.65
CA VAL D 271 -9.13 43.54 31.36
C VAL D 271 -10.59 43.99 31.41
N VAL D 272 -11.30 43.59 32.47
CA VAL D 272 -12.72 43.98 32.58
C VAL D 272 -12.75 45.49 32.74
N LYS D 273 -11.77 46.01 33.47
CA LYS D 273 -11.72 47.43 33.83
C LYS D 273 -11.09 48.28 32.73
N SER D 274 -10.73 47.65 31.62
CA SER D 274 -10.16 48.40 30.53
C SER D 274 -11.29 49.09 29.80
N GLY D 275 -12.51 48.61 30.03
CA GLY D 275 -13.67 49.21 29.40
C GLY D 275 -13.71 48.92 27.92
N ILE D 276 -13.35 47.69 27.55
CA ILE D 276 -13.55 47.24 26.17
C ILE D 276 -15.05 47.24 25.88
N PRO D 277 -15.45 47.85 24.76
CA PRO D 277 -16.86 48.12 24.54
C PRO D 277 -17.59 46.97 23.95
N PHE D 278 -17.52 45.80 24.55
CA PHE D 278 -18.25 44.70 23.99
C PHE D 278 -19.67 44.70 24.52
N ASP D 279 -20.39 43.64 24.22
CA ASP D 279 -21.75 43.55 24.68
C ASP D 279 -22.00 42.24 25.43
N GLY D 280 -22.66 42.35 26.58
CA GLY D 280 -22.95 41.21 27.43
C GLY D 280 -22.07 41.22 28.65
N SER D 281 -22.12 40.16 29.43
CA SER D 281 -21.25 40.06 30.60
C SER D 281 -19.95 39.37 30.23
N PRO D 282 -18.88 39.56 31.03
CA PRO D 282 -17.60 38.90 30.77
C PRO D 282 -17.83 37.41 30.60
N ARG D 283 -18.61 36.89 31.54
CA ARG D 283 -18.90 35.47 31.57
C ARG D 283 -19.56 35.01 30.35
N ASN D 284 -20.33 35.91 29.78
CA ASN D 284 -21.17 35.54 28.61
C ASN D 284 -21.24 36.63 27.55
N VAL D 285 -20.41 36.57 26.50
CA VAL D 285 -20.35 37.67 25.56
C VAL D 285 -21.51 37.58 24.56
N ARG D 286 -21.97 38.71 24.04
CA ARG D 286 -23.02 38.73 23.03
C ARG D 286 -22.57 39.11 21.66
N TRP D 287 -22.85 38.23 20.71
CA TRP D 287 -22.48 38.41 19.32
C TRP D 287 -23.71 38.81 18.55
N ARG D 288 -23.51 39.62 17.52
CA ARG D 288 -24.59 39.93 16.61
C ARG D 288 -24.26 39.38 15.26
N THR D 289 -23.24 39.90 14.60
CA THR D 289 -22.96 39.43 13.22
C THR D 289 -22.52 37.98 13.27
N CYS D 290 -21.93 37.61 14.42
CA CYS D 290 -21.34 36.30 14.62
C CYS D 290 -22.32 35.37 15.30
N ARG D 291 -23.53 35.86 15.48
CA ARG D 291 -24.61 35.15 16.11
C ARG D 291 -25.02 33.93 15.25
N GLY D 292 -25.06 32.75 15.87
CA GLY D 292 -25.43 31.52 15.17
C GLY D 292 -26.86 31.08 15.39
N SER D 293 -27.33 30.15 14.54
CA SER D 293 -28.68 29.62 14.64
C SER D 293 -28.85 28.93 15.99
N SER D 294 -27.72 28.64 16.62
CA SER D 294 -27.70 28.03 17.93
C SER D 294 -26.48 28.53 18.71
N PRO D 295 -26.60 28.62 20.04
CA PRO D 295 -25.48 29.07 20.90
C PRO D 295 -24.10 28.45 20.64
N GLN D 296 -24.02 27.16 20.38
CA GLN D 296 -22.72 26.53 20.25
C GLN D 296 -22.11 26.70 18.85
N TYR D 297 -22.74 27.53 18.02
CA TYR D 297 -22.18 27.86 16.70
C TYR D 297 -21.66 29.30 16.60
N ARG D 298 -20.67 29.46 15.71
CA ARG D 298 -20.06 30.75 15.48
C ARG D 298 -19.57 31.39 16.78
N GLY D 299 -19.84 32.67 16.98
CA GLY D 299 -19.32 33.38 18.13
C GLY D 299 -17.84 33.69 18.00
N PHE D 300 -17.09 33.45 19.09
CA PHE D 300 -15.71 33.90 19.17
C PHE D 300 -14.88 33.72 17.88
N PRO D 301 -14.78 32.48 17.35
CA PRO D 301 -13.84 32.26 16.24
C PRO D 301 -14.21 33.20 15.11
N CYS D 302 -15.50 33.51 15.00
CA CYS D 302 -15.98 34.40 13.96
C CYS D 302 -15.55 35.84 14.25
N GLY D 303 -15.84 36.30 15.44
CA GLY D 303 -15.42 37.63 15.82
C GLY D 303 -13.93 37.79 15.61
N MET D 304 -13.17 36.80 16.06
CA MET D 304 -11.73 36.85 15.93
C MET D 304 -11.29 37.18 14.51
N TRP D 305 -11.99 36.62 13.53
CA TRP D 305 -11.70 36.90 12.14
C TRP D 305 -11.96 38.36 11.87
N LEU D 306 -13.14 38.79 12.27
CA LEU D 306 -13.51 40.16 12.01
C LEU D 306 -12.39 41.01 12.52
N LEU D 307 -11.98 40.79 13.76
CA LEU D 307 -10.91 41.60 14.35
C LEU D 307 -9.66 41.62 13.49
N LEU D 308 -9.20 40.44 13.09
CA LEU D 308 -7.99 40.35 12.29
C LEU D 308 -8.12 41.15 10.99
N HIS D 309 -9.29 41.09 10.37
CA HIS D 309 -9.51 41.89 9.18
C HIS D 309 -9.50 43.36 9.51
N ALA D 310 -10.23 43.74 10.55
CA ALA D 310 -10.25 45.13 10.97
C ALA D 310 -8.81 45.58 11.17
N LEU D 311 -7.97 44.71 11.70
CA LEU D 311 -6.56 45.04 11.84
C LEU D 311 -5.90 45.37 10.50
N THR D 312 -6.01 44.49 9.52
CA THR D 312 -5.37 44.76 8.24
C THR D 312 -5.80 46.08 7.60
N VAL D 313 -7.08 46.46 7.78
CA VAL D 313 -7.62 47.69 7.19
C VAL D 313 -7.18 48.99 7.93
N ASN D 314 -7.15 48.95 9.26
CA ASN D 314 -6.95 50.16 10.07
C ASN D 314 -5.53 50.36 10.59
N THR D 315 -4.62 49.46 10.23
CA THR D 315 -3.22 49.56 10.68
C THR D 315 -2.62 50.86 10.28
N PRO D 316 -1.90 51.50 11.23
CA PRO D 316 -0.91 52.49 10.83
C PRO D 316 0.03 51.79 9.86
N ALA D 317 0.74 52.54 9.02
CA ALA D 317 1.60 51.90 8.02
C ALA D 317 2.86 51.39 8.67
N ASP D 318 3.33 50.24 8.18
CA ASP D 318 4.57 49.60 8.68
C ASP D 318 4.50 48.99 10.07
N ARG D 319 3.34 48.50 10.50
CA ARG D 319 3.35 47.76 11.76
C ARG D 319 3.44 46.28 11.47
N ASN D 320 3.31 45.97 10.18
CA ASN D 320 3.28 44.58 9.69
C ASN D 320 2.02 43.74 9.81
N VAL D 321 1.10 44.08 10.72
CA VAL D 321 -0.19 43.36 10.72
C VAL D 321 0.01 41.85 10.61
N LEU D 322 -0.17 41.35 9.40
CA LEU D 322 0.02 39.96 9.14
C LEU D 322 1.22 39.40 9.90
N GLU D 323 2.37 40.03 9.79
CA GLU D 323 3.51 39.62 10.64
C GLU D 323 3.12 39.47 12.13
N VAL D 324 2.68 40.57 12.75
CA VAL D 324 2.15 40.56 14.12
C VAL D 324 1.05 39.50 14.37
N ILE D 325 -0.02 39.60 13.58
CA ILE D 325 -1.17 38.72 13.72
C ILE D 325 -0.75 37.26 13.78
N GLN D 326 0.01 36.84 12.77
CA GLN D 326 0.51 35.47 12.71
C GLN D 326 1.19 35.09 14.04
N ASN D 327 2.04 36.00 14.51
CA ASN D 327 2.81 35.75 15.69
C ASN D 327 2.00 35.80 16.99
N TYR D 328 0.89 36.53 17.01
CA TYR D 328 -0.04 36.41 18.14
C TYR D 328 -0.73 35.03 18.12
N ILE D 329 -1.31 34.68 16.97
CA ILE D 329 -1.93 33.36 16.81
C ILE D 329 -0.92 32.28 17.23
N ARG D 330 0.35 32.51 16.93
CA ARG D 330 1.31 31.53 17.32
C ARG D 330 1.14 31.24 18.82
N TYR D 331 1.30 32.25 19.67
CA TYR D 331 1.29 31.98 21.10
C TYR D 331 -0.05 32.14 21.83
N PHE D 332 -1.04 32.72 21.17
CA PHE D 332 -2.36 32.77 21.83
C PHE D 332 -3.57 31.95 21.35
N PHE D 333 -3.44 31.16 20.28
CA PHE D 333 -4.60 30.48 19.74
C PHE D 333 -4.52 29.03 20.20
N SER D 334 -5.48 28.57 21.00
CA SER D 334 -5.40 27.23 21.57
C SER D 334 -6.00 26.12 20.69
N CYS D 335 -6.46 26.50 19.50
CA CYS D 335 -7.03 25.55 18.58
C CYS D 335 -5.90 25.10 17.70
N LYS D 336 -5.44 23.86 17.90
CA LYS D 336 -4.14 23.49 17.38
C LYS D 336 -4.19 23.19 15.90
N GLU D 337 -5.27 22.52 15.47
CA GLU D 337 -5.44 22.23 14.07
C GLU D 337 -5.25 23.56 13.35
N SER D 338 -5.99 24.55 13.84
CA SER D 338 -6.22 25.79 13.14
C SER D 338 -5.01 26.70 13.19
N ARG D 339 -4.37 26.78 14.36
CA ARG D 339 -3.22 27.66 14.54
C ARG D 339 -2.06 27.19 13.67
N ASP D 340 -1.95 25.88 13.48
CA ASP D 340 -0.81 25.32 12.79
C ASP D 340 -0.65 25.80 11.33
N HIS D 341 -1.64 25.63 10.44
CA HIS D 341 -1.45 26.07 9.06
C HIS D 341 -1.47 27.57 8.93
N PHE D 342 -2.06 28.21 9.91
CA PHE D 342 -2.22 29.64 9.81
C PHE D 342 -0.87 30.31 9.96
N ILE D 343 -0.04 29.80 10.87
CA ILE D 343 1.27 30.40 11.07
C ILE D 343 2.24 30.05 9.95
N GLN D 344 1.83 29.11 9.09
CA GLN D 344 2.61 28.69 7.93
C GLN D 344 2.25 29.44 6.64
N PHE D 345 1.19 30.23 6.65
CA PHE D 345 0.86 31.01 5.45
C PHE D 345 2.10 31.82 5.15
N ASN D 346 2.40 32.06 3.88
CA ASN D 346 3.56 32.88 3.56
C ASN D 346 3.18 34.31 3.12
N PHE D 347 3.25 35.24 4.05
CA PHE D 347 2.82 36.58 3.72
C PHE D 347 4.07 37.39 3.39
N SER D 348 4.18 37.81 2.15
CA SER D 348 5.24 38.77 1.78
C SER D 348 4.73 40.17 2.11
N PRO D 349 5.50 40.97 2.85
CA PRO D 349 4.94 42.30 2.94
C PRO D 349 5.32 43.23 1.79
N ASN D 350 5.21 42.78 0.54
CA ASN D 350 5.23 43.74 -0.57
C ASN D 350 3.83 44.39 -0.64
N GLU D 351 2.82 43.58 -0.35
CA GLU D 351 1.47 43.79 -0.84
C GLU D 351 0.40 43.91 0.22
N ASP D 352 -0.83 44.18 -0.23
CA ASP D 352 -1.86 44.60 0.68
C ASP D 352 -2.14 43.51 1.68
N PRO D 353 -1.86 43.81 2.96
CA PRO D 353 -2.21 42.89 4.04
C PRO D 353 -3.65 42.49 3.78
N VAL D 354 -4.46 43.51 3.51
CA VAL D 354 -5.89 43.35 3.45
C VAL D 354 -6.29 42.24 2.48
N LEU D 355 -5.71 42.29 1.28
CA LEU D 355 -6.02 41.32 0.24
C LEU D 355 -5.61 39.92 0.65
N GLN D 356 -4.35 39.79 1.00
CA GLN D 356 -3.78 38.55 1.50
C GLN D 356 -4.61 37.87 2.59
N LEU D 357 -4.78 38.53 3.73
CA LEU D 357 -5.67 37.99 4.74
C LEU D 357 -7.02 37.61 4.13
N TRP D 358 -7.55 38.47 3.29
CA TRP D 358 -8.81 38.14 2.63
C TRP D 358 -8.72 36.79 1.91
N ARG D 359 -7.62 36.61 1.16
CA ARG D 359 -7.34 35.35 0.43
C ARG D 359 -7.22 34.19 1.38
N ALA D 360 -6.44 34.44 2.43
CA ALA D 360 -6.24 33.46 3.47
C ALA D 360 -7.59 33.01 4.04
N HIS D 361 -8.37 33.97 4.52
CA HIS D 361 -9.62 33.64 5.18
C HIS D 361 -10.48 32.85 4.18
N ASN D 362 -10.45 33.21 2.90
CA ASN D 362 -11.24 32.50 1.92
C ASN D 362 -10.79 31.07 1.68
N ASN D 363 -9.48 30.87 1.67
CA ASN D 363 -8.93 29.52 1.55
C ASN D 363 -9.48 28.61 2.62
N VAL D 364 -9.76 29.18 3.78
CA VAL D 364 -10.23 28.38 4.88
C VAL D 364 -11.67 28.04 4.64
N ASN D 365 -12.49 29.03 4.31
CA ASN D 365 -13.89 28.74 4.01
C ASN D 365 -14.06 27.60 2.97
N ALA D 366 -13.23 27.63 1.92
CA ALA D 366 -13.15 26.54 0.97
C ALA D 366 -13.00 25.23 1.70
N ARG D 367 -11.94 25.10 2.52
CA ARG D 367 -11.69 23.89 3.32
C ARG D 367 -12.93 23.46 4.06
N LEU D 368 -13.53 24.39 4.79
CA LEU D 368 -14.59 24.04 5.74
C LEU D 368 -15.93 23.98 5.09
N ALA D 369 -15.94 24.34 3.81
CA ALA D 369 -17.15 24.45 3.02
C ALA D 369 -18.11 23.26 3.22
N ASN D 370 -17.71 22.08 2.74
CA ASN D 370 -18.60 20.93 2.80
C ASN D 370 -18.68 20.25 4.17
N VAL D 371 -17.72 20.54 5.05
CA VAL D 371 -17.69 19.93 6.38
C VAL D 371 -18.99 20.12 7.16
N LYS D 372 -19.70 19.02 7.39
CA LYS D 372 -20.96 19.10 8.09
C LYS D 372 -20.69 19.06 9.59
N ASP D 373 -19.77 18.14 9.99
CA ASP D 373 -19.55 17.82 11.40
C ASP D 373 -19.21 19.06 12.22
N GLY D 374 -20.00 19.28 13.28
CA GLY D 374 -19.83 20.40 14.17
C GLY D 374 -19.98 21.80 13.58
N ALA D 375 -20.85 21.95 12.58
CA ALA D 375 -21.02 23.27 11.95
C ALA D 375 -22.46 23.77 11.98
N ASP D 376 -22.63 25.09 11.92
CA ASP D 376 -23.95 25.67 11.97
C ASP D 376 -24.68 25.36 10.66
N PRO D 377 -25.77 24.58 10.75
CA PRO D 377 -26.57 24.19 9.59
C PRO D 377 -27.11 25.37 8.78
N LEU D 378 -27.36 26.51 9.43
CA LEU D 378 -27.93 27.68 8.74
C LEU D 378 -26.96 28.80 8.28
N VAL D 379 -25.66 28.61 8.53
CA VAL D 379 -24.65 29.57 8.09
C VAL D 379 -23.52 28.87 7.35
N PRO D 380 -23.63 28.84 6.02
CA PRO D 380 -22.66 28.18 5.15
C PRO D 380 -21.31 28.93 5.12
N LYS D 381 -20.37 28.35 4.40
CA LYS D 381 -19.00 28.82 4.28
C LYS D 381 -18.62 29.59 3.02
N ARG D 382 -19.58 30.31 2.45
CA ARG D 382 -19.35 30.99 1.15
C ARG D 382 -18.04 31.76 1.03
N GLN D 383 -17.51 31.75 -0.20
CA GLN D 383 -16.37 32.55 -0.55
C GLN D 383 -16.81 34.00 -0.48
N PHE D 384 -16.15 34.75 0.39
CA PHE D 384 -16.56 36.10 0.75
C PHE D 384 -15.85 37.13 -0.14
N PRO D 385 -16.57 38.20 -0.50
CA PRO D 385 -18.00 38.50 -0.27
C PRO D 385 -18.82 37.80 -1.32
N THR D 386 -20.12 37.62 -1.07
CA THR D 386 -20.97 37.01 -2.09
C THR D 386 -21.21 37.99 -3.24
N LEU D 387 -21.99 37.57 -4.23
CA LEU D 387 -22.36 38.45 -5.32
C LEU D 387 -23.32 39.59 -4.87
N GLU D 388 -24.29 39.30 -4.00
CA GLU D 388 -25.17 40.36 -3.46
C GLU D 388 -24.31 41.28 -2.65
N ALA D 389 -23.38 40.68 -1.92
CA ALA D 389 -22.57 41.40 -0.98
C ALA D 389 -22.12 42.68 -1.64
N CYS D 390 -21.33 42.55 -2.71
CA CYS D 390 -21.13 43.67 -3.62
C CYS D 390 -20.99 43.12 -5.03
N THR D 391 -21.67 43.72 -5.99
CA THR D 391 -21.55 43.27 -7.38
C THR D 391 -20.23 43.76 -7.94
N GLU D 392 -19.83 44.93 -7.46
CA GLU D 392 -18.64 45.64 -7.87
C GLU D 392 -17.39 44.74 -7.85
N CYS D 393 -17.43 43.73 -6.98
CA CYS D 393 -16.29 42.86 -6.71
C CYS D 393 -16.14 41.79 -7.78
N TYR D 394 -17.27 41.36 -8.31
CA TYR D 394 -17.21 40.36 -9.35
C TYR D 394 -17.12 41.00 -10.74
N ASP D 395 -17.13 40.16 -11.77
CA ASP D 395 -16.99 40.63 -13.14
C ASP D 395 -17.80 39.74 -14.09
N GLY D 396 -17.73 40.06 -15.39
CA GLY D 396 -18.52 39.37 -16.40
C GLY D 396 -18.47 37.85 -16.27
N ALA D 397 -17.27 37.33 -16.03
CA ALA D 397 -17.05 35.89 -15.91
C ALA D 397 -17.62 35.28 -14.61
N GLY D 398 -17.67 36.07 -13.54
CA GLY D 398 -18.09 35.52 -12.26
C GLY D 398 -16.97 35.25 -11.27
N ASN D 399 -15.79 35.81 -11.54
CA ASN D 399 -14.69 35.82 -10.57
C ASN D 399 -14.26 37.22 -10.12
N PHE D 400 -13.28 37.25 -9.20
CA PHE D 400 -12.99 38.46 -8.40
C PHE D 400 -12.07 39.46 -9.09
N ILE D 401 -12.37 40.74 -8.93
CA ILE D 401 -11.45 41.76 -9.36
C ILE D 401 -10.81 42.24 -8.11
N GLU D 402 -9.58 41.85 -7.88
CA GLU D 402 -9.03 42.07 -6.54
C GLU D 402 -9.03 43.55 -6.15
N ALA D 403 -8.81 44.41 -7.13
CA ALA D 403 -8.73 45.83 -6.85
C ALA D 403 -10.03 46.31 -6.22
N HIS D 404 -11.15 45.83 -6.73
CA HIS D 404 -12.42 46.27 -6.18
C HIS D 404 -12.65 45.63 -4.81
N VAL D 405 -12.37 44.33 -4.69
CA VAL D 405 -12.51 43.65 -3.41
C VAL D 405 -11.72 44.37 -2.34
N THR D 406 -10.46 44.69 -2.64
CA THR D 406 -9.61 45.39 -1.68
C THR D 406 -10.25 46.72 -1.29
N GLY D 407 -10.97 47.34 -2.22
CA GLY D 407 -11.78 48.49 -1.90
C GLY D 407 -12.93 48.18 -0.95
N PHE D 408 -13.78 47.23 -1.33
CA PHE D 408 -14.91 46.80 -0.52
C PHE D 408 -14.53 46.50 0.94
N LEU D 409 -13.41 45.80 1.12
CA LEU D 409 -13.02 45.42 2.47
C LEU D 409 -12.64 46.66 3.29
N LYS D 410 -11.97 47.61 2.63
CA LYS D 410 -11.47 48.81 3.29
C LYS D 410 -12.61 49.70 3.74
N GLN D 411 -13.81 49.34 3.29
CA GLN D 411 -15.01 50.05 3.66
C GLN D 411 -15.68 49.26 4.75
N ARG D 412 -16.03 48.03 4.42
CA ARG D 412 -16.75 47.17 5.32
C ARG D 412 -16.11 47.12 6.67
N TYR D 413 -14.78 47.05 6.69
CA TYR D 413 -14.02 46.93 7.96
C TYR D 413 -13.47 48.24 8.49
N LEU D 414 -13.79 49.35 7.83
CA LEU D 414 -13.30 50.66 8.28
C LEU D 414 -13.72 50.85 9.73
N TRP D 415 -12.80 51.30 10.57
CA TRP D 415 -13.10 51.46 11.98
C TRP D 415 -13.29 52.93 12.33
N ASP D 416 -14.53 53.30 12.57
CA ASP D 416 -14.89 54.64 13.02
C ASP D 416 -15.18 54.49 14.51
N PRO D 417 -14.38 55.20 15.36
CA PRO D 417 -14.40 55.04 16.82
C PRO D 417 -15.78 55.25 17.47
N LYS D 418 -16.61 56.11 16.88
CA LYS D 418 -17.98 56.29 17.36
C LYS D 418 -18.62 54.98 17.83
PA FAD E . -2.63 14.78 -15.80
O1A FAD E . -1.94 15.07 -14.51
O2A FAD E . -3.01 13.39 -15.95
O5B FAD E . -4.00 15.46 -15.85
C5B FAD E . -4.54 15.96 -14.67
C4B FAD E . -4.95 17.42 -14.78
O4B FAD E . -5.59 17.60 -13.51
C3B FAD E . -3.79 18.45 -14.83
O3B FAD E . -3.64 19.21 -16.00
C2B FAD E . -4.17 19.39 -13.70
O2B FAD E . -5.16 20.28 -14.19
C1B FAD E . -4.88 18.53 -12.71
N9A FAD E . -3.94 17.84 -11.79
C8A FAD E . -2.67 17.35 -12.05
N7A FAD E . -2.18 16.82 -10.89
C5A FAD E . -3.09 16.98 -9.91
C6A FAD E . -3.12 16.65 -8.56
N6A FAD E . -1.99 16.31 -7.94
N1A FAD E . -4.22 16.95 -7.80
C2A FAD E . -5.31 17.58 -8.36
N3A FAD E . -5.29 17.90 -9.69
C4A FAD E . -4.21 17.61 -10.46
N1 FAD E . -0.72 6.92 -17.10
C2 FAD E . 0.47 6.26 -17.14
O2 FAD E . 1.20 6.47 -18.13
N3 FAD E . 0.81 5.39 -16.10
C4 FAD E . -0.04 5.20 -15.03
O4 FAD E . 0.29 4.43 -14.13
C4X FAD E . -1.25 5.87 -14.98
N5 FAD E . -2.17 5.72 -13.95
C5X FAD E . -3.37 6.42 -14.01
C6 FAD E . -4.34 6.32 -13.02
C7 FAD E . -5.53 7.06 -13.11
C7M FAD E . -6.60 6.95 -12.07
C8 FAD E . -5.76 7.91 -14.20
C8M FAD E . -7.03 8.71 -14.35
C9 FAD E . -4.79 8.00 -15.18
C9A FAD E . -3.63 7.27 -15.07
N10 FAD E . -2.73 7.38 -16.08
C10 FAD E . -1.56 6.71 -16.04
C1' FAD E . -2.96 8.34 -17.21
C2' FAD E . -2.14 9.53 -16.64
O2' FAD E . -2.38 9.63 -15.24
C3' FAD E . -2.30 10.96 -17.16
O3' FAD E . -3.59 11.50 -16.92
C4' FAD E . -1.94 11.14 -18.63
O4' FAD E . -1.11 10.05 -18.98
C5' FAD E . -1.27 12.51 -18.83
O5' FAD E . -1.85 13.55 -18.04
P FAD E . -1.57 15.11 -18.38
O1P FAD E . -0.09 15.44 -18.53
O2P FAD E . -2.31 15.62 -19.60
O3P FAD E . -2.17 15.67 -17.01
PA FAD F . 15.00 -33.03 -8.66
O1A FAD F . 15.16 -31.68 -8.32
O2A FAD F . 14.50 -33.24 -9.93
O5B FAD F . 16.31 -33.74 -8.70
C5B FAD F . 16.41 -34.90 -9.45
C4B FAD F . 17.66 -35.77 -9.19
O4B FAD F . 18.83 -35.08 -9.51
C3B FAD F . 17.77 -36.11 -7.72
O3B FAD F . 17.00 -37.26 -7.40
C2B FAD F . 19.27 -36.30 -7.55
O2B FAD F . 19.78 -37.55 -8.03
C1B FAD F . 19.80 -35.26 -8.49
N9A FAD F . 20.03 -34.01 -7.76
C8A FAD F . 19.24 -33.38 -6.85
N7A FAD F . 19.87 -32.25 -6.44
C5A FAD F . 21.08 -32.14 -7.06
C6A FAD F . 22.12 -31.20 -6.99
N6A FAD F . 22.14 -30.18 -6.16
N1A FAD F . 23.21 -31.40 -7.76
C2A FAD F . 23.29 -32.50 -8.58
N3A FAD F . 22.26 -33.41 -8.64
C4A FAD F . 21.17 -33.25 -7.89
N1 FAD F . 10.17 -26.70 -10.93
C2 FAD F . 9.48 -25.69 -10.33
O2 FAD F . 8.46 -25.99 -9.71
N3 FAD F . 9.89 -24.36 -10.41
C4 FAD F . 11.04 -24.05 -11.12
O4 FAD F . 11.43 -22.88 -11.21
C4X FAD F . 11.75 -25.06 -11.74
N5 FAD F . 12.88 -24.74 -12.47
C5X FAD F . 13.56 -25.75 -13.10
C6 FAD F . 14.67 -25.45 -13.84
C7 FAD F . 15.34 -26.46 -14.46
C7M FAD F . 16.55 -26.14 -15.24
C8 FAD F . 14.89 -27.77 -14.36
C8M FAD F . 15.61 -28.89 -15.02
C9 FAD F . 13.79 -28.09 -13.63
C9A FAD F . 13.12 -27.06 -13.00
N10 FAD F . 12.01 -27.37 -12.29
C10 FAD F . 11.31 -26.38 -11.66
C1' FAD F . 11.59 -28.81 -12.17
C2' FAD F . 12.18 -29.17 -10.78
O2' FAD F . 13.49 -28.65 -10.62
C3' FAD F . 12.24 -30.64 -10.37
O3' FAD F . 13.02 -31.37 -11.30
C4' FAD F . 10.86 -31.29 -10.30
O4' FAD F . 9.87 -30.29 -10.04
C5' FAD F . 10.80 -32.42 -9.29
O5' FAD F . 12.07 -32.61 -8.63
P FAD F . 12.57 -34.07 -8.02
O1P FAD F . 11.75 -34.47 -6.76
O2P FAD F . 12.35 -35.15 -9.06
O3P FAD F . 14.13 -33.83 -7.72
PA FAD G . 19.11 -5.26 9.73
O1A FAD G . 18.82 -4.48 8.50
O2A FAD G . 18.16 -4.92 10.82
O5B FAD G . 19.08 -6.81 9.36
C5B FAD G . 19.64 -7.76 10.26
C4B FAD G . 20.16 -8.95 9.46
O4B FAD G . 19.11 -9.46 8.66
C3B FAD G . 21.25 -8.62 8.45
O3B FAD G . 22.56 -8.59 8.99
C2B FAD G . 21.04 -9.69 7.36
O2B FAD G . 21.49 -10.99 7.68
C1B FAD G . 19.57 -9.84 7.35
N9A FAD G . 18.97 -9.02 6.30
C8A FAD G . 19.23 -7.69 6.02
N7A FAD G . 18.44 -7.32 5.02
C5A FAD G . 17.65 -8.39 4.65
C6A FAD G . 16.67 -8.59 3.68
N6A FAD G . 16.36 -7.58 2.88
N1A FAD G . 16.03 -9.77 3.56
C2A FAD G . 16.38 -10.80 4.37
N3A FAD G . 17.34 -10.64 5.35
C4A FAD G . 17.97 -9.45 5.47
N1 FAD G . 14.47 1.34 12.03
C2 FAD G . 14.35 2.61 11.56
O2 FAD G . 15.26 3.41 11.79
N3 FAD G . 13.22 2.95 10.84
C4 FAD G . 12.20 2.05 10.58
O4 FAD G . 11.21 2.38 9.95
C4X FAD G . 12.31 0.75 11.05
N5 FAD G . 11.33 -0.21 10.82
C5X FAD G . 11.52 -1.48 11.34
C6 FAD G . 10.56 -2.47 11.15
C7 FAD G . 10.78 -3.74 11.69
C7M FAD G . 9.77 -4.83 11.52
C8 FAD G . 11.95 -4.02 12.40
C8M FAD G . 12.19 -5.37 12.96
C9 FAD G . 12.90 -3.05 12.60
C9A FAD G . 12.68 -1.80 12.06
N10 FAD G . 13.62 -0.85 12.28
C10 FAD G . 13.46 0.41 11.78
C1' FAD G . 14.89 -1.20 13.02
C2' FAD G . 15.86 -1.15 11.82
O2' FAD G . 15.08 -1.46 10.68
C3' FAD G . 17.06 -2.10 11.78
O3' FAD G . 16.57 -3.36 12.15
C4' FAD G . 18.30 -1.76 12.63
O4' FAD G . 18.75 -0.49 12.21
C5' FAD G . 19.46 -2.77 12.54
O5' FAD G . 19.95 -2.90 11.21
P FAD G . 21.19 -3.73 10.80
O1P FAD G . 21.96 -3.07 9.70
O2P FAD G . 21.88 -3.97 12.06
O3P FAD G . 20.59 -5.11 10.29
PA FAD H . -16.13 32.52 9.73
O1A FAD H . -16.09 32.41 8.22
O2A FAD H . -15.26 31.47 10.35
O5B FAD H . -15.65 34.03 9.97
C5B FAD H . -15.71 34.83 8.83
C4B FAD H . -16.54 36.11 8.97
O4B FAD H . -15.75 37.15 8.43
C3B FAD H . -17.82 36.01 8.16
O3B FAD H . -18.99 36.09 8.99
C2B FAD H . -17.69 37.07 7.06
O2B FAD H . -18.66 38.11 7.16
C1B FAD H . -16.29 37.66 7.23
N9A FAD H . -15.48 37.11 6.16
C8A FAD H . -15.68 35.88 5.57
N7A FAD H . -14.75 35.69 4.61
C5A FAD H . -13.95 36.78 4.58
C6A FAD H . -12.84 37.09 3.78
N6A FAD H . -12.23 36.11 3.14
N1A FAD H . -12.19 38.29 3.97
C2A FAD H . -12.65 39.17 4.94
N3A FAD H . -13.74 38.85 5.74
C4A FAD H . -14.39 37.68 5.56
N1 FAD H . -11.55 25.91 11.92
C2 FAD H . -11.23 24.64 11.46
O2 FAD H . -12.03 23.70 11.60
N3 FAD H . -9.99 24.43 10.86
C4 FAD H . -9.13 25.50 10.71
O4 FAD H . -8.05 25.37 10.15
C4X FAD H . -9.44 26.78 11.17
N5 FAD H . -8.53 27.79 11.00
C5X FAD H . -8.82 29.04 11.48
C6 FAD H . -7.89 30.07 11.31
C7 FAD H . -8.19 31.34 11.79
C7M FAD H . -7.23 32.49 11.66
C8 FAD H . -9.41 31.56 12.41
C8M FAD H . -9.72 32.93 12.92
C9 FAD H . -10.33 30.53 12.57
C9A FAD H . -10.04 29.27 12.10
N10 FAD H . -10.96 28.24 12.28
C10 FAD H . -10.66 26.99 11.79
C1' FAD H . -12.31 28.48 12.94
C2' FAD H . -13.22 28.61 11.70
O2' FAD H . -12.39 29.34 10.81
C3' FAD H . -14.60 29.33 11.75
O3' FAD H . -14.33 30.67 12.11
C4' FAD H . -15.77 28.77 12.63
O4' FAD H . -16.12 27.44 12.34
C5' FAD H . -17.06 29.57 12.49
O5' FAD H . -17.35 29.99 11.15
P FAD H . -18.44 31.16 10.79
O1P FAD H . -19.23 30.82 9.54
O2P FAD H . -19.46 31.25 11.94
O3P FAD H . -17.56 32.52 10.50
#